data_5HP7
# 
_entry.id   5HP7 
# 
_audit_conform.dict_name       mmcif_pdbx.dic 
_audit_conform.dict_version    5.380 
_audit_conform.dict_location   http://mmcif.pdb.org/dictionaries/ascii/mmcif_pdbx.dic 
# 
loop_
_database_2.database_id 
_database_2.database_code 
_database_2.pdbx_database_accession 
_database_2.pdbx_DOI 
PDB   5HP7         pdb_00005hp7 10.2210/pdb5hp7/pdb 
WWPDB D_1000217447 ?            ?                   
# 
_pdbx_database_related.content_type   unspecified 
_pdbx_database_related.db_id          5HP8 
_pdbx_database_related.db_name        PDB 
_pdbx_database_related.details        . 
# 
_pdbx_database_status.status_code                     REL 
_pdbx_database_status.status_code_sf                  REL 
_pdbx_database_status.status_code_mr                  ? 
_pdbx_database_status.entry_id                        5HP7 
_pdbx_database_status.recvd_initial_deposition_date   2016-01-20 
_pdbx_database_status.SG_entry                        N 
_pdbx_database_status.deposit_site                    RCSB 
_pdbx_database_status.process_site                    PDBJ 
_pdbx_database_status.status_code_cs                  ? 
_pdbx_database_status.methods_development_category    ? 
_pdbx_database_status.pdb_format_compatible           Y 
_pdbx_database_status.status_code_nmr_data            ? 
# 
loop_
_audit_author.name 
_audit_author.pdbx_ordinal 
'Xie, W.' 1 
'Liu, X.' 2 
# 
_citation.abstract                  ? 
_citation.abstract_id_CAS           ? 
_citation.book_id_ISBN              ? 
_citation.book_publisher            ? 
_citation.book_publisher_city       ? 
_citation.book_title                ? 
_citation.coordinate_linkage        ? 
_citation.country                   UK 
_citation.database_id_Medline       ? 
_citation.details                   ? 
_citation.id                        primary 
_citation.journal_abbrev            'Sci Rep' 
_citation.journal_id_ASTM           ? 
_citation.journal_id_CSD            ? 
_citation.journal_id_ISSN           2045-2322 
_citation.journal_full              ? 
_citation.journal_issue             ? 
_citation.journal_volume            6 
_citation.language                  ? 
_citation.page_first                30494 
_citation.page_last                 30494 
_citation.title                     'Crystal structures of RidA, an important enzyme for the prevention of toxic side products' 
_citation.year                      2016 
_citation.database_id_CSD           ? 
_citation.pdbx_database_id_DOI      10.1038/srep30494 
_citation.pdbx_database_id_PubMed   27458092 
_citation.unpublished_flag          ? 
# 
loop_
_citation_author.citation_id 
_citation_author.name 
_citation_author.ordinal 
_citation_author.identifier_ORCID 
primary 'Liu, X.'  1 ? 
primary 'Zeng, J.' 2 ? 
primary 'Chen, X.' 3 ? 
primary 'Xie, W.'  4 ? 
# 
_cell.angle_alpha                  90.00 
_cell.angle_alpha_esd              ? 
_cell.angle_beta                   90.00 
_cell.angle_beta_esd               ? 
_cell.angle_gamma                  120.00 
_cell.angle_gamma_esd              ? 
_cell.entry_id                     5HP7 
_cell.details                      ? 
_cell.formula_units_Z              ? 
_cell.length_a                     76.907 
_cell.length_a_esd                 ? 
_cell.length_b                     76.907 
_cell.length_b_esd                 ? 
_cell.length_c                     40.298 
_cell.length_c_esd                 ? 
_cell.volume                       ? 
_cell.volume_esd                   ? 
_cell.Z_PDB                        9 
_cell.reciprocal_angle_alpha       ? 
_cell.reciprocal_angle_beta        ? 
_cell.reciprocal_angle_gamma       ? 
_cell.reciprocal_angle_alpha_esd   ? 
_cell.reciprocal_angle_beta_esd    ? 
_cell.reciprocal_angle_gamma_esd   ? 
_cell.reciprocal_length_a          ? 
_cell.reciprocal_length_b          ? 
_cell.reciprocal_length_c          ? 
_cell.reciprocal_length_a_esd      ? 
_cell.reciprocal_length_b_esd      ? 
_cell.reciprocal_length_c_esd      ? 
_cell.pdbx_unique_axis             ? 
# 
_symmetry.entry_id                         5HP7 
_symmetry.cell_setting                     ? 
_symmetry.Int_Tables_number                146 
_symmetry.space_group_name_Hall            ? 
_symmetry.space_group_name_H-M             'H 3' 
_symmetry.pdbx_full_space_group_name_H-M   ? 
# 
loop_
_entity.id 
_entity.type 
_entity.src_method 
_entity.pdbx_description 
_entity.formula_weight 
_entity.pdbx_number_of_molecules 
_entity.pdbx_ec 
_entity.pdbx_mutation 
_entity.pdbx_fragment 
_entity.details 
1 polymer man 'Reactive Intermediate Deaminase A, chloroplastic' 13231.139 1  3.5.99.10 ? 'UNP residues 68-187' ? 
2 water   nat water                                              18.015    85 ?         ? ?                     ? 
# 
_entity_name_com.entity_id   1 
_entity_name_com.name        '2-iminobutanoate/2-iminopropanoate deaminase' 
# 
_entity_poly.entity_id                      1 
_entity_poly.type                           'polypeptide(L)' 
_entity_poly.nstd_linkage                   no 
_entity_poly.nstd_monomer                   no 
_entity_poly.pdbx_seq_one_letter_code       
;GPHMSTEKAPAALGPYSQAIKANNLVFLSGVLGLIPETGKFVSESVEDQTEQVLKNMGEILKASGADYSSVVKTTIMLAD
LADFKTVNEIYAKYFPAPSPARSTYQVAALPLNAKIEIECIATL
;
_entity_poly.pdbx_seq_one_letter_code_can   
;GPHMSTEKAPAALGPYSQAIKANNLVFLSGVLGLIPETGKFVSESVEDQTEQVLKNMGEILKASGADYSSVVKTTIMLAD
LADFKTVNEIYAKYFPAPSPARSTYQVAALPLNAKIEIECIATL
;
_entity_poly.pdbx_strand_id                 A 
_entity_poly.pdbx_target_identifier         ? 
# 
loop_
_entity_poly_seq.entity_id 
_entity_poly_seq.num 
_entity_poly_seq.mon_id 
_entity_poly_seq.hetero 
1 1   GLY n 
1 2   PRO n 
1 3   HIS n 
1 4   MET n 
1 5   SER n 
1 6   THR n 
1 7   GLU n 
1 8   LYS n 
1 9   ALA n 
1 10  PRO n 
1 11  ALA n 
1 12  ALA n 
1 13  LEU n 
1 14  GLY n 
1 15  PRO n 
1 16  TYR n 
1 17  SER n 
1 18  GLN n 
1 19  ALA n 
1 20  ILE n 
1 21  LYS n 
1 22  ALA n 
1 23  ASN n 
1 24  ASN n 
1 25  LEU n 
1 26  VAL n 
1 27  PHE n 
1 28  LEU n 
1 29  SER n 
1 30  GLY n 
1 31  VAL n 
1 32  LEU n 
1 33  GLY n 
1 34  LEU n 
1 35  ILE n 
1 36  PRO n 
1 37  GLU n 
1 38  THR n 
1 39  GLY n 
1 40  LYS n 
1 41  PHE n 
1 42  VAL n 
1 43  SER n 
1 44  GLU n 
1 45  SER n 
1 46  VAL n 
1 47  GLU n 
1 48  ASP n 
1 49  GLN n 
1 50  THR n 
1 51  GLU n 
1 52  GLN n 
1 53  VAL n 
1 54  LEU n 
1 55  LYS n 
1 56  ASN n 
1 57  MET n 
1 58  GLY n 
1 59  GLU n 
1 60  ILE n 
1 61  LEU n 
1 62  LYS n 
1 63  ALA n 
1 64  SER n 
1 65  GLY n 
1 66  ALA n 
1 67  ASP n 
1 68  TYR n 
1 69  SER n 
1 70  SER n 
1 71  VAL n 
1 72  VAL n 
1 73  LYS n 
1 74  THR n 
1 75  THR n 
1 76  ILE n 
1 77  MET n 
1 78  LEU n 
1 79  ALA n 
1 80  ASP n 
1 81  LEU n 
1 82  ALA n 
1 83  ASP n 
1 84  PHE n 
1 85  LYS n 
1 86  THR n 
1 87  VAL n 
1 88  ASN n 
1 89  GLU n 
1 90  ILE n 
1 91  TYR n 
1 92  ALA n 
1 93  LYS n 
1 94  TYR n 
1 95  PHE n 
1 96  PRO n 
1 97  ALA n 
1 98  PRO n 
1 99  SER n 
1 100 PRO n 
1 101 ALA n 
1 102 ARG n 
1 103 SER n 
1 104 THR n 
1 105 TYR n 
1 106 GLN n 
1 107 VAL n 
1 108 ALA n 
1 109 ALA n 
1 110 LEU n 
1 111 PRO n 
1 112 LEU n 
1 113 ASN n 
1 114 ALA n 
1 115 LYS n 
1 116 ILE n 
1 117 GLU n 
1 118 ILE n 
1 119 GLU n 
1 120 CYS n 
1 121 ILE n 
1 122 ALA n 
1 123 THR n 
1 124 LEU n 
# 
_entity_src_gen.entity_id                          1 
_entity_src_gen.pdbx_src_id                        1 
_entity_src_gen.pdbx_alt_source_flag               sample 
_entity_src_gen.pdbx_seq_type                      'Biological sequence' 
_entity_src_gen.pdbx_beg_seq_num                   1 
_entity_src_gen.pdbx_end_seq_num                   124 
_entity_src_gen.gene_src_common_name               'Mouse-ear cress' 
_entity_src_gen.gene_src_genus                     ? 
_entity_src_gen.pdbx_gene_src_gene                 'RIDA, At3g20390, MQC12.15' 
_entity_src_gen.gene_src_species                   ? 
_entity_src_gen.gene_src_strain                    ? 
_entity_src_gen.gene_src_tissue                    ? 
_entity_src_gen.gene_src_tissue_fraction           ? 
_entity_src_gen.gene_src_details                   ? 
_entity_src_gen.pdbx_gene_src_fragment             ? 
_entity_src_gen.pdbx_gene_src_scientific_name      'Arabidopsis thaliana' 
_entity_src_gen.pdbx_gene_src_ncbi_taxonomy_id     3702 
_entity_src_gen.pdbx_gene_src_variant              ? 
_entity_src_gen.pdbx_gene_src_cell_line            ? 
_entity_src_gen.pdbx_gene_src_atcc                 ? 
_entity_src_gen.pdbx_gene_src_organ                ? 
_entity_src_gen.pdbx_gene_src_organelle            ? 
_entity_src_gen.pdbx_gene_src_cell                 ? 
_entity_src_gen.pdbx_gene_src_cellular_location    ? 
_entity_src_gen.host_org_common_name               ? 
_entity_src_gen.pdbx_host_org_scientific_name      'Escherichia coli' 
_entity_src_gen.pdbx_host_org_ncbi_taxonomy_id     562 
_entity_src_gen.host_org_genus                     ? 
_entity_src_gen.pdbx_host_org_gene                 ? 
_entity_src_gen.pdbx_host_org_organ                ? 
_entity_src_gen.host_org_species                   ? 
_entity_src_gen.pdbx_host_org_tissue               ? 
_entity_src_gen.pdbx_host_org_tissue_fraction      ? 
_entity_src_gen.pdbx_host_org_strain               ? 
_entity_src_gen.pdbx_host_org_variant              ? 
_entity_src_gen.pdbx_host_org_cell_line            ? 
_entity_src_gen.pdbx_host_org_atcc                 ? 
_entity_src_gen.pdbx_host_org_culture_collection   ? 
_entity_src_gen.pdbx_host_org_cell                 ? 
_entity_src_gen.pdbx_host_org_organelle            ? 
_entity_src_gen.pdbx_host_org_cellular_location    ? 
_entity_src_gen.pdbx_host_org_vector_type          plasmid 
_entity_src_gen.pdbx_host_org_vector               ? 
_entity_src_gen.host_org_details                   ? 
_entity_src_gen.expression_system_id               ? 
_entity_src_gen.plasmid_name                       'pET-28a(+)' 
_entity_src_gen.plasmid_details                    ? 
_entity_src_gen.pdbx_description                   ? 
# 
_struct_ref.id                         1 
_struct_ref.db_name                    UNP 
_struct_ref.db_code                    RIDA_ARATH 
_struct_ref.pdbx_db_accession          Q94JQ4 
_struct_ref.pdbx_db_isoform            ? 
_struct_ref.entity_id                  1 
_struct_ref.pdbx_seq_one_letter_code   
;STEKAPAALGPYSQAIKANNLVFLSGVLGLIPETGKFVSESVEDQTEQVLKNMGEILKASGADYSSVVKTTIMLADLADF
KTVNEIYAKYFPAPSPARSTYQVAALPLNAKIEIECIATL
;
_struct_ref.pdbx_align_begin           68 
# 
_struct_ref_seq.align_id                      1 
_struct_ref_seq.ref_id                        1 
_struct_ref_seq.pdbx_PDB_id_code              5HP7 
_struct_ref_seq.pdbx_strand_id                A 
_struct_ref_seq.seq_align_beg                 5 
_struct_ref_seq.pdbx_seq_align_beg_ins_code   ? 
_struct_ref_seq.seq_align_end                 124 
_struct_ref_seq.pdbx_seq_align_end_ins_code   ? 
_struct_ref_seq.pdbx_db_accession             Q94JQ4 
_struct_ref_seq.db_align_beg                  68 
_struct_ref_seq.pdbx_db_align_beg_ins_code    ? 
_struct_ref_seq.db_align_end                  187 
_struct_ref_seq.pdbx_db_align_end_ins_code    ? 
_struct_ref_seq.pdbx_auth_seq_align_beg       68 
_struct_ref_seq.pdbx_auth_seq_align_end       187 
# 
loop_
_struct_ref_seq_dif.align_id 
_struct_ref_seq_dif.pdbx_pdb_id_code 
_struct_ref_seq_dif.mon_id 
_struct_ref_seq_dif.pdbx_pdb_strand_id 
_struct_ref_seq_dif.seq_num 
_struct_ref_seq_dif.pdbx_pdb_ins_code 
_struct_ref_seq_dif.pdbx_seq_db_name 
_struct_ref_seq_dif.pdbx_seq_db_accession_code 
_struct_ref_seq_dif.db_mon_id 
_struct_ref_seq_dif.pdbx_seq_db_seq_num 
_struct_ref_seq_dif.details 
_struct_ref_seq_dif.pdbx_auth_seq_num 
_struct_ref_seq_dif.pdbx_ordinal 
1 5HP7 GLY A 1 ? UNP Q94JQ4 ? ? 'expression tag' 64 1 
1 5HP7 PRO A 2 ? UNP Q94JQ4 ? ? 'expression tag' 65 2 
1 5HP7 HIS A 3 ? UNP Q94JQ4 ? ? 'expression tag' 66 3 
1 5HP7 MET A 4 ? UNP Q94JQ4 ? ? 'expression tag' 67 4 
# 
loop_
_chem_comp.id 
_chem_comp.type 
_chem_comp.mon_nstd_flag 
_chem_comp.name 
_chem_comp.pdbx_synonyms 
_chem_comp.formula 
_chem_comp.formula_weight 
ALA 'L-peptide linking' y ALANINE         ? 'C3 H7 N O2'     89.093  
ARG 'L-peptide linking' y ARGININE        ? 'C6 H15 N4 O2 1' 175.209 
ASN 'L-peptide linking' y ASPARAGINE      ? 'C4 H8 N2 O3'    132.118 
ASP 'L-peptide linking' y 'ASPARTIC ACID' ? 'C4 H7 N O4'     133.103 
CYS 'L-peptide linking' y CYSTEINE        ? 'C3 H7 N O2 S'   121.158 
GLN 'L-peptide linking' y GLUTAMINE       ? 'C5 H10 N2 O3'   146.144 
GLU 'L-peptide linking' y 'GLUTAMIC ACID' ? 'C5 H9 N O4'     147.129 
GLY 'peptide linking'   y GLYCINE         ? 'C2 H5 N O2'     75.067  
HIS 'L-peptide linking' y HISTIDINE       ? 'C6 H10 N3 O2 1' 156.162 
HOH non-polymer         . WATER           ? 'H2 O'           18.015  
ILE 'L-peptide linking' y ISOLEUCINE      ? 'C6 H13 N O2'    131.173 
LEU 'L-peptide linking' y LEUCINE         ? 'C6 H13 N O2'    131.173 
LYS 'L-peptide linking' y LYSINE          ? 'C6 H15 N2 O2 1' 147.195 
MET 'L-peptide linking' y METHIONINE      ? 'C5 H11 N O2 S'  149.211 
PHE 'L-peptide linking' y PHENYLALANINE   ? 'C9 H11 N O2'    165.189 
PRO 'L-peptide linking' y PROLINE         ? 'C5 H9 N O2'     115.130 
SER 'L-peptide linking' y SERINE          ? 'C3 H7 N O3'     105.093 
THR 'L-peptide linking' y THREONINE       ? 'C4 H9 N O3'     119.119 
TYR 'L-peptide linking' y TYROSINE        ? 'C9 H11 N O3'    181.189 
VAL 'L-peptide linking' y VALINE          ? 'C5 H11 N O2'    117.146 
# 
_exptl.absorpt_coefficient_mu     ? 
_exptl.absorpt_correction_T_max   ? 
_exptl.absorpt_correction_T_min   ? 
_exptl.absorpt_correction_type    ? 
_exptl.absorpt_process_details    ? 
_exptl.entry_id                   5HP7 
_exptl.crystals_number            1 
_exptl.details                    ? 
_exptl.method                     'X-RAY DIFFRACTION' 
_exptl.method_details             ? 
# 
_exptl_crystal.colour                      ? 
_exptl_crystal.density_diffrn              ? 
_exptl_crystal.density_Matthews            1.73 
_exptl_crystal.density_method              ? 
_exptl_crystal.density_percent_sol         29.04 
_exptl_crystal.description                 ? 
_exptl_crystal.F_000                       ? 
_exptl_crystal.id                          1 
_exptl_crystal.preparation                 ? 
_exptl_crystal.size_max                    ? 
_exptl_crystal.size_mid                    ? 
_exptl_crystal.size_min                    ? 
_exptl_crystal.size_rad                    ? 
_exptl_crystal.colour_lustre               ? 
_exptl_crystal.colour_modifier             ? 
_exptl_crystal.colour_primary              ? 
_exptl_crystal.density_meas                ? 
_exptl_crystal.density_meas_esd            ? 
_exptl_crystal.density_meas_gt             ? 
_exptl_crystal.density_meas_lt             ? 
_exptl_crystal.density_meas_temp           ? 
_exptl_crystal.density_meas_temp_esd       ? 
_exptl_crystal.density_meas_temp_gt        ? 
_exptl_crystal.density_meas_temp_lt        ? 
_exptl_crystal.pdbx_crystal_image_url      ? 
_exptl_crystal.pdbx_crystal_image_format   ? 
_exptl_crystal.pdbx_mosaicity              ? 
_exptl_crystal.pdbx_mosaicity_esd          ? 
# 
_exptl_crystal_grow.apparatus       ? 
_exptl_crystal_grow.atmosphere      ? 
_exptl_crystal_grow.crystal_id      1 
_exptl_crystal_grow.details         ? 
_exptl_crystal_grow.method          'VAPOR DIFFUSION, SITTING DROP' 
_exptl_crystal_grow.method_ref      ? 
_exptl_crystal_grow.pH              6.0 
_exptl_crystal_grow.pressure        ? 
_exptl_crystal_grow.pressure_esd    ? 
_exptl_crystal_grow.seeding         ? 
_exptl_crystal_grow.seeding_ref     ? 
_exptl_crystal_grow.temp            298 
_exptl_crystal_grow.temp_details    ? 
_exptl_crystal_grow.temp_esd        ? 
_exptl_crystal_grow.time            ? 
_exptl_crystal_grow.pdbx_details    '18% PEG 3350, 0.1 M MES pH6.0' 
_exptl_crystal_grow.pdbx_pH_range   ? 
# 
_diffrn.ambient_environment    ? 
_diffrn.ambient_temp           100 
_diffrn.ambient_temp_details   ? 
_diffrn.ambient_temp_esd       ? 
_diffrn.crystal_id             1 
_diffrn.crystal_support        ? 
_diffrn.crystal_treatment      ? 
_diffrn.details                ? 
_diffrn.id                     1 
_diffrn.ambient_pressure       ? 
_diffrn.ambient_pressure_esd   ? 
_diffrn.ambient_pressure_gt    ? 
_diffrn.ambient_pressure_lt    ? 
_diffrn.ambient_temp_gt        ? 
_diffrn.ambient_temp_lt        ? 
# 
_diffrn_detector.details                      ? 
_diffrn_detector.detector                     CCD 
_diffrn_detector.diffrn_id                    1 
_diffrn_detector.type                         'OXFORD ONYX CCD' 
_diffrn_detector.area_resol_mean              ? 
_diffrn_detector.dtime                        ? 
_diffrn_detector.pdbx_frames_total            ? 
_diffrn_detector.pdbx_collection_time_total   ? 
_diffrn_detector.pdbx_collection_date         2015-09-17 
# 
_diffrn_radiation.collimation                      ? 
_diffrn_radiation.diffrn_id                        1 
_diffrn_radiation.filter_edge                      ? 
_diffrn_radiation.inhomogeneity                    ? 
_diffrn_radiation.monochromator                    ? 
_diffrn_radiation.polarisn_norm                    ? 
_diffrn_radiation.polarisn_ratio                   ? 
_diffrn_radiation.probe                            ? 
_diffrn_radiation.type                             ? 
_diffrn_radiation.xray_symbol                      ? 
_diffrn_radiation.wavelength_id                    1 
_diffrn_radiation.pdbx_monochromatic_or_laue_m_l   M 
_diffrn_radiation.pdbx_wavelength_list             ? 
_diffrn_radiation.pdbx_wavelength                  ? 
_diffrn_radiation.pdbx_diffrn_protocol             'SINGLE WAVELENGTH' 
_diffrn_radiation.pdbx_analyzer                    ? 
_diffrn_radiation.pdbx_scattering_type             x-ray 
# 
_diffrn_radiation_wavelength.id           1 
_diffrn_radiation_wavelength.wavelength   1.54 
_diffrn_radiation_wavelength.wt           1.0 
# 
_diffrn_source.current                     ? 
_diffrn_source.details                     ? 
_diffrn_source.diffrn_id                   1 
_diffrn_source.power                       ? 
_diffrn_source.size                        ? 
_diffrn_source.source                      'ROTATING ANODE' 
_diffrn_source.target                      ? 
_diffrn_source.type                        'Agilent SuperNova' 
_diffrn_source.voltage                     ? 
_diffrn_source.take-off_angle              ? 
_diffrn_source.pdbx_wavelength_list        1.54 
_diffrn_source.pdbx_wavelength             ? 
_diffrn_source.pdbx_synchrotron_beamline   ? 
_diffrn_source.pdbx_synchrotron_site       ? 
# 
_reflns.B_iso_Wilson_estimate            ? 
_reflns.entry_id                         5HP7 
_reflns.data_reduction_details           ? 
_reflns.data_reduction_method            ? 
_reflns.d_resolution_high                2.0 
_reflns.d_resolution_low                 25.7 
_reflns.details                          ? 
_reflns.limit_h_max                      ? 
_reflns.limit_h_min                      ? 
_reflns.limit_k_max                      ? 
_reflns.limit_k_min                      ? 
_reflns.limit_l_max                      ? 
_reflns.limit_l_min                      ? 
_reflns.number_all                       ? 
_reflns.number_obs                       6001 
_reflns.observed_criterion               ? 
_reflns.observed_criterion_F_max         ? 
_reflns.observed_criterion_F_min         ? 
_reflns.observed_criterion_I_max         ? 
_reflns.observed_criterion_I_min         ? 
_reflns.observed_criterion_sigma_F       ? 
_reflns.observed_criterion_sigma_I       ? 
_reflns.percent_possible_obs             99.9 
_reflns.R_free_details                   ? 
_reflns.Rmerge_F_all                     ? 
_reflns.Rmerge_F_obs                     ? 
_reflns.Friedel_coverage                 ? 
_reflns.number_gt                        ? 
_reflns.threshold_expression             ? 
_reflns.pdbx_redundancy                  3.0 
_reflns.pdbx_Rmerge_I_obs                0.045 
_reflns.pdbx_Rmerge_I_all                ? 
_reflns.pdbx_Rsym_value                  ? 
_reflns.pdbx_netI_over_av_sigmaI         ? 
_reflns.pdbx_netI_over_sigmaI            16.2 
_reflns.pdbx_res_netI_over_av_sigmaI_2   ? 
_reflns.pdbx_res_netI_over_sigmaI_2      ? 
_reflns.pdbx_chi_squared                 ? 
_reflns.pdbx_scaling_rejects             ? 
_reflns.pdbx_d_res_high_opt              ? 
_reflns.pdbx_d_res_low_opt               ? 
_reflns.pdbx_d_res_opt_method            ? 
_reflns.phase_calculation_details        ? 
_reflns.pdbx_Rrim_I_all                  ? 
_reflns.pdbx_Rpim_I_all                  ? 
_reflns.pdbx_d_opt                       ? 
_reflns.pdbx_number_measured_all         ? 
_reflns.pdbx_diffrn_id                   1 
_reflns.pdbx_ordinal                     1 
_reflns.pdbx_CC_half                     ? 
_reflns.pdbx_R_split                     ? 
# 
_reflns_shell.d_res_high                  2.0 
_reflns_shell.d_res_low                   2.1 
_reflns_shell.meanI_over_sigI_all         ? 
_reflns_shell.meanI_over_sigI_obs         5.5 
_reflns_shell.number_measured_all         ? 
_reflns_shell.number_measured_obs         ? 
_reflns_shell.number_possible             ? 
_reflns_shell.number_unique_all           ? 
_reflns_shell.number_unique_obs           ? 
_reflns_shell.percent_possible_all        99.3 
_reflns_shell.percent_possible_obs        ? 
_reflns_shell.Rmerge_F_all                ? 
_reflns_shell.Rmerge_F_obs                ? 
_reflns_shell.Rmerge_I_all                ? 
_reflns_shell.Rmerge_I_obs                0.183 
_reflns_shell.meanI_over_sigI_gt          ? 
_reflns_shell.meanI_over_uI_all           ? 
_reflns_shell.meanI_over_uI_gt            ? 
_reflns_shell.number_measured_gt          ? 
_reflns_shell.number_unique_gt            ? 
_reflns_shell.percent_possible_gt         ? 
_reflns_shell.Rmerge_F_gt                 ? 
_reflns_shell.Rmerge_I_gt                 ? 
_reflns_shell.pdbx_redundancy             2.9 
_reflns_shell.pdbx_Rsym_value             ? 
_reflns_shell.pdbx_chi_squared            ? 
_reflns_shell.pdbx_netI_over_sigmaI_all   ? 
_reflns_shell.pdbx_netI_over_sigmaI_obs   ? 
_reflns_shell.pdbx_Rrim_I_all             ? 
_reflns_shell.pdbx_Rpim_I_all             ? 
_reflns_shell.pdbx_rejects                ? 
_reflns_shell.pdbx_ordinal                1 
_reflns_shell.pdbx_diffrn_id              1 
_reflns_shell.pdbx_CC_half                ? 
_reflns_shell.pdbx_R_split                ? 
# 
_refine.aniso_B[1][1]                            -0.21 
_refine.aniso_B[1][2]                            -0.10 
_refine.aniso_B[1][3]                            0.00 
_refine.aniso_B[2][2]                            -0.21 
_refine.aniso_B[2][3]                            0.00 
_refine.aniso_B[3][3]                            0.67 
_refine.B_iso_max                                ? 
_refine.B_iso_mean                               19.532 
_refine.B_iso_min                                ? 
_refine.correlation_coeff_Fo_to_Fc               0.963 
_refine.correlation_coeff_Fo_to_Fc_free          0.932 
_refine.details                                  'HYDROGENS HAVE BEEN ADDED IN THE RIDING POSITIONS' 
_refine.diff_density_max                         ? 
_refine.diff_density_max_esd                     ? 
_refine.diff_density_min                         ? 
_refine.diff_density_min_esd                     ? 
_refine.diff_density_rms                         ? 
_refine.diff_density_rms_esd                     ? 
_refine.entry_id                                 5HP7 
_refine.pdbx_refine_id                           'X-RAY DIFFRACTION' 
_refine.ls_abs_structure_details                 ? 
_refine.ls_abs_structure_Flack                   ? 
_refine.ls_abs_structure_Flack_esd               ? 
_refine.ls_abs_structure_Rogers                  ? 
_refine.ls_abs_structure_Rogers_esd              ? 
_refine.ls_d_res_high                            2.00 
_refine.ls_d_res_low                             25.67 
_refine.ls_extinction_coef                       ? 
_refine.ls_extinction_coef_esd                   ? 
_refine.ls_extinction_expression                 ? 
_refine.ls_extinction_method                     ? 
_refine.ls_goodness_of_fit_all                   ? 
_refine.ls_goodness_of_fit_all_esd               ? 
_refine.ls_goodness_of_fit_obs                   ? 
_refine.ls_goodness_of_fit_obs_esd               ? 
_refine.ls_hydrogen_treatment                    ? 
_refine.ls_matrix_type                           ? 
_refine.ls_number_constraints                    ? 
_refine.ls_number_parameters                     ? 
_refine.ls_number_reflns_all                     ? 
_refine.ls_number_reflns_obs                     5725 
_refine.ls_number_reflns_R_free                  273 
_refine.ls_number_reflns_R_work                  ? 
_refine.ls_number_restraints                     ? 
_refine.ls_percent_reflns_obs                    99.85 
_refine.ls_percent_reflns_R_free                 4.6 
_refine.ls_R_factor_all                          ? 
_refine.ls_R_factor_obs                          0.15534 
_refine.ls_R_factor_R_free                       0.21200 
_refine.ls_R_factor_R_free_error                 ? 
_refine.ls_R_factor_R_free_error_details         ? 
_refine.ls_R_factor_R_work                       0.15261 
_refine.ls_R_Fsqd_factor_obs                     ? 
_refine.ls_R_I_factor_obs                        ? 
_refine.ls_redundancy_reflns_all                 ? 
_refine.ls_redundancy_reflns_obs                 ? 
_refine.ls_restrained_S_all                      ? 
_refine.ls_restrained_S_obs                      ? 
_refine.ls_shift_over_esd_max                    ? 
_refine.ls_shift_over_esd_mean                   ? 
_refine.ls_structure_factor_coef                 ? 
_refine.ls_weighting_details                     ? 
_refine.ls_weighting_scheme                      ? 
_refine.ls_wR_factor_all                         ? 
_refine.ls_wR_factor_obs                         ? 
_refine.ls_wR_factor_R_free                      ? 
_refine.ls_wR_factor_R_work                      ? 
_refine.occupancy_max                            ? 
_refine.occupancy_min                            ? 
_refine.solvent_model_details                    ? 
_refine.solvent_model_param_bsol                 ? 
_refine.solvent_model_param_ksol                 ? 
_refine.ls_R_factor_gt                           ? 
_refine.ls_goodness_of_fit_gt                    ? 
_refine.ls_goodness_of_fit_ref                   ? 
_refine.ls_shift_over_su_max                     ? 
_refine.ls_shift_over_su_max_lt                  ? 
_refine.ls_shift_over_su_mean                    ? 
_refine.ls_shift_over_su_mean_lt                 ? 
_refine.pdbx_ls_sigma_I                          ? 
_refine.pdbx_ls_sigma_F                          ? 
_refine.pdbx_ls_sigma_Fsqd                       ? 
_refine.pdbx_data_cutoff_high_absF               ? 
_refine.pdbx_data_cutoff_high_rms_absF           ? 
_refine.pdbx_data_cutoff_low_absF                ? 
_refine.pdbx_isotropic_thermal_model             ? 
_refine.pdbx_ls_cross_valid_method               'FREE R-VALUE' 
_refine.pdbx_method_to_determine_struct          'MOLECULAR REPLACEMENT' 
_refine.pdbx_starting_model                      2B33 
_refine.pdbx_stereochemistry_target_values       ? 
_refine.pdbx_R_Free_selection_details            RANDOM 
_refine.pdbx_stereochem_target_val_spec_case     ? 
_refine.pdbx_overall_ESU_R                       0.200 
_refine.pdbx_overall_ESU_R_Free                  0.170 
_refine.pdbx_solvent_vdw_probe_radii             1.20 
_refine.pdbx_solvent_ion_probe_radii             0.80 
_refine.pdbx_solvent_shrinkage_radii             0.80 
_refine.pdbx_real_space_R                        ? 
_refine.pdbx_density_correlation                 ? 
_refine.pdbx_pd_number_of_powder_patterns        ? 
_refine.pdbx_pd_number_of_points                 ? 
_refine.pdbx_pd_meas_number_of_points            ? 
_refine.pdbx_pd_proc_ls_prof_R_factor            ? 
_refine.pdbx_pd_proc_ls_prof_wR_factor           ? 
_refine.pdbx_pd_Marquardt_correlation_coeff      ? 
_refine.pdbx_pd_Fsqrd_R_factor                   ? 
_refine.pdbx_pd_ls_matrix_band_width             ? 
_refine.pdbx_overall_phase_error                 ? 
_refine.pdbx_overall_SU_R_free_Cruickshank_DPI   ? 
_refine.pdbx_overall_SU_R_free_Blow_DPI          ? 
_refine.pdbx_overall_SU_R_Blow_DPI               ? 
_refine.pdbx_TLS_residual_ADP_flag               ? 
_refine.pdbx_diffrn_id                           1 
_refine.overall_SU_B                             4.068 
_refine.overall_SU_ML                            0.111 
_refine.overall_SU_R_Cruickshank_DPI             ? 
_refine.overall_SU_R_free                        ? 
_refine.overall_FOM_free_R_set                   ? 
_refine.overall_FOM_work_R_set                   ? 
_refine.pdbx_average_fsc_overall                 ? 
_refine.pdbx_average_fsc_work                    ? 
_refine.pdbx_average_fsc_free                    ? 
# 
_refine_hist.pdbx_refine_id                   'X-RAY DIFFRACTION' 
_refine_hist.cycle_id                         LAST 
_refine_hist.pdbx_number_atoms_protein        808 
_refine_hist.pdbx_number_atoms_nucleic_acid   0 
_refine_hist.pdbx_number_atoms_ligand         0 
_refine_hist.number_atoms_solvent             86 
_refine_hist.number_atoms_total               894 
_refine_hist.d_res_high                       2.00 
_refine_hist.d_res_low                        25.67 
# 
loop_
_refine_ls_restr.pdbx_refine_id 
_refine_ls_restr.criterion 
_refine_ls_restr.dev_ideal 
_refine_ls_restr.dev_ideal_target 
_refine_ls_restr.number 
_refine_ls_restr.rejects 
_refine_ls_restr.type 
_refine_ls_restr.weight 
_refine_ls_restr.pdbx_restraint_function 
'X-RAY DIFFRACTION' ? 0.016  0.020  820  ? r_bond_refined_d             ? ? 
'X-RAY DIFFRACTION' ? 0.001  0.020  798  ? r_bond_other_d               ? ? 
'X-RAY DIFFRACTION' ? 1.456  1.989  1117 ? r_angle_refined_deg          ? ? 
'X-RAY DIFFRACTION' ? 2.629  3.000  1842 ? r_angle_other_deg            ? ? 
'X-RAY DIFFRACTION' ? 8.735  5.000  107  ? r_dihedral_angle_1_deg       ? ? 
'X-RAY DIFFRACTION' ? 30.796 26.667 30   ? r_dihedral_angle_2_deg       ? ? 
'X-RAY DIFFRACTION' ? 13.340 15.000 138  ? r_dihedral_angle_3_deg       ? ? 
'X-RAY DIFFRACTION' ? 0.504  15.000 1    ? r_dihedral_angle_4_deg       ? ? 
'X-RAY DIFFRACTION' ? 0.134  0.200  138  ? r_chiral_restr               ? ? 
'X-RAY DIFFRACTION' ? 0.007  0.021  925  ? r_gen_planes_refined         ? ? 
'X-RAY DIFFRACTION' ? 0.005  0.020  160  ? r_gen_planes_other           ? ? 
'X-RAY DIFFRACTION' ? ?      ?      ?    ? r_nbd_refined                ? ? 
'X-RAY DIFFRACTION' ? ?      ?      ?    ? r_nbd_other                  ? ? 
'X-RAY DIFFRACTION' ? ?      ?      ?    ? r_nbtor_refined              ? ? 
'X-RAY DIFFRACTION' ? ?      ?      ?    ? r_nbtor_other                ? ? 
'X-RAY DIFFRACTION' ? ?      ?      ?    ? r_xyhbond_nbd_refined        ? ? 
'X-RAY DIFFRACTION' ? ?      ?      ?    ? r_xyhbond_nbd_other          ? ? 
'X-RAY DIFFRACTION' ? ?      ?      ?    ? r_metal_ion_refined          ? ? 
'X-RAY DIFFRACTION' ? ?      ?      ?    ? r_metal_ion_other            ? ? 
'X-RAY DIFFRACTION' ? ?      ?      ?    ? r_symmetry_vdw_refined       ? ? 
'X-RAY DIFFRACTION' ? ?      ?      ?    ? r_symmetry_vdw_other         ? ? 
'X-RAY DIFFRACTION' ? ?      ?      ?    ? r_symmetry_hbond_refined     ? ? 
'X-RAY DIFFRACTION' ? ?      ?      ?    ? r_symmetry_hbond_other       ? ? 
'X-RAY DIFFRACTION' ? ?      ?      ?    ? r_symmetry_metal_ion_refined ? ? 
'X-RAY DIFFRACTION' ? ?      ?      ?    ? r_symmetry_metal_ion_other   ? ? 
'X-RAY DIFFRACTION' ? 1.920  1.813  431  ? r_mcbond_it                  ? ? 
'X-RAY DIFFRACTION' ? 1.880  1.808  430  ? r_mcbond_other               ? ? 
'X-RAY DIFFRACTION' ? 2.559  2.705  537  ? r_mcangle_it                 ? ? 
'X-RAY DIFFRACTION' ? 2.572  2.708  538  ? r_mcangle_other              ? ? 
'X-RAY DIFFRACTION' ? 2.860  2.035  389  ? r_scbond_it                  ? ? 
'X-RAY DIFFRACTION' ? 2.860  2.033  389  ? r_scbond_other               ? ? 
'X-RAY DIFFRACTION' ? ?      ?      ?    ? r_scangle_it                 ? ? 
'X-RAY DIFFRACTION' ? 3.954  2.957  580  ? r_scangle_other              ? ? 
'X-RAY DIFFRACTION' ? 5.343  15.589 943  ? r_long_range_B_refined       ? ? 
'X-RAY DIFFRACTION' ? 5.120  15.155 919  ? r_long_range_B_other         ? ? 
'X-RAY DIFFRACTION' ? ?      ?      ?    ? r_rigid_bond_restr           ? ? 
'X-RAY DIFFRACTION' ? ?      ?      ?    ? r_sphericity_free            ? ? 
'X-RAY DIFFRACTION' ? ?      ?      ?    ? r_sphericity_bonded          ? ? 
# 
_refine_ls_shell.pdbx_refine_id                   'X-RAY DIFFRACTION' 
_refine_ls_shell.d_res_high                       2.001 
_refine_ls_shell.d_res_low                        2.052 
_refine_ls_shell.number_reflns_all                ? 
_refine_ls_shell.number_reflns_obs                ? 
_refine_ls_shell.number_reflns_R_free             11 
_refine_ls_shell.number_reflns_R_work             424 
_refine_ls_shell.percent_reflns_obs               98.64 
_refine_ls_shell.percent_reflns_R_free            ? 
_refine_ls_shell.R_factor_all                     ? 
_refine_ls_shell.R_factor_obs                     ? 
_refine_ls_shell.R_factor_R_free                  0.285 
_refine_ls_shell.R_factor_R_free_error            ? 
_refine_ls_shell.R_factor_R_work                  0.189 
_refine_ls_shell.redundancy_reflns_all            ? 
_refine_ls_shell.redundancy_reflns_obs            ? 
_refine_ls_shell.wR_factor_all                    ? 
_refine_ls_shell.wR_factor_obs                    ? 
_refine_ls_shell.wR_factor_R_free                 ? 
_refine_ls_shell.wR_factor_R_work                 ? 
_refine_ls_shell.pdbx_total_number_of_bins_used   20 
_refine_ls_shell.pdbx_phase_error                 ? 
_refine_ls_shell.pdbx_fsc_work                    ? 
_refine_ls_shell.pdbx_fsc_free                    ? 
# 
_struct.entry_id                     5HP7 
_struct.title                        'Crystal structures of RidA in the apo form' 
_struct.pdbx_model_details           ? 
_struct.pdbx_formula_weight          ? 
_struct.pdbx_formula_weight_method   ? 
_struct.pdbx_model_type_details      ? 
_struct.pdbx_CASP_flag               ? 
# 
_struct_keywords.entry_id        5HP7 
_struct_keywords.text            'RidA, enamine/imine, deamination, HYDROLASE' 
_struct_keywords.pdbx_keywords   HYDROLASE 
# 
loop_
_struct_asym.id 
_struct_asym.pdbx_blank_PDB_chainid_flag 
_struct_asym.pdbx_modified 
_struct_asym.entity_id 
_struct_asym.details 
A N N 1 ? 
B N N 2 ? 
# 
loop_
_struct_conf.conf_type_id 
_struct_conf.id 
_struct_conf.pdbx_PDB_helix_id 
_struct_conf.beg_label_comp_id 
_struct_conf.beg_label_asym_id 
_struct_conf.beg_label_seq_id 
_struct_conf.pdbx_beg_PDB_ins_code 
_struct_conf.end_label_comp_id 
_struct_conf.end_label_asym_id 
_struct_conf.end_label_seq_id 
_struct_conf.pdbx_end_PDB_ins_code 
_struct_conf.beg_auth_comp_id 
_struct_conf.beg_auth_asym_id 
_struct_conf.beg_auth_seq_id 
_struct_conf.end_auth_comp_id 
_struct_conf.end_auth_asym_id 
_struct_conf.end_auth_seq_id 
_struct_conf.pdbx_PDB_helix_class 
_struct_conf.details 
_struct_conf.pdbx_PDB_helix_length 
HELX_P HELX_P1 AA1 SER A 45  ? SER A 64  ? SER A 108 SER A 127 1 ? 20 
HELX_P HELX_P2 AA2 ASP A 67  ? SER A 69  ? ASP A 130 SER A 132 5 ? 3  
HELX_P HELX_P3 AA3 ASP A 80  ? ALA A 82  ? ASP A 143 ALA A 145 5 ? 3  
HELX_P HELX_P4 AA4 ASP A 83  ? PHE A 95  ? ASP A 146 PHE A 158 1 ? 13 
HELX_P HELX_P5 AA5 LEU A 110 ? ALA A 114 ? LEU A 173 ALA A 177 5 ? 5  
# 
_struct_conf_type.id          HELX_P 
_struct_conf_type.criteria    ? 
_struct_conf_type.reference   ? 
# 
_struct_mon_prot_cis.pdbx_id                1 
_struct_mon_prot_cis.label_comp_id          ALA 
_struct_mon_prot_cis.label_seq_id           97 
_struct_mon_prot_cis.label_asym_id          A 
_struct_mon_prot_cis.label_alt_id           . 
_struct_mon_prot_cis.pdbx_PDB_ins_code      ? 
_struct_mon_prot_cis.auth_comp_id           ALA 
_struct_mon_prot_cis.auth_seq_id            160 
_struct_mon_prot_cis.auth_asym_id           A 
_struct_mon_prot_cis.pdbx_label_comp_id_2   PRO 
_struct_mon_prot_cis.pdbx_label_seq_id_2    98 
_struct_mon_prot_cis.pdbx_label_asym_id_2   A 
_struct_mon_prot_cis.pdbx_PDB_ins_code_2    ? 
_struct_mon_prot_cis.pdbx_auth_comp_id_2    PRO 
_struct_mon_prot_cis.pdbx_auth_seq_id_2     161 
_struct_mon_prot_cis.pdbx_auth_asym_id_2    A 
_struct_mon_prot_cis.pdbx_PDB_model_num     1 
_struct_mon_prot_cis.pdbx_omega_angle       -6.30 
# 
_struct_sheet.id               AA1 
_struct_sheet.type             ? 
_struct_sheet.number_strands   5 
_struct_sheet.details          ? 
# 
loop_
_struct_sheet_order.sheet_id 
_struct_sheet_order.range_id_1 
_struct_sheet_order.range_id_2 
_struct_sheet_order.offset 
_struct_sheet_order.sense 
AA1 1 2 ? anti-parallel 
AA1 2 3 ? anti-parallel 
AA1 3 4 ? anti-parallel 
AA1 4 5 ? parallel      
# 
loop_
_struct_sheet_range.sheet_id 
_struct_sheet_range.id 
_struct_sheet_range.beg_label_comp_id 
_struct_sheet_range.beg_label_asym_id 
_struct_sheet_range.beg_label_seq_id 
_struct_sheet_range.pdbx_beg_PDB_ins_code 
_struct_sheet_range.end_label_comp_id 
_struct_sheet_range.end_label_asym_id 
_struct_sheet_range.end_label_seq_id 
_struct_sheet_range.pdbx_end_PDB_ins_code 
_struct_sheet_range.beg_auth_comp_id 
_struct_sheet_range.beg_auth_asym_id 
_struct_sheet_range.beg_auth_seq_id 
_struct_sheet_range.end_auth_comp_id 
_struct_sheet_range.end_auth_asym_id 
_struct_sheet_range.end_auth_seq_id 
AA1 1 ALA A 19  ? ALA A 22  ? ALA A 82  ALA A 85  
AA1 2 LEU A 25  ? VAL A 31  ? LEU A 88  VAL A 94  
AA1 3 ILE A 116 ? THR A 123 ? ILE A 179 THR A 186 
AA1 4 VAL A 71  ? LEU A 78  ? VAL A 134 LEU A 141 
AA1 5 ALA A 101 ? GLN A 106 ? ALA A 164 GLN A 169 
# 
loop_
_pdbx_struct_sheet_hbond.sheet_id 
_pdbx_struct_sheet_hbond.range_id_1 
_pdbx_struct_sheet_hbond.range_id_2 
_pdbx_struct_sheet_hbond.range_1_label_atom_id 
_pdbx_struct_sheet_hbond.range_1_label_comp_id 
_pdbx_struct_sheet_hbond.range_1_label_asym_id 
_pdbx_struct_sheet_hbond.range_1_label_seq_id 
_pdbx_struct_sheet_hbond.range_1_PDB_ins_code 
_pdbx_struct_sheet_hbond.range_1_auth_atom_id 
_pdbx_struct_sheet_hbond.range_1_auth_comp_id 
_pdbx_struct_sheet_hbond.range_1_auth_asym_id 
_pdbx_struct_sheet_hbond.range_1_auth_seq_id 
_pdbx_struct_sheet_hbond.range_2_label_atom_id 
_pdbx_struct_sheet_hbond.range_2_label_comp_id 
_pdbx_struct_sheet_hbond.range_2_label_asym_id 
_pdbx_struct_sheet_hbond.range_2_label_seq_id 
_pdbx_struct_sheet_hbond.range_2_PDB_ins_code 
_pdbx_struct_sheet_hbond.range_2_auth_atom_id 
_pdbx_struct_sheet_hbond.range_2_auth_comp_id 
_pdbx_struct_sheet_hbond.range_2_auth_asym_id 
_pdbx_struct_sheet_hbond.range_2_auth_seq_id 
AA1 1 2 N ILE A 20  ? N ILE A 83  O PHE A 27  ? O PHE A 90  
AA1 2 3 N VAL A 26  ? N VAL A 89  O ALA A 122 ? O ALA A 185 
AA1 3 4 O GLU A 117 ? O GLU A 180 N MET A 77  ? N MET A 140 
AA1 4 5 N ILE A 76  ? N ILE A 139 O SER A 103 ? O SER A 166 
# 
_atom_sites.entry_id                    5HP7 
_atom_sites.fract_transf_matrix[1][1]   -0.00880314 
_atom_sites.fract_transf_matrix[1][2]   -0.00023443 
_atom_sites.fract_transf_matrix[1][3]   -0.01216071 
_atom_sites.fract_transf_matrix[2][1]   -0.00634330 
_atom_sites.fract_transf_matrix[2][2]   -0.01286747 
_atom_sites.fract_transf_matrix[2][3]   -0.00442841 
_atom_sites.fract_transf_matrix[3][1]   -0.01975766 
_atom_sites.fract_transf_matrix[3][2]   0.00484983 
_atom_sites.fract_transf_matrix[3][3]   0.01420909 
_atom_sites.fract_transf_vector[1]      -0.080402 
_atom_sites.fract_transf_vector[2]      0.113901 
_atom_sites.fract_transf_vector[3]      -0.319915 
# 
loop_
_atom_type.symbol 
C 
N 
O 
S 
# 
loop_
_atom_site.group_PDB 
_atom_site.id 
_atom_site.type_symbol 
_atom_site.label_atom_id 
_atom_site.label_alt_id 
_atom_site.label_comp_id 
_atom_site.label_asym_id 
_atom_site.label_entity_id 
_atom_site.label_seq_id 
_atom_site.pdbx_PDB_ins_code 
_atom_site.Cartn_x 
_atom_site.Cartn_y 
_atom_site.Cartn_z 
_atom_site.occupancy 
_atom_site.B_iso_or_equiv 
_atom_site.pdbx_formal_charge 
_atom_site.auth_seq_id 
_atom_site.auth_comp_id 
_atom_site.auth_asym_id 
_atom_site.auth_atom_id 
_atom_site.pdbx_PDB_model_num 
ATOM   1   N N   . SER A 1 17  ? -4.689  -2.317  -14.938 1.00 21.06 ? 80  SER A N   1 
ATOM   2   C CA  . SER A 1 17  ? -3.643  -3.220  -14.459 1.00 20.32 ? 80  SER A CA  1 
ATOM   3   C C   . SER A 1 17  ? -3.216  -2.864  -13.027 1.00 19.43 ? 80  SER A C   1 
ATOM   4   O O   . SER A 1 17  ? -3.394  -1.759  -12.579 1.00 20.20 ? 80  SER A O   1 
ATOM   5   C CB  . SER A 1 17  ? -2.452  -3.136  -15.378 1.00 22.46 ? 80  SER A CB  1 
ATOM   6   O OG  . SER A 1 17  ? -2.831  -3.389  -16.702 1.00 23.86 ? 80  SER A OG  1 
ATOM   7   N N   . GLN A 1 18  ? -2.651  -3.821  -12.313 1.00 18.70 ? 81  GLN A N   1 
ATOM   8   C CA  . GLN A 1 18  ? -2.154  -3.600  -10.975 1.00 18.80 ? 81  GLN A CA  1 
ATOM   9   C C   . GLN A 1 18  ? -0.861  -2.847  -10.990 1.00 18.52 ? 81  GLN A C   1 
ATOM   10  O O   . GLN A 1 18  ? -0.533  -2.180  -10.015 1.00 15.86 ? 81  GLN A O   1 
ATOM   11  C CB  . GLN A 1 18  ? -1.983  -4.946  -10.233 1.00 18.99 ? 81  GLN A CB  1 
ATOM   12  C CG  . GLN A 1 18  ? -3.284  -5.630  -9.884  1.00 17.61 ? 81  GLN A CG  1 
ATOM   13  C CD  . GLN A 1 18  ? -3.045  -6.992  -9.227  1.00 23.78 ? 81  GLN A CD  1 
ATOM   14  O OE1 . GLN A 1 18  ? -2.009  -7.641  -9.437  1.00 26.40 ? 81  GLN A OE1 1 
ATOM   15  N NE2 . GLN A 1 18  ? -4.008  -7.438  -8.434  1.00 25.27 ? 81  GLN A NE2 1 
ATOM   16  N N   . ALA A 1 19  ? -0.085  -3.010  -12.063 1.00 18.01 ? 82  ALA A N   1 
ATOM   17  C CA  . ALA A 1 19  ? 1.189   -2.342  -12.191 1.00 16.48 ? 82  ALA A CA  1 
ATOM   18  C C   . ALA A 1 19  ? 1.563   -2.191  -13.621 1.00 18.88 ? 82  ALA A C   1 
ATOM   19  O O   . ALA A 1 19  ? 1.299   -3.091  -14.441 1.00 18.47 ? 82  ALA A O   1 
ATOM   20  C CB  . ALA A 1 19  ? 2.308   -3.107  -11.459 1.00 17.56 ? 82  ALA A CB  1 
ATOM   21  N N   . ILE A 1 20  ? 2.183   -1.045  -13.924 1.00 16.13 ? 83  ILE A N   1 
ATOM   22  C CA  . ILE A 1 20  ? 2.711   -0.760  -15.245 1.00 17.80 ? 83  ILE A CA  1 
ATOM   23  C C   . ILE A 1 20  ? 4.199   -0.431  -15.151 1.00 19.99 ? 83  ILE A C   1 
ATOM   24  O O   . ILE A 1 20  ? 4.562   0.443   -14.398 1.00 16.21 ? 83  ILE A O   1 
ATOM   25  C CB  . ILE A 1 20  ? 1.952   0.392   -15.951 1.00 15.86 ? 83  ILE A CB  1 
ATOM   26  C CG1 . ILE A 1 20  ? 0.461   0.057   -16.111 1.00 15.83 ? 83  ILE A CG1 1 
ATOM   27  C CG2 . ILE A 1 20  ? 2.624   0.733   -17.260 1.00 16.63 ? 83  ILE A CG2 1 
ATOM   28  C CD1 . ILE A 1 20  ? 0.157   -1.145  -17.004 1.00 16.87 ? 83  ILE A CD1 1 
ATOM   29  N N   . LYS A 1 21  ? 5.037   -1.131  -15.909 1.00 17.54 ? 84  LYS A N   1 
ATOM   30  C CA  . LYS A 1 21  ? 6.439   -0.817  -15.975 1.00 23.05 ? 84  LYS A CA  1 
ATOM   31  C C   . LYS A 1 21  ? 6.707   0.150   -17.079 1.00 25.06 ? 84  LYS A C   1 
ATOM   32  O O   . LYS A 1 21  ? 6.294   -0.107  -18.166 1.00 31.62 ? 84  LYS A O   1 
ATOM   33  C CB  . LYS A 1 21  ? 7.283   -2.048  -16.261 1.00 24.45 ? 84  LYS A CB  1 
ATOM   34  C CG  . LYS A 1 21  ? 7.081   -3.257  -15.382 1.00 26.49 ? 84  LYS A CG  1 
ATOM   35  C CD  . LYS A 1 21  ? 7.930   -4.364  -15.972 1.00 30.52 ? 84  LYS A CD  1 
ATOM   36  C CE  . LYS A 1 21  ? 8.051   -5.565  -15.094 1.00 31.67 ? 84  LYS A CE  1 
ATOM   37  N NZ  . LYS A 1 21  ? 9.144   -6.432  -15.593 1.00 33.36 ? 84  LYS A NZ  1 
ATOM   38  N N   . ALA A 1 22  ? 7.355   1.267   -16.798 1.00 24.46 ? 85  ALA A N   1 
ATOM   39  C CA  . ALA A 1 22  ? 7.834   2.181   -17.799 1.00 27.10 ? 85  ALA A CA  1 
ATOM   40  C C   . ALA A 1 22  ? 9.234   2.478   -17.452 1.00 31.34 ? 85  ALA A C   1 
ATOM   41  O O   . ALA A 1 22  ? 9.507   3.158   -16.497 1.00 37.21 ? 85  ALA A O   1 
ATOM   42  C CB  . ALA A 1 22  ? 7.064   3.453   -17.807 1.00 27.30 ? 85  ALA A CB  1 
ATOM   43  N N   . ASN A 1 23  ? 10.127  2.042   -18.299 1.00 31.90 ? 86  ASN A N   1 
ATOM   44  C CA  . ASN A 1 23  ? 11.041  0.964   -17.902 1.00 33.76 ? 86  ASN A CA  1 
ATOM   45  C C   . ASN A 1 23  ? 12.007  1.049   -16.738 1.00 30.79 ? 86  ASN A C   1 
ATOM   46  O O   . ASN A 1 23  ? 12.241  0.048   -16.132 1.00 36.12 ? 86  ASN A O   1 
ATOM   47  C CB  . ASN A 1 23  ? 11.522  0.073   -19.031 1.00 22.69 ? 86  ASN A CB  1 
ATOM   48  C CG  . ASN A 1 23  ? 10.828  -1.287  -19.016 1.00 22.95 ? 86  ASN A CG  1 
ATOM   49  O OD1 . ASN A 1 23  ? 10.036  -1.618  -19.923 1.00 22.98 ? 86  ASN A OD1 1 
ATOM   50  N ND2 . ASN A 1 23  ? 11.074  -2.067  -17.972 1.00 23.20 ? 86  ASN A ND2 1 
ATOM   51  N N   . ASN A 1 24  ? 12.553  2.181   -16.415 1.00 29.45 ? 87  ASN A N   1 
ATOM   52  C CA  . ASN A 1 24  ? 13.340  2.313   -15.185 1.00 29.37 ? 87  ASN A CA  1 
ATOM   53  C C   . ASN A 1 24  ? 12.401  2.165   -13.977 1.00 26.50 ? 87  ASN A C   1 
ATOM   54  O O   . ASN A 1 24  ? 12.846  1.808   -12.921 1.00 24.25 ? 87  ASN A O   1 
ATOM   55  C CB  . ASN A 1 24  ? 14.013  3.678   -15.109 1.00 23.16 ? 87  ASN A CB  1 
ATOM   56  C CG  . ASN A 1 24  ? 13.117  4.791   -15.637 1.00 24.57 ? 87  ASN A CG  1 
ATOM   57  O OD1 . ASN A 1 24  ? 12.164  4.528   -16.406 1.00 23.40 ? 87  ASN A OD1 1 
ATOM   58  N ND2 . ASN A 1 24  ? 13.369  6.030   -15.194 1.00 24.54 ? 87  ASN A ND2 1 
ATOM   59  N N   . LEU A 1 25  ? 11.119  2.467   -14.181 1.00 23.27 ? 88  LEU A N   1 
ATOM   60  C CA  . LEU A 1 25  ? 10.120  2.576   -13.139 1.00 22.69 ? 88  LEU A CA  1 
ATOM   61  C C   . LEU A 1 25  ? 8.954   1.617   -13.233 1.00 21.31 ? 88  LEU A C   1 
ATOM   62  O O   . LEU A 1 25  ? 8.641   1.133   -14.290 1.00 22.75 ? 88  LEU A O   1 
ATOM   63  C CB  . LEU A 1 25  ? 9.563   3.980   -13.066 1.00 21.23 ? 88  LEU A CB  1 
ATOM   64  C CG  . LEU A 1 25  ? 10.482  5.141   -12.840 1.00 23.06 ? 88  LEU A CG  1 
ATOM   65  C CD1 . LEU A 1 25  ? 9.728   6.449   -12.955 1.00 21.45 ? 88  LEU A CD1 1 
ATOM   66  C CD2 . LEU A 1 25  ? 11.225  5.039   -11.539 1.00 23.64 ? 88  LEU A CD2 1 
ATOM   67  N N   . VAL A 1 26  ? 8.321   1.349   -12.100 1.00 17.51 ? 89  VAL A N   1 
ATOM   68  C CA  . VAL A 1 26  ? 7.030   0.674   -12.075 1.00 17.21 ? 89  VAL A CA  1 
ATOM   69  C C   . VAL A 1 26  ? 5.997   1.417   -11.251 1.00 15.97 ? 89  VAL A C   1 
ATOM   70  O O   . VAL A 1 26  ? 6.298   1.814   -10.166 1.00 12.60 ? 89  VAL A O   1 
ATOM   71  C CB  . VAL A 1 26  ? 7.126   -0.787  -11.633 1.00 18.32 ? 89  VAL A CB  1 
ATOM   72  C CG1 . VAL A 1 26  ? 7.773   -0.982  -10.283 1.00 20.26 ? 89  VAL A CG1 1 
ATOM   73  C CG2 . VAL A 1 26  ? 5.825   -1.481  -11.704 1.00 19.88 ? 89  VAL A CG2 1 
ATOM   74  N N   . PHE A 1 27  ? 4.816   1.598   -11.830 1.00 14.65 ? 90  PHE A N   1 
ATOM   75  C CA  . PHE A 1 27  ? 3.700   2.332   -11.220 1.00 14.25 ? 90  PHE A CA  1 
ATOM   76  C C   . PHE A 1 27  ? 2.643   1.356   -10.745 1.00 12.28 ? 90  PHE A C   1 
ATOM   77  O O   . PHE A 1 27  ? 2.068   0.626   -11.527 1.00 13.47 ? 90  PHE A O   1 
ATOM   78  C CB  . PHE A 1 27  ? 3.088   3.316   -12.213 1.00 14.14 ? 90  PHE A CB  1 
ATOM   79  C CG  . PHE A 1 27  ? 4.046   4.390   -12.674 1.00 14.67 ? 90  PHE A CG  1 
ATOM   80  C CD1 . PHE A 1 27  ? 4.027   5.637   -12.112 1.00 14.51 ? 90  PHE A CD1 1 
ATOM   81  C CD2 . PHE A 1 27  ? 4.955   4.127   -13.681 1.00 16.46 ? 90  PHE A CD2 1 
ATOM   82  C CE1 . PHE A 1 27  ? 4.910   6.630   -12.533 1.00 17.28 ? 90  PHE A CE1 1 
ATOM   83  C CE2 . PHE A 1 27  ? 5.843   5.102   -14.093 1.00 17.12 ? 90  PHE A CE2 1 
ATOM   84  C CZ  . PHE A 1 27  ? 5.819   6.345   -13.531 1.00 15.58 ? 90  PHE A CZ  1 
ATOM   85  N N   . LEU A 1 28  ? 2.426   1.318   -9.455  1.00 12.97 ? 91  LEU A N   1 
ATOM   86  C CA  . LEU A 1 28  ? 1.366   0.496   -8.856  1.00 12.76 ? 91  LEU A CA  1 
ATOM   87  C C   . LEU A 1 28  ? 0.012   1.220   -8.702  1.00 13.44 ? 91  LEU A C   1 
ATOM   88  O O   . LEU A 1 28  ? -0.068  2.352   -8.248  1.00 11.78 ? 91  LEU A O   1 
ATOM   89  C CB  . LEU A 1 28  ? 1.828   -0.018  -7.503  1.00 12.95 ? 91  LEU A CB  1 
ATOM   90  C CG  . LEU A 1 28  ? 2.390   -1.434  -7.517  1.00 15.06 ? 91  LEU A CG  1 
ATOM   91  C CD1 . LEU A 1 28  ? 3.749   -1.446  -8.192  1.00 14.86 ? 91  LEU A CD1 1 
ATOM   92  C CD2 . LEU A 1 28  ? 2.442   -2.025  -6.118  1.00 15.55 ? 91  LEU A CD2 1 
ATOM   93  N N   . SER A 1 29  ? -1.070  0.518   -9.036  1.00 13.53 ? 92  SER A N   1 
ATOM   94  C CA  . SER A 1 29  ? -2.392  0.958   -8.646  1.00 14.40 ? 92  SER A CA  1 
ATOM   95  C C   . SER A 1 29  ? -2.518  1.054   -7.111  1.00 14.59 ? 92  SER A C   1 
ATOM   96  O O   . SER A 1 29  ? -1.744  0.460   -6.387  1.00 16.14 ? 92  SER A O   1 
ATOM   97  C CB  . SER A 1 29  ? -3.477  0.009   -9.188  1.00 15.39 ? 92  SER A CB  1 
ATOM   98  O OG  . SER A 1 29  ? -3.483  -0.022  -10.613 1.00 14.70 ? 92  SER A OG  1 
ATOM   99  N N   . GLY A 1 30  ? -3.470  1.833   -6.637  1.00 11.99 ? 93  GLY A N   1 
ATOM   100 C CA  . GLY A 1 30  ? -3.787  1.913   -5.190  1.00 12.93 ? 93  GLY A CA  1 
ATOM   101 C C   . GLY A 1 30  ? -4.215  0.526   -4.778  1.00 15.76 ? 93  GLY A C   1 
ATOM   102 O O   . GLY A 1 30  ? -4.993  -0.126  -5.469  1.00 15.64 ? 93  GLY A O   1 
ATOM   103 N N   . VAL A 1 31  ? -3.642  0.039   -3.705  1.00 14.55 ? 94  VAL A N   1 
ATOM   104 C CA  . VAL A 1 31  ? -3.897  -1.312  -3.202  1.00 13.67 ? 94  VAL A CA  1 
ATOM   105 C C   . VAL A 1 31  ? -4.835  -1.249  -2.008  1.00 13.70 ? 94  VAL A C   1 
ATOM   106 O O   . VAL A 1 31  ? -4.665  -0.413  -1.104  1.00 12.88 ? 94  VAL A O   1 
ATOM   107 C CB  . VAL A 1 31  ? -2.564  -1.980  -2.801  1.00 14.61 ? 94  VAL A CB  1 
ATOM   108 C CG1 . VAL A 1 31  ? -2.766  -3.350  -2.146  1.00 14.29 ? 94  VAL A CG1 1 
ATOM   109 C CG2 . VAL A 1 31  ? -1.632  -2.061  -4.023  1.00 14.28 ? 94  VAL A CG2 1 
ATOM   110 N N   . LEU A 1 32  ? -5.819  -2.132  -1.997  1.00 15.27 ? 95  LEU A N   1 
ATOM   111 C CA  . LEU A 1 32  ? -6.740  -2.305  -0.867  1.00 14.26 ? 95  LEU A CA  1 
ATOM   112 C C   . LEU A 1 32  ? -6.402  -3.583  -0.102  1.00 15.09 ? 95  LEU A C   1 
ATOM   113 O O   . LEU A 1 32  ? -5.685  -4.437  -0.599  1.00 14.97 ? 95  LEU A O   1 
ATOM   114 C CB  . LEU A 1 32  ? -8.170  -2.351  -1.367  1.00 15.34 ? 95  LEU A CB  1 
ATOM   115 C CG  . LEU A 1 32  ? -8.651  -1.124  -2.154  1.00 14.92 ? 95  LEU A CG  1 
ATOM   116 C CD1 . LEU A 1 32  ? -10.069 -1.294  -2.657  1.00 14.58 ? 95  LEU A CD1 1 
ATOM   117 C CD2 . LEU A 1 32  ? -8.523  0.134   -1.289  1.00 13.77 ? 95  LEU A CD2 1 
ATOM   118 N N   . GLY A 1 33  ? -6.918  -3.691  1.120   1.00 15.75 ? 96  GLY A N   1 
ATOM   119 C CA  . GLY A 1 33  ? -6.606  -4.815  2.002   1.00 17.62 ? 96  GLY A CA  1 
ATOM   120 C C   . GLY A 1 33  ? -7.488  -6.059  1.790   1.00 18.04 ? 96  GLY A C   1 
ATOM   121 O O   . GLY A 1 33  ? -8.123  -6.577  2.705   1.00 17.96 ? 96  GLY A O   1 
ATOM   122 N N   . LEU A 1 34  ? -7.495  -6.521  0.557   1.00 16.89 ? 97  LEU A N   1 
ATOM   123 C CA  . LEU A 1 34  ? -8.288  -7.637  0.108   1.00 16.67 ? 97  LEU A CA  1 
ATOM   124 C C   . LEU A 1 34  ? -7.418  -8.862  -0.003  1.00 19.99 ? 97  LEU A C   1 
ATOM   125 O O   . LEU A 1 34  ? -6.262  -8.773  -0.401  1.00 16.80 ? 97  LEU A O   1 
ATOM   126 C CB  . LEU A 1 34  ? -8.911  -7.342  -1.245  1.00 16.18 ? 97  LEU A CB  1 
ATOM   127 C CG  . LEU A 1 34  ? -9.724  -6.052  -1.464  1.00 15.70 ? 97  LEU A CG  1 
ATOM   128 C CD1 . LEU A 1 34  ? -10.182 -5.962  -2.890  1.00 17.39 ? 97  LEU A CD1 1 
ATOM   129 C CD2 . LEU A 1 34  ? -10.914 -5.951  -0.534  1.00 16.96 ? 97  LEU A CD2 1 
ATOM   130 N N   . ILE A 1 35  ? -7.986  -10.020 0.324   1.00 21.15 ? 98  ILE A N   1 
ATOM   131 C CA  . ILE A 1 35  ? -7.352  -11.272 -0.080  1.00 21.49 ? 98  ILE A CA  1 
ATOM   132 C C   . ILE A 1 35  ? -7.406  -11.325 -1.597  1.00 23.61 ? 98  ILE A C   1 
ATOM   133 O O   . ILE A 1 35  ? -8.519  -11.377 -2.175  1.00 22.39 ? 98  ILE A O   1 
ATOM   134 C CB  . ILE A 1 35  ? -8.060  -12.512 0.488   1.00 26.89 ? 98  ILE A CB  1 
ATOM   135 C CG1 . ILE A 1 35  ? -8.258  -12.359 1.988   1.00 28.06 ? 98  ILE A CG1 1 
ATOM   136 C CG2 . ILE A 1 35  ? -7.250  -13.777 0.134   1.00 26.21 ? 98  ILE A CG2 1 
ATOM   137 C CD1 . ILE A 1 35  ? -6.968  -12.211 2.717   1.00 28.56 ? 98  ILE A CD1 1 
ATOM   138 N N   . PRO A 1 36  ? -6.226  -11.248 -2.251  1.00 26.70 ? 99  PRO A N   1 
ATOM   139 C CA  . PRO A 1 36  ? -6.122  -11.187 -3.715  1.00 30.49 ? 99  PRO A CA  1 
ATOM   140 C C   . PRO A 1 36  ? -7.059  -12.173 -4.409  1.00 30.33 ? 99  PRO A C   1 
ATOM   141 O O   . PRO A 1 36  ? -7.847  -11.760 -5.248  1.00 34.20 ? 99  PRO A O   1 
ATOM   142 C CB  . PRO A 1 36  ? -4.653  -11.549 -3.965  1.00 33.13 ? 99  PRO A CB  1 
ATOM   143 C CG  . PRO A 1 36  ? -3.959  -10.928 -2.767  1.00 28.75 ? 99  PRO A CG  1 
ATOM   144 C CD  . PRO A 1 36  ? -4.895  -11.174 -1.620  1.00 26.08 ? 99  PRO A CD  1 
ATOM   145 N N   . GLU A 1 37  ? -7.002  -13.431 -4.002  1.00 28.99 ? 100 GLU A N   1 
ATOM   146 C CA  . GLU A 1 37  ? -7.778  -14.515 -4.602  1.00 34.74 ? 100 GLU A CA  1 
ATOM   147 C C   . GLU A 1 37  ? -9.262  -14.295 -4.590  1.00 31.71 ? 100 GLU A C   1 
ATOM   148 O O   . GLU A 1 37  ? -9.948  -14.699 -5.540  1.00 35.17 ? 100 GLU A O   1 
ATOM   149 C CB  . GLU A 1 37  ? -7.531  -15.824 -3.831  1.00 36.83 ? 100 GLU A CB  1 
ATOM   150 C CG  . GLU A 1 37  ? -6.086  -16.233 -3.734  1.00 39.42 ? 100 GLU A CG  1 
ATOM   151 C CD  . GLU A 1 37  ? -5.932  -17.705 -3.959  1.00 37.08 ? 100 GLU A CD  1 
ATOM   152 O OE1 . GLU A 1 37  ? -6.432  -18.465 -3.103  1.00 39.07 ? 100 GLU A OE1 1 
ATOM   153 O OE2 . GLU A 1 37  ? -5.339  -18.080 -4.988  1.00 34.46 ? 100 GLU A OE2 1 
ATOM   154 N N   . THR A 1 38  ? -9.769  -13.722 -3.502  1.00 29.56 ? 101 THR A N   1 
ATOM   155 C CA  . THR A 1 38  ? -11.207 -13.682 -3.234  1.00 26.07 ? 101 THR A CA  1 
ATOM   156 C C   . THR A 1 38  ? -11.864 -12.310 -3.428  1.00 25.43 ? 101 THR A C   1 
ATOM   157 O O   . THR A 1 38  ? -13.087 -12.223 -3.545  1.00 24.48 ? 101 THR A O   1 
ATOM   158 C CB  . THR A 1 38  ? -11.485 -14.140 -1.792  1.00 30.41 ? 101 THR A CB  1 
ATOM   159 O OG1 . THR A 1 38  ? -11.140 -13.096 -0.863  1.00 29.44 ? 101 THR A OG1 1 
ATOM   160 C CG2 . THR A 1 38  ? -10.670 -15.383 -1.476  1.00 31.45 ? 101 THR A CG2 1 
ATOM   161 N N   . GLY A 1 39  ? -11.074 -11.244 -3.397  1.00 21.87 ? 102 GLY A N   1 
ATOM   162 C CA  . GLY A 1 39  ? -11.613 -9.918  -3.500  1.00 22.66 ? 102 GLY A CA  1 
ATOM   163 C C   . GLY A 1 39  ? -12.430 -9.409  -2.328  1.00 20.88 ? 102 GLY A C   1 
ATOM   164 O O   . GLY A 1 39  ? -13.087 -8.391  -2.426  1.00 19.46 ? 102 GLY A O   1 
ATOM   165 N N   . LYS A 1 40  ? -12.381 -10.120 -1.221  1.00 20.71 ? 103 LYS A N   1 
ATOM   166 C CA  . LYS A 1 40  ? -13.015 -9.661  0.023   1.00 21.35 ? 103 LYS A CA  1 
ATOM   167 C C   . LYS A 1 40  ? -11.944 -9.122  0.961   1.00 19.57 ? 103 LYS A C   1 
ATOM   168 O O   . LYS A 1 40  ? -10.826 -9.595  0.956   1.00 18.08 ? 103 LYS A O   1 
ATOM   169 C CB  . LYS A 1 40  ? -13.777 -10.811 0.688   1.00 23.41 ? 103 LYS A CB  1 
ATOM   170 C CG  . LYS A 1 40  ? -14.779 -11.519 -0.220  1.00 28.44 ? 103 LYS A CG  1 
ATOM   171 C CD  . LYS A 1 40  ? -15.873 -10.580 -0.699  1.00 30.84 ? 103 LYS A CD  1 
ATOM   172 C CE  . LYS A 1 40  ? -16.871 -11.303 -1.630  1.00 34.52 ? 103 LYS A CE  1 
ATOM   173 N NZ  . LYS A 1 40  ? -17.922 -10.391 -2.175  1.00 32.86 ? 103 LYS A NZ  1 
ATOM   174 N N   . PHE A 1 41  ? -12.307 -8.153  1.775   1.00 20.17 ? 104 PHE A N   1 
ATOM   175 C CA  . PHE A 1 41  ? -11.421 -7.589  2.742   1.00 20.35 ? 104 PHE A CA  1 
ATOM   176 C C   . PHE A 1 41  ? -10.979 -8.653  3.716   1.00 19.86 ? 104 PHE A C   1 
ATOM   177 O O   . PHE A 1 41  ? -11.739 -9.500  4.088   1.00 18.67 ? 104 PHE A O   1 
ATOM   178 C CB  . PHE A 1 41  ? -12.088 -6.432  3.490   1.00 19.83 ? 104 PHE A CB  1 
ATOM   179 C CG  . PHE A 1 41  ? -12.195 -5.138  2.685   1.00 21.12 ? 104 PHE A CG  1 
ATOM   180 C CD1 . PHE A 1 41  ? -11.103 -4.287  2.500   1.00 20.08 ? 104 PHE A CD1 1 
ATOM   181 C CD2 . PHE A 1 41  ? -13.393 -4.784  2.121   1.00 21.36 ? 104 PHE A CD2 1 
ATOM   182 C CE1 . PHE A 1 41  ? -11.229 -3.118  1.798   1.00 18.47 ? 104 PHE A CE1 1 
ATOM   183 C CE2 . PHE A 1 41  ? -13.525 -3.625  1.398   1.00 20.28 ? 104 PHE A CE2 1 
ATOM   184 C CZ  . PHE A 1 41  ? -12.437 -2.787  1.228   1.00 20.19 ? 104 PHE A CZ  1 
ATOM   185 N N   . VAL A 1 42  ? -9.719  -8.598  4.107   1.00 18.89 ? 105 VAL A N   1 
ATOM   186 C CA  . VAL A 1 42  ? -9.169  -9.491  5.121   1.00 19.90 ? 105 VAL A CA  1 
ATOM   187 C C   . VAL A 1 42  ? -9.965  -9.414  6.449   1.00 18.59 ? 105 VAL A C   1 
ATOM   188 O O   . VAL A 1 42  ? -10.189 -10.413 7.054   1.00 21.16 ? 105 VAL A O   1 
ATOM   189 C CB  . VAL A 1 42  ? -7.667  -9.199  5.305   1.00 19.44 ? 105 VAL A CB  1 
ATOM   190 C CG1 . VAL A 1 42  ? -7.433  -7.794  5.817   1.00 19.14 ? 105 VAL A CG1 1 
ATOM   191 C CG2 . VAL A 1 42  ? -7.032  -10.189 6.212   1.00 21.02 ? 105 VAL A CG2 1 
ATOM   192 N N   . SER A 1 43  ? -10.406 -8.235  6.831   1.00 16.86 ? 106 SER A N   1 
ATOM   193 C CA  . SER A 1 43  ? -11.317 -7.965  7.929   1.00 19.95 ? 106 SER A CA  1 
ATOM   194 C C   . SER A 1 43  ? -11.786 -6.531  7.813   1.00 22.59 ? 106 SER A C   1 
ATOM   195 O O   . SER A 1 43  ? -11.326 -5.801  6.962   1.00 21.39 ? 106 SER A O   1 
ATOM   196 C CB  . SER A 1 43  ? -10.662 -8.202  9.298   1.00 20.33 ? 106 SER A CB  1 
ATOM   197 O OG  . SER A 1 43  ? -10.021 -7.058  9.778   1.00 21.04 ? 106 SER A OG  1 
ATOM   198 N N   . GLU A 1 44  ? -12.598 -6.112  8.756   1.00 21.47 ? 107 GLU A N   1 
ATOM   199 C CA  . GLU A 1 44  ? -13.056 -4.749  8.805   1.00 23.75 ? 107 GLU A CA  1 
ATOM   200 C C   . GLU A 1 44  ? -12.065 -3.752  9.436   1.00 23.45 ? 107 GLU A C   1 
ATOM   201 O O   . GLU A 1 44  ? -12.241 -2.583  9.308   1.00 21.97 ? 107 GLU A O   1 
ATOM   202 C CB  . GLU A 1 44  ? -14.445 -4.663  9.488   1.00 21.04 ? 107 GLU A CB  1 
ATOM   203 C CG  . GLU A 1 44  ? -14.438 -4.206  10.947  1.00 21.56 ? 107 GLU A CG  1 
ATOM   204 C CD  . GLU A 1 44  ? -13.905 -5.268  11.918  1.00 22.42 ? 107 GLU A CD  1 
ATOM   205 O OE1 . GLU A 1 44  ? -13.589 -6.402  11.511  1.00 22.36 ? 107 GLU A OE1 1 
ATOM   206 O OE2 . GLU A 1 44  ? -13.836 -5.005  13.126  1.00 22.61 ? 107 GLU A OE2 1 
ATOM   207 N N   . SER A 1 45  ? -11.080 -4.255  10.158  1.00 24.26 ? 108 SER A N   1 
ATOM   208 C CA  . SER A 1 45  ? -10.150 -3.422  10.909  1.00 23.19 ? 108 SER A CA  1 
ATOM   209 C C   . SER A 1 45  ? -9.005  -2.868  10.058  1.00 20.34 ? 108 SER A C   1 
ATOM   210 O O   . SER A 1 45  ? -8.417  -3.570  9.230   1.00 17.92 ? 108 SER A O   1 
ATOM   211 C CB  . SER A 1 45  ? -9.557  -4.189  12.068  1.00 21.82 ? 108 SER A CB  1 
ATOM   212 O OG  . SER A 1 45  ? -8.588  -5.092  11.646  1.00 24.71 ? 108 SER A OG  1 
ATOM   213 N N   . VAL A 1 46  ? -8.683  -1.611  10.317  1.00 19.43 ? 109 VAL A N   1 
ATOM   214 C CA  . VAL A 1 46  ? -7.574  -0.950  9.633   1.00 18.79 ? 109 VAL A CA  1 
ATOM   215 C C   . VAL A 1 46  ? -6.251  -1.682  9.940   1.00 17.31 ? 109 VAL A C   1 
ATOM   216 O O   . VAL A 1 46  ? -5.309  -1.664  9.155   1.00 14.97 ? 109 VAL A O   1 
ATOM   217 C CB  . VAL A 1 46  ? -7.486  0.524   10.057  1.00 19.50 ? 109 VAL A CB  1 
ATOM   218 C CG1 . VAL A 1 46  ? -7.140  0.643   11.562  1.00 22.01 ? 109 VAL A CG1 1 
ATOM   219 C CG2 . VAL A 1 46  ? -6.483  1.251   9.194   1.00 18.13 ? 109 VAL A CG2 1 
ATOM   220 N N   . GLU A 1 47  ? -6.193  -2.341  11.093  1.00 18.06 ? 110 GLU A N   1 
ATOM   221 C CA  . GLU A 1 47  ? -4.972  -2.995  11.492  1.00 18.23 ? 110 GLU A CA  1 
ATOM   222 C C   . GLU A 1 47  ? -4.656  -4.177  10.563  1.00 17.09 ? 110 GLU A C   1 
ATOM   223 O O   . GLU A 1 47  ? -3.545  -4.297  10.029  1.00 16.67 ? 110 GLU A O   1 
ATOM   224 C CB  . GLU A 1 47  ? -5.075  -3.406  12.962  1.00 21.64 ? 110 GLU A CB  1 
ATOM   225 C CG  . GLU A 1 47  ? -4.011  -4.392  13.376  1.00 24.31 ? 110 GLU A CG  1 
ATOM   226 C CD  . GLU A 1 47  ? -3.902  -4.550  14.870  1.00 31.53 ? 110 GLU A CD  1 
ATOM   227 O OE1 . GLU A 1 47  ? -4.335  -3.626  15.596  1.00 30.10 ? 110 GLU A OE1 1 
ATOM   228 O OE2 . GLU A 1 47  ? -3.362  -5.592  15.306  1.00 32.08 ? 110 GLU A OE2 1 
ATOM   229 N N   . ASP A 1 48  ? -5.646  -5.035  10.327  1.00 16.97 ? 111 ASP A N   1 
ATOM   230 C CA  . ASP A 1 48  ? -5.499  -6.132  9.344   1.00 17.22 ? 111 ASP A CA  1 
ATOM   231 C C   . ASP A 1 48  ? -5.377  -5.650  7.891   1.00 14.51 ? 111 ASP A C   1 
ATOM   232 O O   . ASP A 1 48  ? -4.570  -6.161  7.134   1.00 14.56 ? 111 ASP A O   1 
ATOM   233 C CB  . ASP A 1 48  ? -6.703  -7.108  9.436   1.00 16.88 ? 111 ASP A CB  1 
ATOM   234 C CG  . ASP A 1 48  ? -6.770  -7.843  10.750  1.00 18.97 ? 111 ASP A CG  1 
ATOM   235 O OD1 . ASP A 1 48  ? -5.728  -8.176  11.321  1.00 19.03 ? 111 ASP A OD1 1 
ATOM   236 O OD2 . ASP A 1 48  ? -7.875  -8.052  11.234  1.00 20.19 ? 111 ASP A OD2 1 
ATOM   237 N N   . GLN A 1 49  ? -6.223  -4.712  7.502   1.00 15.09 ? 112 GLN A N   1 
ATOM   238 C CA  . GLN A 1 49  ? -6.207  -4.190  6.125   1.00 16.24 ? 112 GLN A CA  1 
ATOM   239 C C   . GLN A 1 49  ? -4.861  -3.530  5.760   1.00 15.90 ? 112 GLN A C   1 
ATOM   240 O O   . GLN A 1 49  ? -4.354  -3.743  4.678   1.00 14.53 ? 112 GLN A O   1 
ATOM   241 C CB  . GLN A 1 49  ? -7.358  -3.218  5.870   1.00 15.88 ? 112 GLN A CB  1 
ATOM   242 C CG  . GLN A 1 49  ? -8.748  -3.864  5.822   1.00 15.90 ? 112 GLN A CG  1 
ATOM   243 C CD  . GLN A 1 49  ? -9.832  -2.833  5.553   1.00 18.10 ? 112 GLN A CD  1 
ATOM   244 O OE1 . GLN A 1 49  ? -9.556  -1.782  4.999   1.00 19.15 ? 112 GLN A OE1 1 
ATOM   245 N NE2 . GLN A 1 49  ? -11.083 -3.145  5.909   1.00 18.48 ? 112 GLN A NE2 1 
ATOM   246 N N   . THR A 1 50  ? -4.285  -2.761  6.676   1.00 16.37 ? 113 THR A N   1 
ATOM   247 C CA  . THR A 1 50  ? -3.006  -2.109  6.413   1.00 16.06 ? 113 THR A CA  1 
ATOM   248 C C   . THR A 1 50  ? -1.965  -3.152  6.109   1.00 16.87 ? 113 THR A C   1 
ATOM   249 O O   . THR A 1 50  ? -1.236  -3.063  5.115   1.00 16.97 ? 113 THR A O   1 
ATOM   250 C CB  . THR A 1 50  ? -2.546  -1.205  7.608   1.00 17.28 ? 113 THR A CB  1 
ATOM   251 O OG1 . THR A 1 50  ? -3.477  -0.162  7.819   1.00 16.70 ? 113 THR A OG1 1 
ATOM   252 C CG2 . THR A 1 50  ? -1.182  -0.574  7.340   1.00 14.58 ? 113 THR A CG2 1 
ATOM   253 N N   . GLU A 1 51  ? -1.894  -4.180  6.943   1.00 16.39 ? 114 GLU A N   1 
ATOM   254 C CA  . GLU A 1 51  ? -0.930  -5.245  6.748   1.00 17.07 ? 114 GLU A CA  1 
ATOM   255 C C   . GLU A 1 51  ? -1.192  -6.051  5.464   1.00 17.66 ? 114 GLU A C   1 
ATOM   256 O O   . GLU A 1 51  ? -0.281  -6.429  4.737   1.00 15.03 ? 114 GLU A O   1 
ATOM   257 C CB  . GLU A 1 51  ? -0.930  -6.145  7.977   1.00 22.61 ? 114 GLU A CB  1 
ATOM   258 C CG  . GLU A 1 51  ? -0.179  -7.409  7.775   1.00 26.27 ? 114 GLU A CG  1 
ATOM   259 C CD  . GLU A 1 51  ? 0.414   -7.914  9.061   1.00 29.37 ? 114 GLU A CD  1 
ATOM   260 O OE1 . GLU A 1 51  ? -0.380  -8.225  10.001  1.00 30.81 ? 114 GLU A OE1 1 
ATOM   261 O OE2 . GLU A 1 51  ? 1.663   -8.013  9.073   1.00 35.77 ? 114 GLU A OE2 1 
ATOM   262 N N   . GLN A 1 52  ? -2.452  -6.299  5.170   1.00 16.93 ? 115 GLN A N   1 
ATOM   263 C CA  . GLN A 1 52  ? -2.802  -6.955  3.929   1.00 17.20 ? 115 GLN A CA  1 
ATOM   264 C C   . GLN A 1 52  ? -2.417  -6.121  2.709   1.00 14.34 ? 115 GLN A C   1 
ATOM   265 O O   . GLN A 1 52  ? -1.935  -6.663  1.739   1.00 13.74 ? 115 GLN A O   1 
ATOM   266 C CB  . GLN A 1 52  ? -4.282  -7.243  3.862   1.00 16.38 ? 115 GLN A CB  1 
ATOM   267 C CG  . GLN A 1 52  ? -4.628  -8.132  2.685   1.00 17.35 ? 115 GLN A CG  1 
ATOM   268 C CD  . GLN A 1 52  ? -4.055  -9.524  2.830   1.00 21.28 ? 115 GLN A CD  1 
ATOM   269 O OE1 . GLN A 1 52  ? -4.075  -10.090 3.911   1.00 22.46 ? 115 GLN A OE1 1 
ATOM   270 N NE2 . GLN A 1 52  ? -3.502  -10.059 1.754   1.00 19.63 ? 115 GLN A NE2 1 
ATOM   271 N N   . VAL A 1 53  ? -2.615  -4.820  2.787   1.00 16.15 ? 116 VAL A N   1 
ATOM   272 C CA  . VAL A 1 53  ? -2.207  -3.889  1.717   1.00 12.25 ? 116 VAL A CA  1 
ATOM   273 C C   . VAL A 1 53  ? -0.715  -4.049  1.464   1.00 13.35 ? 116 VAL A C   1 
ATOM   274 O O   . VAL A 1 53  ? -0.276  -4.177  0.340   1.00 12.69 ? 116 VAL A O   1 
ATOM   275 C CB  . VAL A 1 53  ? -2.563  -2.413  2.027   1.00 12.34 ? 116 VAL A CB  1 
ATOM   276 C CG1 . VAL A 1 53  ? -1.857  -1.451  1.080   1.00 10.87 ? 116 VAL A CG1 1 
ATOM   277 C CG2 . VAL A 1 53  ? -4.058  -2.154  1.965   1.00 10.00 ? 116 VAL A CG2 1 
ATOM   278 N N   . LEU A 1 54  ? 0.068   -4.028  2.522   1.00 13.87 ? 117 LEU A N   1 
ATOM   279 C CA  . LEU A 1 54  ? 1.512   -4.082  2.394   1.00 13.96 ? 117 LEU A CA  1 
ATOM   280 C C   . LEU A 1 54  ? 1.988   -5.402  1.828   1.00 15.50 ? 117 LEU A C   1 
ATOM   281 O O   . LEU A 1 54  ? 2.868   -5.435  0.988   1.00 14.30 ? 117 LEU A O   1 
ATOM   282 C CB  . LEU A 1 54  ? 2.181   -3.727  3.709   1.00 15.23 ? 117 LEU A CB  1 
ATOM   283 C CG  . LEU A 1 54  ? 1.981   -2.250  4.083   1.00 14.32 ? 117 LEU A CG  1 
ATOM   284 C CD1 . LEU A 1 54  ? 2.144   -1.951  5.522   1.00 15.02 ? 117 LEU A CD1 1 
ATOM   285 C CD2 . LEU A 1 54  ? 2.906   -1.418  3.236   1.00 15.07 ? 117 LEU A CD2 1 
ATOM   286 N N   . LYS A 1 55  ? 1.367   -6.483  2.288   1.00 15.40 ? 118 LYS A N   1 
ATOM   287 C CA  . LYS A 1 55  ? 1.635   -7.816  1.761   1.00 18.38 ? 118 LYS A CA  1 
ATOM   288 C C   . LYS A 1 55  ? 1.307   -7.901  0.262   1.00 15.83 ? 118 LYS A C   1 
ATOM   289 O O   . LYS A 1 55  ? 2.113   -8.345  -0.524  1.00 14.73 ? 118 LYS A O   1 
ATOM   290 C CB  . LYS A 1 55  ? 0.824   -8.867  2.533   1.00 17.85 ? 118 LYS A CB  1 
ATOM   291 C CG  . LYS A 1 55  ? 1.401   -9.304  3.838   1.00 19.93 ? 118 LYS A CG  1 
ATOM   292 C CD  . LYS A 1 55  ? 0.357   -10.117 4.597   1.00 27.04 ? 118 LYS A CD  1 
ATOM   293 C CE  . LYS A 1 55  ? 0.728   -10.432 6.024   1.00 25.84 ? 118 LYS A CE  1 
ATOM   294 N NZ  . LYS A 1 55  ? -0.339  -11.293 6.622   1.00 30.87 ? 118 LYS A NZ  1 
ATOM   295 N N   . ASN A 1 56  ? 0.143   -7.375  -0.102  1.00 13.42 ? 119 ASN A N   1 
ATOM   296 C CA  . ASN A 1 56  ? -0.301  -7.362  -1.472  1.00 13.11 ? 119 ASN A CA  1 
ATOM   297 C C   . ASN A 1 56  ? 0.667   -6.568  -2.316  1.00 15.48 ? 119 ASN A C   1 
ATOM   298 O O   . ASN A 1 56  ? 1.051   -6.995  -3.403  1.00 13.03 ? 119 ASN A O   1 
ATOM   299 C CB  . ASN A 1 56  ? -1.684  -6.728  -1.608  1.00 13.70 ? 119 ASN A CB  1 
ATOM   300 C CG  . ASN A 1 56  ? -2.826  -7.607  -1.072  1.00 16.94 ? 119 ASN A CG  1 
ATOM   301 O OD1 . ASN A 1 56  ? -2.647  -8.736  -0.732  1.00 14.54 ? 119 ASN A OD1 1 
ATOM   302 N ND2 . ASN A 1 56  ? -3.996  -7.037  -0.992  1.00 16.15 ? 119 ASN A ND2 1 
ATOM   303 N N   . MET A 1 57  ? 1.104   -5.428  -1.780  1.00 12.55 ? 120 MET A N   1 
ATOM   304 C CA  . MET A 1 57  ? 2.043   -4.577  -2.469  1.00 15.79 ? 120 MET A CA  1 
ATOM   305 C C   . MET A 1 57  ? 3.363   -5.311  -2.724  1.00 17.36 ? 120 MET A C   1 
ATOM   306 O O   . MET A 1 57  ? 3.883   -5.234  -3.806  1.00 18.37 ? 120 MET A O   1 
ATOM   307 C CB  . MET A 1 57  ? 2.387   -3.334  -1.643  1.00 15.02 ? 120 MET A CB  1 
ATOM   308 C CG  . MET A 1 57  ? 1.261   -2.377  -1.411  1.00 23.40 ? 120 MET A CG  1 
ATOM   309 S SD  . MET A 1 57  ? 1.784   -0.841  -0.624  1.00 30.51 ? 120 MET A SD  1 
ATOM   310 C CE  . MET A 1 57  ? 3.193   -0.458  -1.640  1.00 14.23 ? 120 MET A CE  1 
ATOM   311 N N   . GLY A 1 58  ? 3.841   -6.051  -1.745  1.00 15.88 ? 121 GLY A N   1 
ATOM   312 C CA  . GLY A 1 58  ? 5.082   -6.788  -1.893  1.00 18.25 ? 121 GLY A CA  1 
ATOM   313 C C   . GLY A 1 58  ? 4.992   -7.796  -3.007  1.00 17.66 ? 121 GLY A C   1 
ATOM   314 O O   . GLY A 1 58  ? 5.876   -7.864  -3.816  1.00 17.53 ? 121 GLY A O   1 
ATOM   315 N N   . GLU A 1 59  ? 3.859   -8.473  -3.088  1.00 20.35 ? 122 GLU A N   1 
ATOM   316 C CA  . GLU A 1 59  ? 3.608   -9.436  -4.187  1.00 21.19 ? 122 GLU A CA  1 
ATOM   317 C C   . GLU A 1 59  ? 3.592   -8.804  -5.561  1.00 17.44 ? 122 GLU A C   1 
ATOM   318 O O   . GLU A 1 59  ? 4.196   -9.306  -6.495  1.00 16.38 ? 122 GLU A O   1 
ATOM   319 C CB  . GLU A 1 59  ? 2.290   -10.158 -3.957  1.00 22.42 ? 122 GLU A CB  1 
ATOM   320 C CG  . GLU A 1 59  ? 2.297   -10.996 -2.709  1.00 29.31 ? 122 GLU A CG  1 
ATOM   321 C CD  . GLU A 1 59  ? 3.460   -11.951 -2.669  1.00 36.27 ? 122 GLU A CD  1 
ATOM   322 O OE1 . GLU A 1 59  ? 3.660   -12.679 -3.647  1.00 42.93 ? 122 GLU A OE1 1 
ATOM   323 O OE2 . GLU A 1 59  ? 4.220   -11.959 -1.695  1.00 41.65 ? 122 GLU A OE2 1 
ATOM   324 N N   . ILE A 1 60  ? 2.931   -7.680  -5.693  1.00 14.60 ? 123 ILE A N   1 
ATOM   325 C CA  . ILE A 1 60  ? 2.864   -6.986  -6.935  1.00 15.36 ? 123 ILE A CA  1 
ATOM   326 C C   . ILE A 1 60  ? 4.235   -6.454  -7.367  1.00 14.96 ? 123 ILE A C   1 
ATOM   327 O O   . ILE A 1 60  ? 4.628   -6.603  -8.496  1.00 17.52 ? 123 ILE A O   1 
ATOM   328 C CB  . ILE A 1 60  ? 1.830   -5.835  -6.849  1.00 16.95 ? 123 ILE A CB  1 
ATOM   329 C CG1 . ILE A 1 60  ? 0.425   -6.382  -6.657  1.00 19.57 ? 123 ILE A CG1 1 
ATOM   330 C CG2 . ILE A 1 60  ? 1.881   -4.970  -8.063  1.00 14.03 ? 123 ILE A CG2 1 
ATOM   331 C CD1 . ILE A 1 60  ? -0.508  -5.353  -6.100  1.00 22.87 ? 123 ILE A CD1 1 
ATOM   332 N N   . LEU A 1 61  ? 4.957   -5.895  -6.426  1.00 13.80 ? 124 LEU A N   1 
ATOM   333 C CA  . LEU A 1 61  ? 6.288   -5.384  -6.678  1.00 13.76 ? 124 LEU A CA  1 
ATOM   334 C C   . LEU A 1 61  ? 7.241   -6.492  -7.113  1.00 15.37 ? 124 LEU A C   1 
ATOM   335 O O   . LEU A 1 61  ? 7.860   -6.361  -8.125  1.00 17.43 ? 124 LEU A O   1 
ATOM   336 C CB  . LEU A 1 61  ? 6.861   -4.701  -5.458  1.00 14.76 ? 124 LEU A CB  1 
ATOM   337 C CG  . LEU A 1 61  ? 6.297   -3.348  -5.001  1.00 14.29 ? 124 LEU A CG  1 
ATOM   338 C CD1 . LEU A 1 61  ? 6.684   -3.012  -3.585  1.00 13.39 ? 124 LEU A CD1 1 
ATOM   339 C CD2 . LEU A 1 61  ? 6.740   -2.254  -5.941  1.00 14.71 ? 124 LEU A CD2 1 
ATOM   340 N N   . LYS A 1 62  ? 7.268   -7.597  -6.412  1.00 15.64 ? 125 LYS A N   1 
ATOM   341 C CA  . LYS A 1 62  ? 8.135   -8.688  -6.757  1.00 17.30 ? 125 LYS A CA  1 
ATOM   342 C C   . LYS A 1 62  ? 7.816   -9.292  -8.119  1.00 18.53 ? 125 LYS A C   1 
ATOM   343 O O   . LYS A 1 62  ? 8.710   -9.573  -8.895  1.00 21.15 ? 125 LYS A O   1 
ATOM   344 C CB  . LYS A 1 62  ? 8.124   -9.764  -5.694  1.00 19.08 ? 125 LYS A CB  1 
ATOM   345 C CG  . LYS A 1 62  ? 8.730   -9.354  -4.385  1.00 19.88 ? 125 LYS A CG  1 
ATOM   346 C CD  . LYS A 1 62  ? 8.533   -10.455 -3.368  1.00 26.22 ? 125 LYS A CD  1 
ATOM   347 C CE  . LYS A 1 62  ? 9.418   -10.270 -2.151  1.00 27.32 ? 125 LYS A CE  1 
ATOM   348 N NZ  . LYS A 1 62  ? 8.972   -9.233  -1.187  1.00 27.04 ? 125 LYS A NZ  1 
ATOM   349 N N   . ALA A 1 63  ? 6.538   -9.446  -8.417  1.00 18.47 ? 126 ALA A N   1 
ATOM   350 C CA  . ALA A 1 63  ? 6.099   -9.991  -9.696  1.00 21.49 ? 126 ALA A CA  1 
ATOM   351 C C   . ALA A 1 63  ? 6.588   -9.109  -10.828 1.00 21.89 ? 126 ALA A C   1 
ATOM   352 O O   . ALA A 1 63  ? 6.858   -9.550  -11.915 1.00 21.51 ? 126 ALA A O   1 
ATOM   353 C CB  . ALA A 1 63  ? 4.595   -10.120 -9.733  1.00 19.15 ? 126 ALA A CB  1 
ATOM   354 N N   . SER A 1 64  ? 6.627   -7.823  -10.532 1.00 19.24 ? 127 SER A N   1 
ATOM   355 C CA  . SER A 1 64  ? 7.102   -6.799  -11.400 1.00 20.59 ? 127 SER A CA  1 
ATOM   356 C C   . SER A 1 64  ? 8.656   -6.642  -11.497 1.00 20.85 ? 127 SER A C   1 
ATOM   357 O O   . SER A 1 64  ? 9.150   -5.909  -12.298 1.00 21.32 ? 127 SER A O   1 
ATOM   358 C CB  . SER A 1 64  ? 6.419   -5.506  -10.973 1.00 22.74 ? 127 SER A CB  1 
ATOM   359 O OG  . SER A 1 64  ? 6.557   -4.605  -11.982 1.00 30.96 ? 127 SER A OG  1 
ATOM   360 N N   . GLY A 1 65  ? 9.386   -7.388  -10.680 1.00 20.51 ? 128 GLY A N   1 
ATOM   361 C CA  . GLY A 1 65  ? 10.821  -7.311  -10.579 1.00 20.78 ? 128 GLY A CA  1 
ATOM   362 C C   . GLY A 1 65  ? 11.321  -6.233  -9.679  1.00 21.48 ? 128 GLY A C   1 
ATOM   363 O O   . GLY A 1 65  ? 12.474  -5.872  -9.745  1.00 22.91 ? 128 GLY A O   1 
ATOM   364 N N   . ALA A 1 66  ? 10.441  -5.669  -8.880  1.00 19.89 ? 129 ALA A N   1 
ATOM   365 C CA  . ALA A 1 66  ? 10.792  -4.668  -7.855  1.00 20.83 ? 129 ALA A CA  1 
ATOM   366 C C   . ALA A 1 66  ? 10.711  -5.341  -6.518  1.00 18.48 ? 129 ALA A C   1 
ATOM   367 O O   . ALA A 1 66  ? 10.455  -6.500  -6.411  1.00 18.80 ? 129 ALA A O   1 
ATOM   368 C CB  . ALA A 1 66  ? 9.836   -3.496  -7.901  1.00 18.78 ? 129 ALA A CB  1 
ATOM   369 N N   . ASP A 1 67  ? 10.911  -4.573  -5.475  1.00 18.68 ? 130 ASP A N   1 
ATOM   370 C CA  . ASP A 1 67  ? 10.695  -5.030  -4.134  1.00 18.64 ? 130 ASP A CA  1 
ATOM   371 C C   . ASP A 1 67  ? 10.515  -3.857  -3.158  1.00 18.67 ? 130 ASP A C   1 
ATOM   372 O O   . ASP A 1 67  ? 10.677  -2.696  -3.526  1.00 15.44 ? 130 ASP A O   1 
ATOM   373 C CB  . ASP A 1 67  ? 11.846  -5.925  -3.688  1.00 22.48 ? 130 ASP A CB  1 
ATOM   374 C CG  . ASP A 1 67  ? 11.447  -6.895  -2.555  1.00 26.89 ? 130 ASP A CG  1 
ATOM   375 O OD1 . ASP A 1 67  ? 10.286  -7.050  -2.140  1.00 25.41 ? 130 ASP A OD1 1 
ATOM   376 O OD2 . ASP A 1 67  ? 12.334  -7.581  -2.111  1.00 38.72 ? 130 ASP A OD2 1 
ATOM   377 N N   . TYR A 1 68  ? 10.185  -4.157  -1.897  1.00 15.14 ? 131 TYR A N   1 
ATOM   378 C CA  . TYR A 1 68  ? 9.951   -3.072  -0.942  1.00 15.92 ? 131 TYR A CA  1 
ATOM   379 C C   . TYR A 1 68  ? 11.134  -2.081  -0.947  1.00 20.13 ? 131 TYR A C   1 
ATOM   380 O O   . TYR A 1 68  ? 10.921  -0.884  -0.851  1.00 17.29 ? 131 TYR A O   1 
ATOM   381 C CB  . TYR A 1 68  ? 9.745   -3.606  0.467   1.00 18.89 ? 131 TYR A CB  1 
ATOM   382 C CG  . TYR A 1 68  ? 8.508   -4.469  0.670   1.00 16.66 ? 131 TYR A CG  1 
ATOM   383 C CD1 . TYR A 1 68  ? 7.251   -3.896  0.688   1.00 16.21 ? 131 TYR A CD1 1 
ATOM   384 C CD2 . TYR A 1 68  ? 8.610   -5.844  0.885   1.00 19.92 ? 131 TYR A CD2 1 
ATOM   385 C CE1 . TYR A 1 68  ? 6.111   -4.667  0.901   1.00 18.54 ? 131 TYR A CE1 1 
ATOM   386 C CE2 . TYR A 1 68  ? 7.485   -6.626  1.076   1.00 18.59 ? 131 TYR A CE2 1 
ATOM   387 C CZ  . TYR A 1 68  ? 6.231   -6.033  1.092   1.00 17.37 ? 131 TYR A CZ  1 
ATOM   388 O OH  . TYR A 1 68  ? 5.091   -6.781  1.316   1.00 17.71 ? 131 TYR A OH  1 
ATOM   389 N N   . SER A 1 69  ? 12.382  -2.603  -1.028  1.00 18.07 ? 132 SER A N   1 
ATOM   390 C CA  . SER A 1 69  ? 13.596  -1.757  -1.008  1.00 18.74 ? 132 SER A CA  1 
ATOM   391 C C   . SER A 1 69  ? 13.808  -0.887  -2.252  1.00 18.47 ? 132 SER A C   1 
ATOM   392 O O   . SER A 1 69  ? 14.638  0.006   -2.243  1.00 17.74 ? 132 SER A O   1 
ATOM   393 C CB  . SER A 1 69  ? 14.841  -2.626  -0.819  1.00 18.61 ? 132 SER A CB  1 
ATOM   394 O OG  . SER A 1 69  ? 14.838  -3.632  -1.847  1.00 25.52 ? 132 SER A OG  1 
ATOM   395 N N   . SER A 1 70  ? 13.074  -1.144  -3.328  1.00 18.74 ? 133 SER A N   1 
ATOM   396 C CA  . SER A 1 70  ? 13.165  -0.323  -4.516  1.00 17.15 ? 133 SER A CA  1 
ATOM   397 C C   . SER A 1 70  ? 12.023  0.698   -4.652  1.00 16.33 ? 133 SER A C   1 
ATOM   398 O O   . SER A 1 70  ? 11.978  1.477   -5.613  1.00 16.94 ? 133 SER A O   1 
ATOM   399 C CB  . SER A 1 70  ? 13.333  -1.191  -5.778  1.00 18.51 ? 133 SER A CB  1 
ATOM   400 O OG  . SER A 1 70  ? 12.119  -1.624  -6.297  1.00 19.16 ? 133 SER A OG  1 
ATOM   401 N N   . VAL A 1 71  ? 11.149  0.762   -3.648  1.00 15.32 ? 134 VAL A N   1 
ATOM   402 C CA  . VAL A 1 71  ? 10.054  1.726   -3.682  1.00 12.90 ? 134 VAL A CA  1 
ATOM   403 C C   . VAL A 1 71  ? 10.619  3.103   -3.423  1.00 14.73 ? 134 VAL A C   1 
ATOM   404 O O   . VAL A 1 71  ? 11.404  3.268   -2.510  1.00 14.07 ? 134 VAL A O   1 
ATOM   405 C CB  . VAL A 1 71  ? 8.972   1.388   -2.661  1.00 13.76 ? 134 VAL A CB  1 
ATOM   406 C CG1 . VAL A 1 71  ? 7.907   2.470   -2.663  1.00 12.15 ? 134 VAL A CG1 1 
ATOM   407 C CG2 . VAL A 1 71  ? 8.371   0.035   -3.025  1.00 12.21 ? 134 VAL A CG2 1 
ATOM   408 N N   . VAL A 1 72  ? 10.229  4.080   -4.224  1.00 11.52 ? 135 VAL A N   1 
ATOM   409 C CA  . VAL A 1 72  ? 10.738  5.443   -4.066  1.00 13.46 ? 135 VAL A CA  1 
ATOM   410 C C   . VAL A 1 72  ? 9.724   6.436   -3.527  1.00 12.87 ? 135 VAL A C   1 
ATOM   411 O O   . VAL A 1 72  ? 10.086  7.451   -2.931  1.00 11.12 ? 135 VAL A O   1 
ATOM   412 C CB  . VAL A 1 72  ? 11.339  5.988   -5.368  1.00 14.05 ? 135 VAL A CB  1 
ATOM   413 C CG1 . VAL A 1 72  ? 12.527  5.111   -5.822  1.00 14.76 ? 135 VAL A CG1 1 
ATOM   414 C CG2 . VAL A 1 72  ? 10.291  6.116   -6.450  1.00 14.37 ? 135 VAL A CG2 1 
ATOM   415 N N   . LYS A 1 73  ? 8.452   6.141   -3.727  1.00 11.54 ? 136 LYS A N   1 
ATOM   416 C CA  . LYS A 1 73  ? 7.378   7.060   -3.329  1.00 10.99 ? 136 LYS A CA  1 
ATOM   417 C C   . LYS A 1 73  ? 6.093   6.294   -3.032  1.00 14.35 ? 136 LYS A C   1 
ATOM   418 O O   . LYS A 1 73  ? 5.695   5.425   -3.794  1.00 11.72 ? 136 LYS A O   1 
ATOM   419 C CB  . LYS A 1 73  ? 7.129   8.102   -4.411  1.00 12.45 ? 136 LYS A CB  1 
ATOM   420 C CG  . LYS A 1 73  ? 5.893   8.979   -4.201  1.00 14.00 ? 136 LYS A CG  1 
ATOM   421 C CD  . LYS A 1 73  ? 6.020   9.835   -2.946  1.00 13.30 ? 136 LYS A CD  1 
ATOM   422 C CE  . LYS A 1 73  ? 4.987   10.952  -2.882  1.00 15.93 ? 136 LYS A CE  1 
ATOM   423 N NZ  . LYS A 1 73  ? 3.572   10.446  -2.867  1.00 15.22 ? 136 LYS A NZ  1 
ATOM   424 N N   . THR A 1 74  ? 5.468   6.598   -1.895  1.00 12.81 ? 137 THR A N   1 
ATOM   425 C CA  . THR A 1 74  ? 4.186   6.022   -1.571  1.00 12.92 ? 137 THR A CA  1 
ATOM   426 C C   . THR A 1 74  ? 3.166   7.132   -1.274  1.00 13.11 ? 137 THR A C   1 
ATOM   427 O O   . THR A 1 74  ? 3.506   8.267   -0.977  1.00 11.89 ? 137 THR A O   1 
ATOM   428 C CB  . THR A 1 74  ? 4.271   5.104   -0.333  1.00 13.57 ? 137 THR A CB  1 
ATOM   429 O OG1 . THR A 1 74  ? 4.652   5.891   0.823   1.00 14.97 ? 137 THR A OG1 1 
ATOM   430 C CG2 . THR A 1 74  ? 5.307   3.989   -0.515  1.00 13.15 ? 137 THR A CG2 1 
ATOM   431 N N   . THR A 1 75  ? 1.909   6.766   -1.333  1.00 12.90 ? 138 THR A N   1 
ATOM   432 C CA  . THR A 1 75  ? 0.843   7.643   -0.916  1.00 14.27 ? 138 THR A CA  1 
ATOM   433 C C   . THR A 1 75  ? -0.146  6.803   -0.138  1.00 13.11 ? 138 THR A C   1 
ATOM   434 O O   . THR A 1 75  ? -0.650  5.789   -0.646  1.00 12.64 ? 138 THR A O   1 
ATOM   435 C CB  . THR A 1 75  ? 0.130   8.335   -2.079  1.00 14.91 ? 138 THR A CB  1 
ATOM   436 O OG1 . THR A 1 75  ? 1.086   9.102   -2.816  1.00 15.90 ? 138 THR A OG1 1 
ATOM   437 C CG2 . THR A 1 75  ? -0.948  9.258   -1.557  1.00 14.44 ? 138 THR A CG2 1 
ATOM   438 N N   . ILE A 1 76  ? -0.379  7.206   1.103   1.00 11.73 ? 139 ILE A N   1 
ATOM   439 C CA  . ILE A 1 76  ? -1.322  6.529   1.996   1.00 13.40 ? 139 ILE A CA  1 
ATOM   440 C C   . ILE A 1 76  ? -2.612  7.351   2.115   1.00 13.22 ? 139 ILE A C   1 
ATOM   441 O O   . ILE A 1 76  ? -2.616  8.484   2.611   1.00 13.61 ? 139 ILE A O   1 
ATOM   442 C CB  . ILE A 1 76  ? -0.716  6.291   3.399   1.00 14.59 ? 139 ILE A CB  1 
ATOM   443 C CG1 . ILE A 1 76  ? 0.539   5.442   3.315   1.00 15.42 ? 139 ILE A CG1 1 
ATOM   444 C CG2 . ILE A 1 76  ? -1.706  5.640   4.335   1.00 15.33 ? 139 ILE A CG2 1 
ATOM   445 C CD1 . ILE A 1 76  ? 1.341   5.440   4.568   1.00 18.43 ? 139 ILE A CD1 1 
ATOM   446 N N   . MET A 1 77  ? -3.693  6.760   1.642   1.00 13.74 ? 140 MET A N   1 
ATOM   447 C CA  . MET A 1 77  ? -5.018  7.332   1.744   1.00 14.93 ? 140 MET A CA  1 
ATOM   448 C C   . MET A 1 77  ? -5.801  6.609   2.863   1.00 16.26 ? 140 MET A C   1 
ATOM   449 O O   . MET A 1 77  ? -6.005  5.401   2.827   1.00 14.70 ? 140 MET A O   1 
ATOM   450 C CB  . MET A 1 77  ? -5.746  7.248   0.394   1.00 16.15 ? 140 MET A CB  1 
ATOM   451 C CG  . MET A 1 77  ? -4.991  7.924   -0.754  1.00 20.02 ? 140 MET A CG  1 
ATOM   452 S SD  . MET A 1 77  ? -5.149  7.038   -2.306  1.00 25.66 ? 140 MET A SD  1 
ATOM   453 C CE  . MET A 1 77  ? -3.875  5.824   -2.169  1.00 27.09 ? 140 MET A CE  1 
ATOM   454 N N   . LEU A 1 78  ? -6.208  7.384   3.864   1.00 15.31 ? 141 LEU A N   1 
ATOM   455 C CA  . LEU A 1 78  ? -6.874  6.854   5.025   1.00 15.77 ? 141 LEU A CA  1 
ATOM   456 C C   . LEU A 1 78  ? -8.347  7.260   5.126   1.00 14.72 ? 141 LEU A C   1 
ATOM   457 O O   . LEU A 1 78  ? -8.712  8.354   4.773   1.00 14.05 ? 141 LEU A O   1 
ATOM   458 C CB  . LEU A 1 78  ? -6.129  7.316   6.287   1.00 15.40 ? 141 LEU A CB  1 
ATOM   459 C CG  . LEU A 1 78  ? -4.693  6.843   6.504   1.00 15.66 ? 141 LEU A CG  1 
ATOM   460 C CD1 . LEU A 1 78  ? -4.107  7.429   7.756   1.00 17.31 ? 141 LEU A CD1 1 
ATOM   461 C CD2 . LEU A 1 78  ? -4.638  5.312   6.568   1.00 18.70 ? 141 LEU A CD2 1 
ATOM   462 N N   . ALA A 1 79  ? -9.172  6.360   5.653   1.00 15.38 ? 142 ALA A N   1 
ATOM   463 C CA  . ALA A 1 79  ? -10.545 6.693   6.012   1.00 17.78 ? 142 ALA A CA  1 
ATOM   464 C C   . ALA A 1 79  ? -10.574 7.588   7.238   1.00 16.82 ? 142 ALA A C   1 
ATOM   465 O O   . ALA A 1 79  ? -11.419 8.450   7.352   1.00 18.13 ? 142 ALA A O   1 
ATOM   466 C CB  . ALA A 1 79  ? -11.371 5.427   6.285   1.00 17.96 ? 142 ALA A CB  1 
ATOM   467 N N   . ASP A 1 80  ? -9.622  7.390   8.141   1.00 16.52 ? 143 ASP A N   1 
ATOM   468 C CA  . ASP A 1 80  ? -9.595  8.130   9.382   1.00 17.55 ? 143 ASP A CA  1 
ATOM   469 C C   . ASP A 1 80  ? -8.161  8.334   9.841   1.00 18.25 ? 143 ASP A C   1 
ATOM   470 O O   . ASP A 1 80  ? -7.469  7.386   10.133  1.00 16.91 ? 143 ASP A O   1 
ATOM   471 C CB  . ASP A 1 80  ? -10.426 7.370   10.427  1.00 19.16 ? 143 ASP A CB  1 
ATOM   472 C CG  . ASP A 1 80  ? -10.628 8.145   11.712  1.00 20.25 ? 143 ASP A CG  1 
ATOM   473 O OD1 . ASP A 1 80  ? -9.998  9.181   11.935  1.00 22.80 ? 143 ASP A OD1 1 
ATOM   474 O OD2 . ASP A 1 80  ? -11.427 7.662   12.523  1.00 22.07 ? 143 ASP A OD2 1 
ATOM   475 N N   . LEU A 1 81  ? -7.717  9.591   9.900   1.00 16.25 ? 144 LEU A N   1 
ATOM   476 C CA  . LEU A 1 81  ? -6.363  9.876   10.330  1.00 18.70 ? 144 LEU A CA  1 
ATOM   477 C C   . LEU A 1 81  ? -6.082  9.522   11.785  1.00 19.43 ? 144 LEU A C   1 
ATOM   478 O O   . LEU A 1 81  ? -4.930  9.441   12.182  1.00 20.46 ? 144 LEU A O   1 
ATOM   479 C CB  . LEU A 1 81  ? -5.960  11.343  10.080  1.00 18.94 ? 144 LEU A CB  1 
ATOM   480 C CG  . LEU A 1 81  ? -5.064  11.573  8.848   1.00 17.81 ? 144 LEU A CG  1 
ATOM   481 C CD1 . LEU A 1 81  ? -4.944  13.041  8.567   1.00 19.73 ? 144 LEU A CD1 1 
ATOM   482 C CD2 . LEU A 1 81  ? -3.709  10.978  9.056   1.00 17.26 ? 144 LEU A CD2 1 
ATOM   483 N N   . ALA A 1 82  ? -7.130  9.264   12.561  1.00 21.78 ? 145 ALA A N   1 
ATOM   484 C CA  . ALA A 1 82  ? -6.958  8.751   13.925  1.00 23.57 ? 145 ALA A CA  1 
ATOM   485 C C   . ALA A 1 82  ? -6.241  7.411   13.905  1.00 22.97 ? 145 ALA A C   1 
ATOM   486 O O   . ALA A 1 82  ? -5.570  7.052   14.855  1.00 21.75 ? 145 ALA A O   1 
ATOM   487 C CB  . ALA A 1 82  ? -8.298  8.620   14.638  1.00 23.15 ? 145 ALA A CB  1 
ATOM   488 N N   . ASP A 1 83  ? -6.297  6.725   12.774  1.00 20.96 ? 146 ASP A N   1 
ATOM   489 C CA  . ASP A 1 83  ? -5.604  5.444   12.590  1.00 21.41 ? 146 ASP A CA  1 
ATOM   490 C C   . ASP A 1 83  ? -4.128  5.546   12.295  1.00 22.51 ? 146 ASP A C   1 
ATOM   491 O O   . ASP A 1 83  ? -3.481  4.548   12.057  1.00 23.53 ? 146 ASP A O   1 
ATOM   492 C CB  . ASP A 1 83  ? -6.268  4.662   11.430  1.00 21.33 ? 146 ASP A CB  1 
ATOM   493 C CG  . ASP A 1 83  ? -7.650  4.217   11.745  1.00 21.76 ? 146 ASP A CG  1 
ATOM   494 O OD1 . ASP A 1 83  ? -7.964  4.072   12.948  1.00 22.25 ? 146 ASP A OD1 1 
ATOM   495 O OD2 . ASP A 1 83  ? -8.444  4.022   10.788  1.00 20.95 ? 146 ASP A OD2 1 
ATOM   496 N N   . PHE A 1 84  ? -3.596  6.702   12.394  1.00 23.39 ? 147 PHE A N   1 
ATOM   497 C CA  . PHE A 1 84  ? -2.281  6.922   11.862  1.00 25.86 ? 147 PHE A CA  1 
ATOM   498 C C   . PHE A 1 84  ? -1.158  6.157   12.588  1.00 24.05 ? 147 PHE A C   1 
ATOM   499 O O   . PHE A 1 84  ? -0.305  5.607   11.949  1.00 22.79 ? 147 PHE A O   1 
ATOM   500 C CB  . PHE A 1 84  ? -1.929  8.397   11.797  1.00 28.04 ? 147 PHE A CB  1 
ATOM   501 C CG  . PHE A 1 84  ? -0.524  8.621   11.277  1.00 37.05 ? 147 PHE A CG  1 
ATOM   502 C CD1 . PHE A 1 84  ? -0.249  8.590   9.917   1.00 34.25 ? 147 PHE A CD1 1 
ATOM   503 C CD2 . PHE A 1 84  ? 0.551   8.755   12.183  1.00 40.82 ? 147 PHE A CD2 1 
ATOM   504 C CE1 . PHE A 1 84  ? 1.052   8.722   9.456   1.00 35.58 ? 147 PHE A CE1 1 
ATOM   505 C CE2 . PHE A 1 84  ? 1.857   8.864   11.729  1.00 42.49 ? 147 PHE A CE2 1 
ATOM   506 C CZ  . PHE A 1 84  ? 2.099   8.842   10.358  1.00 39.36 ? 147 PHE A CZ  1 
ATOM   507 N N   . LYS A 1 85  ? -1.227  6.132   13.916  1.00 21.04 ? 148 LYS A N   1 
ATOM   508 C CA  . LYS A 1 85  ? -0.222  5.424   14.698  1.00 24.68 ? 148 LYS A CA  1 
ATOM   509 C C   . LYS A 1 85  ? -0.211  3.945   14.378  1.00 23.78 ? 148 LYS A C   1 
ATOM   510 O O   . LYS A 1 85  ? 0.835   3.411   14.124  1.00 27.66 ? 148 LYS A O   1 
ATOM   511 C CB  . LYS A 1 85  ? -0.417  5.644   16.224  1.00 26.00 ? 148 LYS A CB  1 
ATOM   512 N N   . THR A 1 86  ? -1.369  3.299   14.351  1.00 22.42 ? 149 THR A N   1 
ATOM   513 C CA  . THR A 1 86  ? -1.398  1.880   13.991  1.00 25.66 ? 149 THR A CA  1 
ATOM   514 C C   . THR A 1 86  ? -0.858  1.669   12.546  1.00 22.64 ? 149 THR A C   1 
ATOM   515 O O   . THR A 1 86  ? -0.008  0.825   12.322  1.00 20.82 ? 149 THR A O   1 
ATOM   516 C CB  . THR A 1 86  ? -2.808  1.307   14.111  1.00 25.41 ? 149 THR A CB  1 
ATOM   517 O OG1 . THR A 1 86  ? -3.207  1.317   15.454  1.00 29.63 ? 149 THR A OG1 1 
ATOM   518 C CG2 . THR A 1 86  ? -2.890  -0.088  13.608  1.00 28.60 ? 149 THR A CG2 1 
ATOM   519 N N   . VAL A 1 87  ? -1.317  2.500   11.620  1.00 19.17 ? 150 VAL A N   1 
ATOM   520 C CA  . VAL A 1 87  ? -0.880  2.413   10.242  1.00 18.96 ? 150 VAL A CA  1 
ATOM   521 C C   . VAL A 1 87  ? 0.623   2.587   10.126  1.00 17.32 ? 150 VAL A C   1 
ATOM   522 O O   . VAL A 1 87  ? 1.272   1.801   9.497   1.00 19.59 ? 150 VAL A O   1 
ATOM   523 C CB  . VAL A 1 87  ? -1.632  3.450   9.363   1.00 17.93 ? 150 VAL A CB  1 
ATOM   524 C CG1 . VAL A 1 87  ? -1.048  3.506   7.979   1.00 17.51 ? 150 VAL A CG1 1 
ATOM   525 C CG2 . VAL A 1 87  ? -3.094  3.093   9.258   1.00 19.23 ? 150 VAL A CG2 1 
ATOM   526 N N   . ASN A 1 88  ? 1.171   3.611   10.862  1.00 19.09 ? 151 ASN A N   1 
ATOM   527 C CA  . ASN A 1 88  ? 2.590   3.907   10.787  1.00 22.61 ? 151 ASN A CA  1 
ATOM   528 C C   . ASN A 1 88  ? 3.416   2.764   11.334  1.00 20.36 ? 151 ASN A C   1 
ATOM   529 O O   . ASN A 1 88  ? 4.417   2.434   10.782  1.00 21.70 ? 151 ASN A O   1 
ATOM   530 C CB  . ASN A 1 88  ? 2.961   5.270   11.432  1.00 25.64 ? 151 ASN A CB  1 
ATOM   531 C CG  . ASN A 1 88  ? 4.391   5.687   11.106  1.00 30.29 ? 151 ASN A CG  1 
ATOM   532 O OD1 . ASN A 1 88  ? 4.901   5.416   10.031  1.00 35.46 ? 151 ASN A OD1 1 
ATOM   533 N ND2 . ASN A 1 88  ? 5.051   6.295   12.042  1.00 39.27 ? 151 ASN A ND2 1 
ATOM   534 N N   . GLU A 1 89  ? 2.929   2.155   12.380  1.00 22.22 ? 152 GLU A N   1 
ATOM   535 C CA  . GLU A 1 89  ? 3.642   1.070   13.020  1.00 22.60 ? 152 GLU A CA  1 
ATOM   536 C C   . GLU A 1 89  ? 3.824   -0.083  12.083  1.00 20.66 ? 152 GLU A C   1 
ATOM   537 O O   . GLU A 1 89  ? 4.913   -0.572  11.901  1.00 20.96 ? 152 GLU A O   1 
ATOM   538 C CB  . GLU A 1 89  ? 2.820   0.574   14.219  1.00 27.41 ? 152 GLU A CB  1 
ATOM   539 C CG  . GLU A 1 89  ? 2.980   1.352   15.520  1.00 30.69 ? 152 GLU A CG  1 
ATOM   540 C CD  . GLU A 1 89  ? 1.927   0.920   16.518  1.00 34.53 ? 152 GLU A CD  1 
ATOM   541 O OE1 . GLU A 1 89  ? 1.892   1.508   17.612  1.00 40.41 ? 152 GLU A OE1 1 
ATOM   542 O OE2 . GLU A 1 89  ? 1.121   -0.015  16.199  1.00 34.11 ? 152 GLU A OE2 1 
ATOM   543 N N   . ILE A 1 90  ? 2.739   -0.485  11.454  1.00 17.97 ? 153 ILE A N   1 
ATOM   544 C CA  . ILE A 1 90  ? 2.761   -1.565  10.487  1.00 18.49 ? 153 ILE A CA  1 
ATOM   545 C C   . ILE A 1 90  ? 3.618   -1.219  9.262   1.00 18.01 ? 153 ILE A C   1 
ATOM   546 O O   . ILE A 1 90  ? 4.460   -2.006  8.828   1.00 19.41 ? 153 ILE A O   1 
ATOM   547 C CB  . ILE A 1 90  ? 1.357   -1.917  10.035  1.00 17.71 ? 153 ILE A CB  1 
ATOM   548 C CG1 . ILE A 1 90  ? 0.533   -2.351  11.256  1.00 21.52 ? 153 ILE A CG1 1 
ATOM   549 C CG2 . ILE A 1 90  ? 1.375   -3.025  8.989   1.00 15.27 ? 153 ILE A CG2 1 
ATOM   550 C CD1 . ILE A 1 90  ? -0.945  -2.564  10.953  1.00 22.66 ? 153 ILE A CD1 1 
ATOM   551 N N   . TYR A 1 91  ? 3.377   -0.053  8.714   1.00 16.92 ? 154 TYR A N   1 
ATOM   552 C CA  . TYR A 1 91  ? 4.109   0.411   7.540   1.00 17.97 ? 154 TYR A CA  1 
ATOM   553 C C   . TYR A 1 91  ? 5.602   0.383   7.762   1.00 14.90 ? 154 TYR A C   1 
ATOM   554 O O   . TYR A 1 91  ? 6.358   -0.040  6.898   1.00 15.20 ? 154 TYR A O   1 
ATOM   555 C CB  . TYR A 1 91  ? 3.610   1.818   7.178   1.00 16.23 ? 154 TYR A CB  1 
ATOM   556 C CG  . TYR A 1 91  ? 4.269   2.500   5.958   1.00 15.75 ? 154 TYR A CG  1 
ATOM   557 C CD1 . TYR A 1 91  ? 3.639   2.517   4.723   1.00 15.58 ? 154 TYR A CD1 1 
ATOM   558 C CD2 . TYR A 1 91  ? 5.461   3.164   6.082   1.00 17.59 ? 154 TYR A CD2 1 
ATOM   559 C CE1 . TYR A 1 91  ? 4.228   3.133   3.627   1.00 15.51 ? 154 TYR A CE1 1 
ATOM   560 C CE2 . TYR A 1 91  ? 6.046   3.786   5.005   1.00 17.87 ? 154 TYR A CE2 1 
ATOM   561 C CZ  . TYR A 1 91  ? 5.410   3.779   3.770   1.00 17.17 ? 154 TYR A CZ  1 
ATOM   562 O OH  . TYR A 1 91  ? 5.998   4.430   2.701   1.00 13.97 ? 154 TYR A OH  1 
ATOM   563 N N   . ALA A 1 92  ? 6.022   0.839   8.930   1.00 17.30 ? 155 ALA A N   1 
ATOM   564 C CA  . ALA A 1 92  ? 7.436   0.922   9.297   1.00 16.28 ? 155 ALA A CA  1 
ATOM   565 C C   . ALA A 1 92  ? 8.130   -0.445  9.314   1.00 19.12 ? 155 ALA A C   1 
ATOM   566 O O   . ALA A 1 92  ? 9.316   -0.559  9.024   1.00 18.40 ? 155 ALA A O   1 
ATOM   567 C CB  . ALA A 1 92  ? 7.586   1.593   10.646  1.00 18.01 ? 155 ALA A CB  1 
ATOM   568 N N   . LYS A 1 93  ? 7.439   -1.503  9.647   1.00 18.24 ? 156 LYS A N   1 
ATOM   569 C CA  . LYS A 1 93  ? 7.888   -2.877  9.508   1.00 17.97 ? 156 LYS A CA  1 
ATOM   570 C C   . LYS A 1 93  ? 8.211   -3.267  8.052   1.00 19.48 ? 156 LYS A C   1 
ATOM   571 O O   . LYS A 1 93  ? 9.097   -4.046  7.811   1.00 15.68 ? 156 LYS A O   1 
ATOM   572 C CB  . LYS A 1 93  ? 6.783   -3.846  10.080  1.00 19.37 ? 156 LYS A CB  1 
ATOM   573 N N   . TYR A 1 94  ? 7.428   -2.853  7.075   1.00 17.05 ? 157 TYR A N   1 
ATOM   574 C CA  . TYR A 1 94  ? 7.709   -3.176  5.666   1.00 16.95 ? 157 TYR A CA  1 
ATOM   575 C C   . TYR A 1 94  ? 8.658   -2.163  5.025   1.00 17.05 ? 157 TYR A C   1 
ATOM   576 O O   . TYR A 1 94  ? 9.426   -2.477  4.122   1.00 19.80 ? 157 TYR A O   1 
ATOM   577 C CB  . TYR A 1 94  ? 6.363   -3.288  4.889   1.00 15.65 ? 157 TYR A CB  1 
ATOM   578 C CG  . TYR A 1 94  ? 5.539   -4.470  5.298   1.00 15.88 ? 157 TYR A CG  1 
ATOM   579 C CD1 . TYR A 1 94  ? 4.746   -4.440  6.447   1.00 18.89 ? 157 TYR A CD1 1 
ATOM   580 C CD2 . TYR A 1 94  ? 5.535   -5.641  4.547   1.00 17.49 ? 157 TYR A CD2 1 
ATOM   581 C CE1 . TYR A 1 94  ? 3.982   -5.562  6.837   1.00 16.48 ? 157 TYR A CE1 1 
ATOM   582 C CE2 . TYR A 1 94  ? 4.780   -6.750  4.930   1.00 18.37 ? 157 TYR A CE2 1 
ATOM   583 C CZ  . TYR A 1 94  ? 4.021   -6.701  6.076   1.00 18.71 ? 157 TYR A CZ  1 
ATOM   584 O OH  . TYR A 1 94  ? 3.289   -7.784  6.458   1.00 24.70 ? 157 TYR A OH  1 
ATOM   585 N N   . PHE A 1 95  ? 8.613   -0.928  5.512   1.00 18.59 ? 158 PHE A N   1 
ATOM   586 C CA  . PHE A 1 95  ? 9.445   0.157   5.034   1.00 16.44 ? 158 PHE A CA  1 
ATOM   587 C C   . PHE A 1 95  ? 10.228  0.794   6.180   1.00 21.04 ? 158 PHE A C   1 
ATOM   588 O O   . PHE A 1 95  ? 9.918   1.916   6.608   1.00 19.57 ? 158 PHE A O   1 
ATOM   589 C CB  . PHE A 1 95  ? 8.576   1.243   4.370   1.00 18.21 ? 158 PHE A CB  1 
ATOM   590 C CG  . PHE A 1 95  ? 7.915   0.789   3.090   1.00 16.15 ? 158 PHE A CG  1 
ATOM   591 C CD1 . PHE A 1 95  ? 8.685   0.474   1.973   1.00 16.14 ? 158 PHE A CD1 1 
ATOM   592 C CD2 . PHE A 1 95  ? 6.541   0.652   3.007   1.00 16.77 ? 158 PHE A CD2 1 
ATOM   593 C CE1 . PHE A 1 95  ? 8.076   0.046   0.797   1.00 14.68 ? 158 PHE A CE1 1 
ATOM   594 C CE2 . PHE A 1 95  ? 5.938   0.236   1.810   1.00 16.07 ? 158 PHE A CE2 1 
ATOM   595 C CZ  . PHE A 1 95  ? 6.710   -0.055  0.717   1.00 15.02 ? 158 PHE A CZ  1 
ATOM   596 N N   . PRO A 1 96  ? 11.244  0.087   6.695   1.00 22.90 ? 159 PRO A N   1 
ATOM   597 C CA  . PRO A 1 96  ? 12.090  0.669   7.702   1.00 25.55 ? 159 PRO A CA  1 
ATOM   598 C C   . PRO A 1 96  ? 12.923  1.848   7.157   1.00 24.91 ? 159 PRO A C   1 
ATOM   599 O O   . PRO A 1 96  ? 13.224  1.890   5.962   1.00 22.80 ? 159 PRO A O   1 
ATOM   600 C CB  . PRO A 1 96  ? 13.009  -0.493  8.100   1.00 23.80 ? 159 PRO A CB  1 
ATOM   601 C CG  . PRO A 1 96  ? 13.089  -1.360  6.890   1.00 23.74 ? 159 PRO A CG  1 
ATOM   602 C CD  . PRO A 1 96  ? 11.723  -1.244  6.257   1.00 25.09 ? 159 PRO A CD  1 
ATOM   603 N N   . ALA A 1 97  ? 13.297  2.775   8.042   1.00 23.77 ? 160 ALA A N   1 
ATOM   604 C CA  . ALA A 1 97  ? 14.195  3.887   7.694   1.00 24.09 ? 160 ALA A CA  1 
ATOM   605 C C   . ALA A 1 97  ? 15.525  3.381   7.136   1.00 25.24 ? 160 ALA A C   1 
ATOM   606 O O   . ALA A 1 97  ? 16.064  2.372   7.626   1.00 26.75 ? 160 ALA A O   1 
ATOM   607 C CB  . ALA A 1 97  ? 14.436  4.787   8.895   1.00 24.10 ? 160 ALA A CB  1 
ATOM   608 N N   . PRO A 1 98  ? 16.053  4.059   6.106   1.00 21.13 ? 161 PRO A N   1 
ATOM   609 C CA  . PRO A 1 98  ? 15.380  5.160   5.403   1.00 26.05 ? 161 PRO A CA  1 
ATOM   610 C C   . PRO A 1 98  ? 14.295  4.663   4.440   1.00 20.54 ? 161 PRO A C   1 
ATOM   611 O O   . PRO A 1 98  ? 14.526  3.813   3.616   1.00 20.24 ? 161 PRO A O   1 
ATOM   612 C CB  . PRO A 1 98  ? 16.511  5.872   4.668   1.00 23.80 ? 161 PRO A CB  1 
ATOM   613 C CG  . PRO A 1 98  ? 17.521  4.857   4.486   1.00 26.36 ? 161 PRO A CG  1 
ATOM   614 C CD  . PRO A 1 98  ? 17.413  3.875   5.612   1.00 21.97 ? 161 PRO A CD  1 
ATOM   615 N N   . SER A 1 99  ? 13.114  5.216   4.587   1.00 19.65 ? 162 SER A N   1 
ATOM   616 C CA  . SER A 1 99  ? 11.935  4.722   3.922   1.00 17.92 ? 162 SER A CA  1 
ATOM   617 C C   . SER A 1 99  ? 11.629  5.543   2.634   1.00 18.10 ? 162 SER A C   1 
ATOM   618 O O   . SER A 1 99  ? 12.236  6.588   2.393   1.00 15.56 ? 162 SER A O   1 
ATOM   619 C CB  . SER A 1 99  ? 10.792  4.808   4.916   1.00 18.53 ? 162 SER A CB  1 
ATOM   620 O OG  . SER A 1 99  ? 10.682  6.133   5.423   1.00 17.97 ? 162 SER A OG  1 
ATOM   621 N N   . PRO A 1 100 ? 10.664  5.084   1.815   1.00 15.75 ? 163 PRO A N   1 
ATOM   622 C CA  . PRO A 1 100 ? 10.351  5.849   0.610   1.00 12.60 ? 163 PRO A CA  1 
ATOM   623 C C   . PRO A 1 100 ? 9.892   7.261   0.919   1.00 13.57 ? 163 PRO A C   1 
ATOM   624 O O   . PRO A 1 100 ? 9.536   7.537   2.078   1.00 13.62 ? 163 PRO A O   1 
ATOM   625 C CB  . PRO A 1 100 ? 9.204   5.051   -0.003  1.00 13.26 ? 163 PRO A CB  1 
ATOM   626 C CG  . PRO A 1 100 ? 9.407   3.658   0.419   1.00 13.53 ? 163 PRO A CG  1 
ATOM   627 C CD  . PRO A 1 100 ? 9.982   3.778   1.821   1.00 15.77 ? 163 PRO A CD  1 
ATOM   628 N N   . ALA A 1 101 ? 9.898   8.150   -0.072  1.00 11.28 ? 164 ALA A N   1 
ATOM   629 C CA  . ALA A 1 101 ? 9.159   9.406   0.063   1.00 13.11 ? 164 ALA A CA  1 
ATOM   630 C C   . ALA A 1 101 ? 7.690   9.031   0.292   1.00 12.70 ? 164 ALA A C   1 
ATOM   631 O O   . ALA A 1 101 ? 7.235   8.005   -0.199  1.00 13.60 ? 164 ALA A O   1 
ATOM   632 C CB  . ALA A 1 101 ? 9.307   10.295  -1.156  1.00 13.19 ? 164 ALA A CB  1 
ATOM   633 N N   . ARG A 1 102 ? 6.954   9.854   1.012   1.00 11.68 ? 165 ARG A N   1 
ATOM   634 C CA  . ARG A 1 102 ? 5.601   9.480   1.378   1.00 14.48 ? 165 ARG A CA  1 
ATOM   635 C C   . ARG A 1 102 ? 4.704   10.663  1.629   1.00 15.10 ? 165 ARG A C   1 
ATOM   636 O O   . ARG A 1 102 ? 5.127   11.676  2.153   1.00 15.93 ? 165 ARG A O   1 
ATOM   637 C CB  . ARG A 1 102 ? 5.618   8.587   2.639   1.00 15.92 ? 165 ARG A CB  1 
ATOM   638 C CG  . ARG A 1 102 ? 4.228   8.239   3.154   1.00 18.36 ? 165 ARG A CG  1 
ATOM   639 C CD  . ARG A 1 102 ? 4.298   7.344   4.402   1.00 23.20 ? 165 ARG A CD  1 
ATOM   640 N NE  . ARG A 1 102 ? 4.407   8.090   5.635   1.00 28.52 ? 165 ARG A NE  1 
ATOM   641 C CZ  . ARG A 1 102 ? 4.494   7.544   6.857   1.00 29.80 ? 165 ARG A CZ  1 
ATOM   642 N NH1 . ARG A 1 102 ? 4.478   6.235   7.024   1.00 22.22 ? 165 ARG A NH1 1 
ATOM   643 N NH2 . ARG A 1 102 ? 4.605   8.332   7.926   1.00 35.55 ? 165 ARG A NH2 1 
ATOM   644 N N   . SER A 1 103 ? 3.451   10.515  1.228   1.00 17.76 ? 166 SER A N   1 
ATOM   645 C CA  . SER A 1 103 ? 2.382   11.456  1.586   1.00 17.96 ? 166 SER A CA  1 
ATOM   646 C C   . SER A 1 103 ? 1.280   10.682  2.232   1.00 17.51 ? 166 SER A C   1 
ATOM   647 O O   . SER A 1 103 ? 1.015   9.535   1.861   1.00 13.39 ? 166 SER A O   1 
ATOM   648 C CB  . SER A 1 103 ? 1.875   12.157  0.333   1.00 17.45 ? 166 SER A CB  1 
ATOM   649 O OG  . SER A 1 103 ? 2.844   13.075  -0.162  1.00 20.62 ? 166 SER A OG  1 
ATOM   650 N N   . THR A 1 104 ? 0.631   11.317  3.212   1.00 18.08 ? 167 THR A N   1 
ATOM   651 C CA  . THR A 1 104 ? -0.490  10.742  3.927   1.00 16.83 ? 167 THR A CA  1 
ATOM   652 C C   . THR A 1 104 ? -1.612  11.764  4.137   1.00 19.24 ? 167 THR A C   1 
ATOM   653 O O   . THR A 1 104 ? -1.394  12.929  4.475   1.00 20.88 ? 167 THR A O   1 
ATOM   654 C CB  . THR A 1 104 ? -0.079  10.206  5.308   1.00 20.07 ? 167 THR A CB  1 
ATOM   655 O OG1 . THR A 1 104 ? 1.083   9.377   5.193   1.00 18.35 ? 167 THR A OG1 1 
ATOM   656 C CG2 . THR A 1 104 ? -1.184  9.401   5.953   1.00 19.10 ? 167 THR A CG2 1 
ATOM   657 N N   . TYR A 1 105 ? -2.843  11.336  3.925   1.00 16.72 ? 168 TYR A N   1 
ATOM   658 C CA  . TYR A 1 105 ? -3.964  12.194  4.180   1.00 15.30 ? 168 TYR A CA  1 
ATOM   659 C C   . TYR A 1 105 ? -5.229  11.365  4.334   1.00 14.72 ? 168 TYR A C   1 
ATOM   660 O O   . TYR A 1 105 ? -5.302  10.207  3.906   1.00 13.40 ? 168 TYR A O   1 
ATOM   661 C CB  . TYR A 1 105 ? -4.145  13.237  3.045   1.00 16.84 ? 168 TYR A CB  1 
ATOM   662 C CG  . TYR A 1 105 ? -4.124  12.715  1.604   1.00 17.49 ? 168 TYR A CG  1 
ATOM   663 C CD1 . TYR A 1 105 ? -5.285  12.274  0.983   1.00 17.45 ? 168 TYR A CD1 1 
ATOM   664 C CD2 . TYR A 1 105 ? -2.929  12.634  0.886   1.00 16.03 ? 168 TYR A CD2 1 
ATOM   665 C CE1 . TYR A 1 105 ? -5.256  11.753  -0.279  1.00 16.60 ? 168 TYR A CE1 1 
ATOM   666 C CE2 . TYR A 1 105 ? -2.903  12.139  -0.392  1.00 16.27 ? 168 TYR A CE2 1 
ATOM   667 C CZ  . TYR A 1 105 ? -4.065  11.711  -0.952  1.00 17.61 ? 168 TYR A CZ  1 
ATOM   668 O OH  . TYR A 1 105 ? -4.063  11.239  -2.192  1.00 19.76 ? 168 TYR A OH  1 
ATOM   669 N N   . GLN A 1 106 ? -6.231  11.994  4.933   1.00 15.46 ? 169 GLN A N   1 
ATOM   670 C CA  . GLN A 1 106 ? -7.521  11.378  5.141   1.00 14.25 ? 169 GLN A CA  1 
ATOM   671 C C   . GLN A 1 106 ? -8.410  11.821  3.982   1.00 15.76 ? 169 GLN A C   1 
ATOM   672 O O   . GLN A 1 106 ? -8.513  13.003  3.695   1.00 15.82 ? 169 GLN A O   1 
ATOM   673 C CB  . GLN A 1 106 ? -8.131  11.796  6.474   1.00 15.60 ? 169 GLN A CB  1 
ATOM   674 C CG  . GLN A 1 106 ? -9.448  11.074  6.792   1.00 15.83 ? 169 GLN A CG  1 
ATOM   675 C CD  . GLN A 1 106 ? -10.022 11.533  8.111   1.00 17.00 ? 169 GLN A CD  1 
ATOM   676 O OE1 . GLN A 1 106 ? -9.294  11.751  9.066   1.00 14.89 ? 169 GLN A OE1 1 
ATOM   677 N NE2 . GLN A 1 106 ? -11.340 11.602  8.187   1.00 15.72 ? 169 GLN A NE2 1 
ATOM   678 N N   . VAL A 1 107 ? -9.022  10.862  3.315   1.00 15.72 ? 170 VAL A N   1 
ATOM   679 C CA  . VAL A 1 107 ? -9.925  11.133  2.207   1.00 15.24 ? 170 VAL A CA  1 
ATOM   680 C C   . VAL A 1 107 ? -11.345 11.085  2.738   1.00 16.75 ? 170 VAL A C   1 
ATOM   681 O O   . VAL A 1 107 ? -11.560 10.720  3.891   1.00 19.12 ? 170 VAL A O   1 
ATOM   682 C CB  . VAL A 1 107 ? -9.755  10.120  1.069   1.00 16.95 ? 170 VAL A CB  1 
ATOM   683 C CG1 . VAL A 1 107 ? -8.347  10.202  0.473   1.00 16.16 ? 170 VAL A CG1 1 
ATOM   684 C CG2 . VAL A 1 107 ? -10.063 8.687   1.572   1.00 19.84 ? 170 VAL A CG2 1 
ATOM   685 N N   . ALA A 1 108 ? -12.308 11.435  1.899   1.00 16.33 ? 171 ALA A N   1 
ATOM   686 C CA  . ALA A 1 108 ? -13.715 11.381  2.282   1.00 18.17 ? 171 ALA A CA  1 
ATOM   687 C C   . ALA A 1 108 ? -14.222 9.936   2.294   1.00 17.77 ? 171 ALA A C   1 
ATOM   688 O O   . ALA A 1 108 ? -14.970 9.544   3.175   1.00 16.20 ? 171 ALA A O   1 
ATOM   689 C CB  . ALA A 1 108 ? -14.573 12.280  1.362   1.00 17.35 ? 171 ALA A CB  1 
ATOM   690 N N   . ALA A 1 109 ? -13.803 9.138   1.322   1.00 17.35 ? 172 ALA A N   1 
ATOM   691 C CA  . ALA A 1 109 ? -14.153 7.727   1.283   1.00 18.32 ? 172 ALA A CA  1 
ATOM   692 C C   . ALA A 1 109 ? -13.233 7.002   0.288   1.00 15.95 ? 172 ALA A C   1 
ATOM   693 O O   . ALA A 1 109 ? -12.687 7.619   -0.590  1.00 15.27 ? 172 ALA A O   1 
ATOM   694 C CB  . ALA A 1 109 ? -15.589 7.521   0.860   1.00 18.50 ? 172 ALA A CB  1 
ATOM   695 N N   . LEU A 1 110 ? -13.115 5.706   0.459   1.00 13.80 ? 173 LEU A N   1 
ATOM   696 C CA  . LEU A 1 110 ? -12.297 4.846   -0.391  1.00 14.68 ? 173 LEU A CA  1 
ATOM   697 C C   . LEU A 1 110 ? -13.159 3.826   -1.055  1.00 17.24 ? 173 LEU A C   1 
ATOM   698 O O   . LEU A 1 110 ? -14.255 3.528   -0.543  1.00 16.54 ? 173 LEU A O   1 
ATOM   699 C CB  . LEU A 1 110 ? -11.226 4.134   0.445   1.00 14.78 ? 173 LEU A CB  1 
ATOM   700 C CG  . LEU A 1 110 ? -10.166 5.022   1.096   1.00 15.47 ? 173 LEU A CG  1 
ATOM   701 C CD1 . LEU A 1 110 ? -9.343  4.206   2.084   1.00 13.81 ? 173 LEU A CD1 1 
ATOM   702 C CD2 . LEU A 1 110 ? -9.226  5.632   0.035   1.00 16.69 ? 173 LEU A CD2 1 
ATOM   703 N N   . PRO A 1 111 ? -12.670 3.226   -2.165  1.00 16.53 ? 174 PRO A N   1 
ATOM   704 C CA  . PRO A 1 111 ? -13.498 2.220   -2.813  1.00 17.72 ? 174 PRO A CA  1 
ATOM   705 C C   . PRO A 1 111 ? -13.873 1.090   -1.863  1.00 18.47 ? 174 PRO A C   1 
ATOM   706 O O   . PRO A 1 111 ? -13.071 0.704   -0.992  1.00 15.85 ? 174 PRO A O   1 
ATOM   707 C CB  . PRO A 1 111 ? -12.618 1.742   -3.983  1.00 18.21 ? 174 PRO A CB  1 
ATOM   708 C CG  . PRO A 1 111 ? -11.714 2.918   -4.279  1.00 18.05 ? 174 PRO A CG  1 
ATOM   709 C CD  . PRO A 1 111 ? -11.431 3.488   -2.920  1.00 15.89 ? 174 PRO A CD  1 
ATOM   710 N N   . LEU A 1 112 ? -15.112 0.616   -1.999  1.00 19.08 ? 175 LEU A N   1 
ATOM   711 C CA  . LEU A 1 112 ? -15.655 -0.492  -1.201  1.00 18.34 ? 175 LEU A CA  1 
ATOM   712 C C   . LEU A 1 112 ? -15.627 -0.233  0.306   1.00 18.32 ? 175 LEU A C   1 
ATOM   713 O O   . LEU A 1 112 ? -15.594 -1.162  1.120   1.00 16.90 ? 175 LEU A O   1 
ATOM   714 C CB  . LEU A 1 112 ? -14.874 -1.761  -1.540  1.00 19.94 ? 175 LEU A CB  1 
ATOM   715 C CG  . LEU A 1 112 ? -14.724 -2.060  -3.043  1.00 21.95 ? 175 LEU A CG  1 
ATOM   716 C CD1 . LEU A 1 112 ? -13.766 -3.236  -3.258  1.00 23.35 ? 175 LEU A CD1 1 
ATOM   717 C CD2 . LEU A 1 112 ? -16.081 -2.345  -3.660  1.00 22.30 ? 175 LEU A CD2 1 
ATOM   718 N N   . ASN A 1 113 ? -15.617 1.036   0.686   1.00 17.78 ? 176 ASN A N   1 
ATOM   719 C CA  . ASN A 1 113 ? -15.485 1.452   2.069   1.00 18.46 ? 176 ASN A CA  1 
ATOM   720 C C   . ASN A 1 113 ? -14.266 0.923   2.786   1.00 19.17 ? 176 ASN A C   1 
ATOM   721 O O   . ASN A 1 113 ? -14.301 0.670   3.970   1.00 19.05 ? 176 ASN A O   1 
ATOM   722 C CB  . ASN A 1 113 ? -16.748 1.097   2.852   1.00 25.51 ? 176 ASN A CB  1 
ATOM   723 C CG  . ASN A 1 113 ? -17.865 2.093   2.592   1.00 34.69 ? 176 ASN A CG  1 
ATOM   724 O OD1 . ASN A 1 113 ? -17.631 3.333   2.600   1.00 43.63 ? 176 ASN A OD1 1 
ATOM   725 N ND2 . ASN A 1 113 ? -19.084 1.576   2.313   1.00 41.49 ? 176 ASN A ND2 1 
ATOM   726 N N   . ALA A 1 114 ? -13.159 0.814   2.066   1.00 17.33 ? 177 ALA A N   1 
ATOM   727 C CA  . ALA A 1 114 ? -11.888 0.421   2.649   1.00 14.48 ? 177 ALA A CA  1 
ATOM   728 C C   . ALA A 1 114 ? -11.421 1.393   3.717   1.00 15.24 ? 177 ALA A C   1 
ATOM   729 O O   . ALA A 1 114 ? -11.738 2.570   3.673   1.00 14.89 ? 177 ALA A O   1 
ATOM   730 C CB  . ALA A 1 114 ? -10.838 0.324   1.561   1.00 13.53 ? 177 ALA A CB  1 
ATOM   731 N N   . LYS A 1 115 ? -10.597 0.910   4.649   1.00 14.58 ? 178 LYS A N   1 
ATOM   732 C CA  . LYS A 1 115 ? -10.034 1.752   5.673   1.00 15.95 ? 178 LYS A CA  1 
ATOM   733 C C   . LYS A 1 115 ? -8.754  2.427   5.202   1.00 15.48 ? 178 LYS A C   1 
ATOM   734 O O   . LYS A 1 115 ? -8.351  3.462   5.743   1.00 15.23 ? 178 LYS A O   1 
ATOM   735 C CB  . LYS A 1 115 ? -9.759  0.963   6.966   1.00 17.64 ? 178 LYS A CB  1 
ATOM   736 C CG  . LYS A 1 115 ? -11.004 0.349   7.573   1.00 21.68 ? 178 LYS A CG  1 
ATOM   737 C CD  . LYS A 1 115 ? -11.881 1.388   8.202   1.00 22.15 ? 178 LYS A CD  1 
ATOM   738 C CE  . LYS A 1 115 ? -12.830 0.744   9.197   1.00 24.61 ? 178 LYS A CE  1 
ATOM   739 N NZ  . LYS A 1 115 ? -13.760 -0.186  8.517   1.00 22.47 ? 178 LYS A NZ  1 
ATOM   740 N N   . ILE A 1 116 ? -8.125  1.846   4.203   1.00 13.86 ? 179 ILE A N   1 
ATOM   741 C CA  . ILE A 1 116 ? -6.797  2.303   3.776   1.00 14.71 ? 179 ILE A CA  1 
ATOM   742 C C   . ILE A 1 116 ? -6.512  1.885   2.337   1.00 13.78 ? 179 ILE A C   1 
ATOM   743 O O   . ILE A 1 116 ? -6.872  0.788   1.908   1.00 11.60 ? 179 ILE A O   1 
ATOM   744 C CB  . ILE A 1 116 ? -5.675  1.832   4.744   1.00 14.85 ? 179 ILE A CB  1 
ATOM   745 C CG1 . ILE A 1 116 ? -4.297  2.348   4.311   1.00 13.69 ? 179 ILE A CG1 1 
ATOM   746 C CG2 . ILE A 1 116 ? -5.682  0.324   4.870   1.00 16.85 ? 179 ILE A CG2 1 
ATOM   747 C CD1 . ILE A 1 116 ? -3.169  1.948   5.198   1.00 14.89 ? 179 ILE A CD1 1 
ATOM   748 N N   . GLU A 1 117 ? -5.896  2.793   1.595   1.00 13.51 ? 180 GLU A N   1 
ATOM   749 C CA  . GLU A 1 117 ? -5.394  2.491   0.252   1.00 13.02 ? 180 GLU A CA  1 
ATOM   750 C C   . GLU A 1 117 ? -4.003  3.065   0.138   1.00 12.22 ? 180 GLU A C   1 
ATOM   751 O O   . GLU A 1 117 ? -3.720  4.178   0.591   1.00 15.87 ? 180 GLU A O   1 
ATOM   752 C CB  . GLU A 1 117 ? -6.341  3.094   -0.800  1.00 13.06 ? 180 GLU A CB  1 
ATOM   753 C CG  . GLU A 1 117 ? -5.958  2.857   -2.251  1.00 12.97 ? 180 GLU A CG  1 
ATOM   754 C CD  . GLU A 1 117 ? -6.889  3.535   -3.210  1.00 18.60 ? 180 GLU A CD  1 
ATOM   755 O OE1 . GLU A 1 117 ? -7.993  3.913   -2.816  1.00 18.50 ? 180 GLU A OE1 1 
ATOM   756 O OE2 . GLU A 1 117 ? -6.515  3.748   -4.357  1.00 22.48 ? 180 GLU A OE2 1 
ATOM   757 N N   . ILE A 1 118 ? -3.075  2.283   -0.392  1.00 13.24 ? 181 ILE A N   1 
ATOM   758 C CA  . ILE A 1 118 ? -1.712  2.771   -0.611  1.00 12.59 ? 181 ILE A CA  1 
ATOM   759 C C   . ILE A 1 118 ? -1.333  2.519   -2.062  1.00 12.85 ? 181 ILE A C   1 
ATOM   760 O O   . ILE A 1 118 ? -1.437  1.398   -2.528  1.00 12.12 ? 181 ILE A O   1 
ATOM   761 C CB  . ILE A 1 118 ? -0.690  2.040   0.292   1.00 12.49 ? 181 ILE A CB  1 
ATOM   762 C CG1 . ILE A 1 118 ? -1.088  2.157   1.754   1.00 10.70 ? 181 ILE A CG1 1 
ATOM   763 C CG2 . ILE A 1 118 ? 0.736   2.576   0.074   1.00 13.81 ? 181 ILE A CG2 1 
ATOM   764 C CD1 . ILE A 1 118 ? -0.132  1.454   2.708   1.00 10.99 ? 181 ILE A CD1 1 
ATOM   765 N N   . GLU A 1 119 ? -0.841  3.555   -2.737  1.00 12.01 ? 182 GLU A N   1 
ATOM   766 C CA  . GLU A 1 119 ? -0.237  3.412   -4.073  1.00 13.76 ? 182 GLU A CA  1 
ATOM   767 C C   . GLU A 1 119 ? 1.250   3.641   -3.972  1.00 13.06 ? 182 GLU A C   1 
ATOM   768 O O   . GLU A 1 119 ? 1.728   4.190   -2.983  1.00 13.51 ? 182 GLU A O   1 
ATOM   769 C CB  . GLU A 1 119 ? -0.842  4.401   -5.083  1.00 13.16 ? 182 GLU A CB  1 
ATOM   770 C CG  . GLU A 1 119 ? -0.631  5.837   -4.672  1.00 15.68 ? 182 GLU A CG  1 
ATOM   771 C CD  . GLU A 1 119 ? -1.165  6.877   -5.659  1.00 21.64 ? 182 GLU A CD  1 
ATOM   772 O OE1 . GLU A 1 119 ? -1.996  6.541   -6.508  1.00 17.81 ? 182 GLU A OE1 1 
ATOM   773 O OE2 . GLU A 1 119 ? -0.739  8.050   -5.543  1.00 26.54 ? 182 GLU A OE2 1 
ATOM   774 N N   . CYS A 1 120 ? 2.006   3.261   -5.005  1.00 12.37 ? 183 CYS A N   1 
ATOM   775 C CA  . CYS A 1 120 ? 3.445   3.546   -4.953  1.00 13.46 ? 183 CYS A CA  1 
ATOM   776 C C   . CYS A 1 120 ? 4.106   3.504   -6.290  1.00 12.58 ? 183 CYS A C   1 
ATOM   777 O O   . CYS A 1 120 ? 3.535   3.014   -7.243  1.00 14.19 ? 183 CYS A O   1 
ATOM   778 C CB  . CYS A 1 120 ? 4.165   2.578   -3.999  1.00 14.73 ? 183 CYS A CB  1 
ATOM   779 S SG  . CYS A 1 120 ? 4.341   0.925   -4.658  1.00 16.27 ? 183 CYS A SG  1 
ATOM   780 N N   . ILE A 1 121 ? 5.311   4.036   -6.331  1.00 12.47 ? 184 ILE A N   1 
ATOM   781 C CA  . ILE A 1 121 ? 6.189   3.989   -7.460  1.00 11.79 ? 184 ILE A CA  1 
ATOM   782 C C   . ILE A 1 121 ? 7.546   3.418   -7.009  1.00 12.25 ? 184 ILE A C   1 
ATOM   783 O O   . ILE A 1 121 ? 8.054   3.796   -5.979  1.00 11.44 ? 184 ILE A O   1 
ATOM   784 C CB  . ILE A 1 121 ? 6.420   5.383   -8.064  1.00 11.69 ? 184 ILE A CB  1 
ATOM   785 C CG1 . ILE A 1 121 ? 5.141   6.058   -8.465  1.00 12.78 ? 184 ILE A CG1 1 
ATOM   786 C CG2 . ILE A 1 121 ? 7.349   5.316   -9.260  1.00 13.78 ? 184 ILE A CG2 1 
ATOM   787 C CD1 . ILE A 1 121 ? 5.312   7.519   -8.827  1.00 15.03 ? 184 ILE A CD1 1 
ATOM   788 N N   . ALA A 1 122 ? 8.097   2.513   -7.815  1.00 10.69 ? 185 ALA A N   1 
ATOM   789 C CA  . ALA A 1 122 ? 9.324   1.836   -7.508  1.00 13.64 ? 185 ALA A CA  1 
ATOM   790 C C   . ALA A 1 122 ? 10.283  1.789   -8.729  1.00 17.69 ? 185 ALA A C   1 
ATOM   791 O O   . ALA A 1 122 ? 9.871   1.935   -9.850  1.00 16.93 ? 185 ALA A O   1 
ATOM   792 C CB  . ALA A 1 122 ? 9.054   0.461   -6.983  1.00 12.77 ? 185 ALA A CB  1 
ATOM   793 N N   . THR A 1 123 ? 11.571  1.609   -8.454  1.00 17.31 ? 186 THR A N   1 
ATOM   794 C CA  . THR A 1 123 ? 12.559  1.340   -9.496  1.00 17.81 ? 186 THR A CA  1 
ATOM   795 C C   . THR A 1 123 ? 12.712  -0.137  -9.825  1.00 19.02 ? 186 THR A C   1 
ATOM   796 O O   . THR A 1 123 ? 12.506  -1.035  -9.037  1.00 18.52 ? 186 THR A O   1 
ATOM   797 C CB  . THR A 1 123 ? 13.950  1.896   -9.098  1.00 18.54 ? 186 THR A CB  1 
ATOM   798 O OG1 . THR A 1 123 ? 14.354  1.351   -7.847  1.00 17.60 ? 186 THR A OG1 1 
ATOM   799 C CG2 . THR A 1 123 ? 13.890  3.295   -9.001  1.00 21.67 ? 186 THR A CG2 1 
ATOM   800 N N   . LEU A 1 124 ? 13.175  -0.359  -11.029 1.00 25.36 ? 187 LEU A N   1 
ATOM   801 C CA  . LEU A 1 124 ? 13.481  -1.677  -11.481 1.00 25.61 ? 187 LEU A CA  1 
ATOM   802 C C   . LEU A 1 124 ? 15.015  -1.873  -11.533 1.00 32.49 ? 187 LEU A C   1 
ATOM   803 O O   . LEU A 1 124 ? 15.503  -2.930  -11.097 1.00 37.08 ? 187 LEU A O   1 
ATOM   804 C CB  . LEU A 1 124 ? 12.839  -1.895  -12.835 1.00 26.30 ? 187 LEU A CB  1 
ATOM   805 C CG  . LEU A 1 124 ? 11.327  -1.776  -12.864 1.00 25.43 ? 187 LEU A CG  1 
ATOM   806 C CD1 . LEU A 1 124 ? 10.781  -1.701  -14.266 1.00 22.45 ? 187 LEU A CD1 1 
ATOM   807 C CD2 . LEU A 1 124 ? 10.732  -2.901  -12.072 1.00 23.77 ? 187 LEU A CD2 1 
ATOM   808 O OXT . LEU A 1 124 ? 15.716  -0.940  -11.988 1.00 32.63 ? 187 LEU A OXT 1 
HETATM 809 O O   . HOH B 2 .   ? -0.870  -4.256  -17.961 1.00 27.82 ? 202 HOH A O   1 
HETATM 810 O O   . HOH B 2 .   ? -5.972  -0.627  -13.563 1.00 31.91 ? 203 HOH A O   1 
HETATM 811 O O   . HOH B 2 .   ? -5.628  -20.835 -2.719  1.00 30.13 ? 204 HOH A O   1 
HETATM 812 O O   . HOH B 2 .   ? -17.306 -3.010  0.823   1.00 27.14 ? 205 HOH A O   1 
HETATM 813 O O   . HOH B 2 .   ? 2.956   9.979   -5.323  1.00 18.54 ? 206 HOH A O   1 
HETATM 814 O O   . HOH B 2 .   ? -4.065  -9.821  10.225  1.00 24.81 ? 207 HOH A O   1 
HETATM 815 O O   . HOH B 2 .   ? -10.793 3.001   11.128  1.00 27.84 ? 208 HOH A O   1 
HETATM 816 O O   . HOH B 2 .   ? -17.085 3.910   0.106   1.00 38.46 ? 209 HOH A O   1 
HETATM 817 O O   . HOH B 2 .   ? -1.598  -7.114  14.105  1.00 20.16 ? 210 HOH A O   1 
HETATM 818 O O   . HOH B 2 .   ? -13.918 -8.945  10.907  1.00 29.04 ? 211 HOH A O   1 
HETATM 819 O O   . HOH B 2 .   ? 8.549   -8.671  -14.335 1.00 27.14 ? 212 HOH A O   1 
HETATM 820 O O   . HOH B 2 .   ? -8.086  4.728   8.272   1.00 12.57 ? 213 HOH A O   1 
HETATM 821 O O   . HOH B 2 .   ? 7.006   -0.956  13.465  1.00 25.05 ? 214 HOH A O   1 
HETATM 822 O O   . HOH B 2 .   ? -2.821  -5.297  17.890  1.00 31.39 ? 215 HOH A O   1 
HETATM 823 O O   . HOH B 2 .   ? -0.440  -1.200  18.022  1.00 37.39 ? 216 HOH A O   1 
HETATM 824 O O   . HOH B 2 .   ? -2.644  -9.946  6.287   1.00 24.12 ? 217 HOH A O   1 
HETATM 825 O O   . HOH B 2 .   ? 7.921   6.009   3.728   1.00 15.21 ? 218 HOH A O   1 
HETATM 826 O O   . HOH B 2 .   ? 13.985  -5.650  -11.979 1.00 31.51 ? 219 HOH A O   1 
HETATM 827 O O   . HOH B 2 .   ? 12.228  1.395   -0.193  1.00 33.77 ? 220 HOH A O   1 
HETATM 828 O O   . HOH B 2 .   ? -1.364  -2.508  -7.452  1.00 20.05 ? 221 HOH A O   1 
HETATM 829 O O   . HOH B 2 .   ? 1.440   13.306  4.896   1.00 28.84 ? 222 HOH A O   1 
HETATM 830 O O   . HOH B 2 .   ? -5.472  -8.746  14.000  1.00 31.05 ? 223 HOH A O   1 
HETATM 831 O O   . HOH B 2 .   ? 4.954   -11.948 -6.360  1.00 19.71 ? 224 HOH A O   1 
HETATM 832 O O   . HOH B 2 .   ? -7.999  -1.655  2.622   1.00 11.98 ? 225 HOH A O   1 
HETATM 833 O O   . HOH B 2 .   ? -11.033 11.506  12.986  1.00 31.30 ? 226 HOH A O   1 
HETATM 834 O O   . HOH B 2 .   ? -13.192 11.089  6.093   1.00 18.82 ? 227 HOH A O   1 
HETATM 835 O O   . HOH B 2 .   ? -1.078  -11.022 -0.575  1.00 23.86 ? 228 HOH A O   1 
HETATM 836 O O   . HOH B 2 .   ? -1.552  10.210  -7.093  1.00 25.67 ? 229 HOH A O   1 
HETATM 837 O O   . HOH B 2 .   ? -6.211  -20.721 -5.055  1.00 27.31 ? 230 HOH A O   1 
HETATM 838 O O   . HOH B 2 .   ? -9.473  13.365  11.332  1.00 25.31 ? 231 HOH A O   1 
HETATM 839 O O   . HOH B 2 .   ? -12.706 12.101  10.567  1.00 33.28 ? 232 HOH A O   1 
HETATM 840 O O   . HOH B 2 .   ? 6.330   -10.006 -0.733  1.00 24.36 ? 233 HOH A O   1 
HETATM 841 O O   . HOH B 2 .   ? 15.007  -6.777  -2.231  1.00 35.52 ? 234 HOH A O   1 
HETATM 842 O O   . HOH B 2 .   ? 0.526   0.395   -4.264  1.00 31.37 ? 235 HOH A O   1 
HETATM 843 O O   . HOH B 2 .   ? 12.251  1.282   3.394   1.00 19.53 ? 236 HOH A O   1 
HETATM 844 O O   . HOH B 2 .   ? 0.784   -12.231 9.028   1.00 33.21 ? 237 HOH A O   1 
HETATM 845 O O   . HOH B 2 .   ? 10.749  -4.979  4.170   1.00 29.85 ? 238 HOH A O   1 
HETATM 846 O O   . HOH B 2 .   ? -14.932 1.742   6.525   1.00 30.76 ? 239 HOH A O   1 
HETATM 847 O O   . HOH B 2 .   ? -19.889 -9.977  -4.216  1.00 36.80 ? 240 HOH A O   1 
HETATM 848 O O   . HOH B 2 .   ? 1.801   4.492   -8.987  1.00 15.62 ? 241 HOH A O   1 
HETATM 849 O O   . HOH B 2 .   ? -13.511 -1.608  5.539   1.00 21.36 ? 242 HOH A O   1 
HETATM 850 O O   . HOH B 2 .   ? -16.705 1.768   -4.106  1.00 25.96 ? 243 HOH A O   1 
HETATM 851 O O   . HOH B 2 .   ? -13.873 4.633   3.041   1.00 19.65 ? 244 HOH A O   1 
HETATM 852 O O   . HOH B 2 .   ? 8.477   4.104   7.851   1.00 27.39 ? 245 HOH A O   1 
HETATM 853 O O   . HOH B 2 .   ? 10.008  -9.487  1.518   1.00 40.21 ? 246 HOH A O   1 
HETATM 854 O O   . HOH B 2 .   ? 15.133  2.657   -5.359  1.00 24.61 ? 247 HOH A O   1 
HETATM 855 O O   . HOH B 2 .   ? -13.523 -7.141  -5.032  1.00 34.14 ? 248 HOH A O   1 
HETATM 856 O O   . HOH B 2 .   ? -5.521  -17.568 -0.463  1.00 36.16 ? 249 HOH A O   1 
HETATM 857 O O   . HOH B 2 .   ? -3.917  4.224   15.478  1.00 32.86 ? 250 HOH A O   1 
HETATM 858 O O   . HOH B 2 .   ? 11.886  -8.928  0.470   1.00 40.65 ? 251 HOH A O   1 
HETATM 859 O O   . HOH B 2 .   ? 3.114   5.126   14.875  1.00 35.28 ? 252 HOH A O   1 
HETATM 860 O O   . HOH B 2 .   ? 16.514  -0.460  -8.769  1.00 33.75 ? 253 HOH A O   1 
HETATM 861 O O   . HOH B 2 .   ? 7.833   6.662   6.064   1.00 28.42 ? 254 HOH A O   1 
HETATM 862 O O   . HOH B 2 .   ? 3.947   -3.203  -17.769 1.00 24.69 ? 255 HOH A O   1 
HETATM 863 O O   . HOH B 2 .   ? -1.521  -5.884  11.598  1.00 33.46 ? 256 HOH A O   1 
HETATM 864 O O   . HOH B 2 .   ? 12.798  -5.329  0.194   1.00 22.30 ? 257 HOH A O   1 
HETATM 865 O O   . HOH B 2 .   ? -6.464  2.972   15.323  1.00 32.73 ? 258 HOH A O   1 
HETATM 866 O O   . HOH B 2 .   ? -9.793  -13.212 5.961   1.00 33.20 ? 259 HOH A O   1 
HETATM 867 O O   . HOH B 2 .   ? -0.131  -5.648  -13.646 1.00 27.17 ? 260 HOH A O   1 
HETATM 868 O O   . HOH B 2 .   ? -6.262  -4.174  -4.202  1.00 25.18 ? 261 HOH A O   1 
HETATM 869 O O   . HOH B 2 .   ? 3.440   11.236  5.731   1.00 29.25 ? 262 HOH A O   1 
HETATM 870 O O   . HOH B 2 .   ? 4.540   -10.488 5.738   1.00 37.91 ? 263 HOH A O   1 
HETATM 871 O O   . HOH B 2 .   ? -2.829  8.323   15.375  1.00 39.50 ? 264 HOH A O   1 
HETATM 872 O O   . HOH B 2 .   ? -11.329 -17.148 -6.849  1.00 29.69 ? 265 HOH A O   1 
HETATM 873 O O   . HOH B 2 .   ? 10.242  5.131   -18.785 1.00 45.94 ? 266 HOH A O   1 
HETATM 874 O O   . HOH B 2 .   ? 4.497   -9.930  0.696   1.00 33.27 ? 267 HOH A O   1 
HETATM 875 O O   . HOH B 2 .   ? -17.718 11.005  3.849   1.00 33.18 ? 268 HOH A O   1 
HETATM 876 O O   . HOH B 2 .   ? 2.521   7.379   -5.082  1.00 32.94 ? 269 HOH A O   1 
HETATM 877 O O   . HOH B 2 .   ? 14.766  4.367   -12.201 1.00 35.15 ? 270 HOH A O   1 
HETATM 878 O O   . HOH B 2 .   ? -10.801 -0.198  12.389  1.00 31.13 ? 271 HOH A O   1 
HETATM 879 O O   . HOH B 2 .   ? -4.351  -3.076  -7.006  1.00 40.49 ? 272 HOH A O   1 
HETATM 880 O O   . HOH B 2 .   ? 4.969   -8.592  9.742   1.00 34.23 ? 273 HOH A O   1 
HETATM 881 O O   . HOH B 2 .   ? -13.954 -7.652  15.375  1.00 46.66 ? 274 HOH A O   1 
HETATM 882 O O   . HOH B 2 .   ? -15.130 6.457   4.960   1.00 37.22 ? 275 HOH A O   1 
HETATM 883 O O   . HOH B 2 .   ? -4.755  -5.481  -5.457  1.00 38.05 ? 276 HOH A O   1 
HETATM 884 O O   . HOH B 2 .   ? -6.579  -0.061  15.246  1.00 38.95 ? 277 HOH A O   1 
HETATM 885 O O   . HOH B 2 .   ? -8.053  -1.883  14.282  1.00 41.40 ? 278 HOH A O   1 
HETATM 886 O O   . HOH B 2 .   ? -3.429  -9.836  8.409   1.00 31.02 ? 279 HOH A O   1 
HETATM 887 O O   . HOH B 2 .   ? 8.296   -7.851  7.629   1.00 37.17 ? 280 HOH A O   1 
HETATM 888 O O   . HOH B 2 .   ? -15.643 12.810  5.401   1.00 35.99 ? 281 HOH A O   1 
HETATM 889 O O   . HOH B 2 .   ? 13.446  -1.107  2.550   1.00 46.65 ? 282 HOH A O   1 
HETATM 890 O O   . HOH B 2 .   ? -14.347 3.781   7.138   1.00 35.23 ? 283 HOH A O   1 
HETATM 891 O O   . HOH B 2 .   ? -13.180 -0.765  13.157  1.00 31.80 ? 284 HOH A O   1 
HETATM 892 O O   . HOH B 2 .   ? -19.435 -2.920  -1.020  1.00 43.22 ? 285 HOH A O   1 
HETATM 893 O O   . HOH B 2 .   ? 9.004   -7.797  4.895   1.00 36.35 ? 286 HOH A O   1 
# 
loop_
_pdbx_poly_seq_scheme.asym_id 
_pdbx_poly_seq_scheme.entity_id 
_pdbx_poly_seq_scheme.seq_id 
_pdbx_poly_seq_scheme.mon_id 
_pdbx_poly_seq_scheme.ndb_seq_num 
_pdbx_poly_seq_scheme.pdb_seq_num 
_pdbx_poly_seq_scheme.auth_seq_num 
_pdbx_poly_seq_scheme.pdb_mon_id 
_pdbx_poly_seq_scheme.auth_mon_id 
_pdbx_poly_seq_scheme.pdb_strand_id 
_pdbx_poly_seq_scheme.pdb_ins_code 
_pdbx_poly_seq_scheme.hetero 
A 1 1   GLY 1   64  ?   ?   ?   A . n 
A 1 2   PRO 2   65  ?   ?   ?   A . n 
A 1 3   HIS 3   66  ?   ?   ?   A . n 
A 1 4   MET 4   67  ?   ?   ?   A . n 
A 1 5   SER 5   68  ?   ?   ?   A . n 
A 1 6   THR 6   69  ?   ?   ?   A . n 
A 1 7   GLU 7   70  ?   ?   ?   A . n 
A 1 8   LYS 8   71  ?   ?   ?   A . n 
A 1 9   ALA 9   72  ?   ?   ?   A . n 
A 1 10  PRO 10  73  ?   ?   ?   A . n 
A 1 11  ALA 11  74  ?   ?   ?   A . n 
A 1 12  ALA 12  75  ?   ?   ?   A . n 
A 1 13  LEU 13  76  ?   ?   ?   A . n 
A 1 14  GLY 14  77  ?   ?   ?   A . n 
A 1 15  PRO 15  78  ?   ?   ?   A . n 
A 1 16  TYR 16  79  ?   ?   ?   A . n 
A 1 17  SER 17  80  80  SER SER A . n 
A 1 18  GLN 18  81  81  GLN GLN A . n 
A 1 19  ALA 19  82  82  ALA ALA A . n 
A 1 20  ILE 20  83  83  ILE ILE A . n 
A 1 21  LYS 21  84  84  LYS LYS A . n 
A 1 22  ALA 22  85  85  ALA ALA A . n 
A 1 23  ASN 23  86  86  ASN ASN A . n 
A 1 24  ASN 24  87  87  ASN ASN A . n 
A 1 25  LEU 25  88  88  LEU LEU A . n 
A 1 26  VAL 26  89  89  VAL VAL A . n 
A 1 27  PHE 27  90  90  PHE PHE A . n 
A 1 28  LEU 28  91  91  LEU LEU A . n 
A 1 29  SER 29  92  92  SER SER A . n 
A 1 30  GLY 30  93  93  GLY GLY A . n 
A 1 31  VAL 31  94  94  VAL VAL A . n 
A 1 32  LEU 32  95  95  LEU LEU A . n 
A 1 33  GLY 33  96  96  GLY GLY A . n 
A 1 34  LEU 34  97  97  LEU LEU A . n 
A 1 35  ILE 35  98  98  ILE ILE A . n 
A 1 36  PRO 36  99  99  PRO PRO A . n 
A 1 37  GLU 37  100 100 GLU GLU A . n 
A 1 38  THR 38  101 101 THR THR A . n 
A 1 39  GLY 39  102 102 GLY GLY A . n 
A 1 40  LYS 40  103 103 LYS LYS A . n 
A 1 41  PHE 41  104 104 PHE PHE A . n 
A 1 42  VAL 42  105 105 VAL VAL A . n 
A 1 43  SER 43  106 106 SER SER A . n 
A 1 44  GLU 44  107 107 GLU GLU A . n 
A 1 45  SER 45  108 108 SER SER A . n 
A 1 46  VAL 46  109 109 VAL VAL A . n 
A 1 47  GLU 47  110 110 GLU GLU A . n 
A 1 48  ASP 48  111 111 ASP ASP A . n 
A 1 49  GLN 49  112 112 GLN GLN A . n 
A 1 50  THR 50  113 113 THR THR A . n 
A 1 51  GLU 51  114 114 GLU GLU A . n 
A 1 52  GLN 52  115 115 GLN GLN A . n 
A 1 53  VAL 53  116 116 VAL VAL A . n 
A 1 54  LEU 54  117 117 LEU LEU A . n 
A 1 55  LYS 55  118 118 LYS LYS A . n 
A 1 56  ASN 56  119 119 ASN ASN A . n 
A 1 57  MET 57  120 120 MET MET A . n 
A 1 58  GLY 58  121 121 GLY GLY A . n 
A 1 59  GLU 59  122 122 GLU GLU A . n 
A 1 60  ILE 60  123 123 ILE ILE A . n 
A 1 61  LEU 61  124 124 LEU LEU A . n 
A 1 62  LYS 62  125 125 LYS LYS A . n 
A 1 63  ALA 63  126 126 ALA ALA A . n 
A 1 64  SER 64  127 127 SER SER A . n 
A 1 65  GLY 65  128 128 GLY GLY A . n 
A 1 66  ALA 66  129 129 ALA ALA A . n 
A 1 67  ASP 67  130 130 ASP ASP A . n 
A 1 68  TYR 68  131 131 TYR TYR A . n 
A 1 69  SER 69  132 132 SER SER A . n 
A 1 70  SER 70  133 133 SER SER A . n 
A 1 71  VAL 71  134 134 VAL VAL A . n 
A 1 72  VAL 72  135 135 VAL VAL A . n 
A 1 73  LYS 73  136 136 LYS LYS A . n 
A 1 74  THR 74  137 137 THR THR A . n 
A 1 75  THR 75  138 138 THR THR A . n 
A 1 76  ILE 76  139 139 ILE ILE A . n 
A 1 77  MET 77  140 140 MET MET A . n 
A 1 78  LEU 78  141 141 LEU LEU A . n 
A 1 79  ALA 79  142 142 ALA ALA A . n 
A 1 80  ASP 80  143 143 ASP ASP A . n 
A 1 81  LEU 81  144 144 LEU LEU A . n 
A 1 82  ALA 82  145 145 ALA ALA A . n 
A 1 83  ASP 83  146 146 ASP ASP A . n 
A 1 84  PHE 84  147 147 PHE PHE A . n 
A 1 85  LYS 85  148 148 LYS LYS A . n 
A 1 86  THR 86  149 149 THR THR A . n 
A 1 87  VAL 87  150 150 VAL VAL A . n 
A 1 88  ASN 88  151 151 ASN ASN A . n 
A 1 89  GLU 89  152 152 GLU GLU A . n 
A 1 90  ILE 90  153 153 ILE ILE A . n 
A 1 91  TYR 91  154 154 TYR TYR A . n 
A 1 92  ALA 92  155 155 ALA ALA A . n 
A 1 93  LYS 93  156 156 LYS LYS A . n 
A 1 94  TYR 94  157 157 TYR TYR A . n 
A 1 95  PHE 95  158 158 PHE PHE A . n 
A 1 96  PRO 96  159 159 PRO PRO A . n 
A 1 97  ALA 97  160 160 ALA ALA A . n 
A 1 98  PRO 98  161 161 PRO PRO A . n 
A 1 99  SER 99  162 162 SER SER A . n 
A 1 100 PRO 100 163 163 PRO PRO A . n 
A 1 101 ALA 101 164 164 ALA ALA A . n 
A 1 102 ARG 102 165 165 ARG ARG A . n 
A 1 103 SER 103 166 166 SER SER A . n 
A 1 104 THR 104 167 167 THR THR A . n 
A 1 105 TYR 105 168 168 TYR TYR A . n 
A 1 106 GLN 106 169 169 GLN GLN A . n 
A 1 107 VAL 107 170 170 VAL VAL A . n 
A 1 108 ALA 108 171 171 ALA ALA A . n 
A 1 109 ALA 109 172 172 ALA ALA A . n 
A 1 110 LEU 110 173 173 LEU LEU A . n 
A 1 111 PRO 111 174 174 PRO PRO A . n 
A 1 112 LEU 112 175 175 LEU LEU A . n 
A 1 113 ASN 113 176 176 ASN ASN A . n 
A 1 114 ALA 114 177 177 ALA ALA A . n 
A 1 115 LYS 115 178 178 LYS LYS A . n 
A 1 116 ILE 116 179 179 ILE ILE A . n 
A 1 117 GLU 117 180 180 GLU GLU A . n 
A 1 118 ILE 118 181 181 ILE ILE A . n 
A 1 119 GLU 119 182 182 GLU GLU A . n 
A 1 120 CYS 120 183 183 CYS CYS A . n 
A 1 121 ILE 121 184 184 ILE ILE A . n 
A 1 122 ALA 122 185 185 ALA ALA A . n 
A 1 123 THR 123 186 186 THR THR A . n 
A 1 124 LEU 124 187 187 LEU LEU A . n 
# 
loop_
_pdbx_nonpoly_scheme.asym_id 
_pdbx_nonpoly_scheme.entity_id 
_pdbx_nonpoly_scheme.mon_id 
_pdbx_nonpoly_scheme.ndb_seq_num 
_pdbx_nonpoly_scheme.pdb_seq_num 
_pdbx_nonpoly_scheme.auth_seq_num 
_pdbx_nonpoly_scheme.pdb_mon_id 
_pdbx_nonpoly_scheme.auth_mon_id 
_pdbx_nonpoly_scheme.pdb_strand_id 
_pdbx_nonpoly_scheme.pdb_ins_code 
B 2 HOH 1  202 42 HOH HOH A . 
B 2 HOH 2  203 37 HOH HOH A . 
B 2 HOH 3  204 49 HOH HOH A . 
B 2 HOH 4  205 27 HOH HOH A . 
B 2 HOH 5  206 5  HOH HOH A . 
B 2 HOH 6  207 14 HOH HOH A . 
B 2 HOH 7  208 45 HOH HOH A . 
B 2 HOH 8  209 75 HOH HOH A . 
B 2 HOH 9  210 6  HOH HOH A . 
B 2 HOH 10 211 28 HOH HOH A . 
B 2 HOH 11 212 20 HOH HOH A . 
B 2 HOH 12 213 3  HOH HOH A . 
B 2 HOH 13 214 17 HOH HOH A . 
B 2 HOH 14 215 36 HOH HOH A . 
B 2 HOH 15 216 43 HOH HOH A . 
B 2 HOH 16 217 8  HOH HOH A . 
B 2 HOH 17 218 1  HOH HOH A . 
B 2 HOH 18 219 88 HOH HOH A . 
B 2 HOH 19 220 67 HOH HOH A . 
B 2 HOH 20 221 13 HOH HOH A . 
B 2 HOH 21 222 18 HOH HOH A . 
B 2 HOH 22 223 76 HOH HOH A . 
B 2 HOH 23 224 11 HOH HOH A . 
B 2 HOH 24 225 2  HOH HOH A . 
B 2 HOH 25 226 48 HOH HOH A . 
B 2 HOH 26 227 7  HOH HOH A . 
B 2 HOH 27 228 44 HOH HOH A . 
B 2 HOH 28 229 25 HOH HOH A . 
B 2 HOH 29 230 23 HOH HOH A . 
B 2 HOH 30 231 16 HOH HOH A . 
B 2 HOH 31 232 77 HOH HOH A . 
B 2 HOH 32 233 24 HOH HOH A . 
B 2 HOH 33 234 83 HOH HOH A . 
B 2 HOH 34 235 84 HOH HOH A . 
B 2 HOH 35 236 12 HOH HOH A . 
B 2 HOH 36 237 26 HOH HOH A . 
B 2 HOH 37 238 39 HOH HOH A . 
B 2 HOH 38 239 58 HOH HOH A . 
B 2 HOH 39 240 55 HOH HOH A . 
B 2 HOH 40 241 4  HOH HOH A . 
B 2 HOH 41 242 9  HOH HOH A . 
B 2 HOH 42 243 21 HOH HOH A . 
B 2 HOH 43 244 19 HOH HOH A . 
B 2 HOH 44 245 46 HOH HOH A . 
B 2 HOH 45 246 29 HOH HOH A . 
B 2 HOH 46 247 33 HOH HOH A . 
B 2 HOH 47 248 52 HOH HOH A . 
B 2 HOH 48 249 61 HOH HOH A . 
B 2 HOH 49 250 78 HOH HOH A . 
B 2 HOH 50 251 64 HOH HOH A . 
B 2 HOH 51 252 70 HOH HOH A . 
B 2 HOH 52 253 68 HOH HOH A . 
B 2 HOH 53 254 47 HOH HOH A . 
B 2 HOH 54 255 22 HOH HOH A . 
B 2 HOH 55 256 53 HOH HOH A . 
B 2 HOH 56 257 15 HOH HOH A . 
B 2 HOH 57 258 41 HOH HOH A . 
B 2 HOH 58 259 65 HOH HOH A . 
B 2 HOH 59 260 30 HOH HOH A . 
B 2 HOH 60 261 31 HOH HOH A . 
B 2 HOH 61 262 10 HOH HOH A . 
B 2 HOH 62 263 38 HOH HOH A . 
B 2 HOH 63 264 56 HOH HOH A . 
B 2 HOH 64 265 40 HOH HOH A . 
B 2 HOH 65 266 35 HOH HOH A . 
B 2 HOH 66 267 82 HOH HOH A . 
B 2 HOH 67 268 81 HOH HOH A . 
B 2 HOH 68 269 59 HOH HOH A . 
B 2 HOH 69 270 50 HOH HOH A . 
B 2 HOH 70 271 85 HOH HOH A . 
B 2 HOH 71 272 60 HOH HOH A . 
B 2 HOH 72 273 87 HOH HOH A . 
B 2 HOH 73 274 69 HOH HOH A . 
B 2 HOH 74 275 32 HOH HOH A . 
B 2 HOH 75 276 34 HOH HOH A . 
B 2 HOH 76 277 71 HOH HOH A . 
B 2 HOH 77 278 63 HOH HOH A . 
B 2 HOH 78 279 89 HOH HOH A . 
B 2 HOH 79 280 73 HOH HOH A . 
B 2 HOH 80 281 74 HOH HOH A . 
B 2 HOH 81 282 66 HOH HOH A . 
B 2 HOH 82 283 79 HOH HOH A . 
B 2 HOH 83 284 86 HOH HOH A . 
B 2 HOH 84 285 72 HOH HOH A . 
B 2 HOH 85 286 51 HOH HOH A . 
# 
_pdbx_struct_assembly.id                   1 
_pdbx_struct_assembly.details              author_and_software_defined_assembly 
_pdbx_struct_assembly.method_details       PISA 
_pdbx_struct_assembly.oligomeric_details   trimeric 
_pdbx_struct_assembly.oligomeric_count     3 
# 
_pdbx_struct_assembly_gen.assembly_id       1 
_pdbx_struct_assembly_gen.oper_expression   1,2,3 
_pdbx_struct_assembly_gen.asym_id_list      A,B 
# 
loop_
_pdbx_struct_assembly_prop.biol_id 
_pdbx_struct_assembly_prop.type 
_pdbx_struct_assembly_prop.value 
_pdbx_struct_assembly_prop.details 
1 'ABSA (A^2)' 3950  ? 
1 MORE         -26   ? 
1 'SSA (A^2)'  13380 ? 
# 
loop_
_pdbx_struct_oper_list.id 
_pdbx_struct_oper_list.type 
_pdbx_struct_oper_list.name 
_pdbx_struct_oper_list.symmetry_operation 
_pdbx_struct_oper_list.matrix[1][1] 
_pdbx_struct_oper_list.matrix[1][2] 
_pdbx_struct_oper_list.matrix[1][3] 
_pdbx_struct_oper_list.vector[1] 
_pdbx_struct_oper_list.matrix[2][1] 
_pdbx_struct_oper_list.matrix[2][2] 
_pdbx_struct_oper_list.matrix[2][3] 
_pdbx_struct_oper_list.vector[2] 
_pdbx_struct_oper_list.matrix[3][1] 
_pdbx_struct_oper_list.matrix[3][2] 
_pdbx_struct_oper_list.matrix[3][3] 
_pdbx_struct_oper_list.vector[3] 
1 'identity operation'         1_555 x,y,z     1.0000000000 0.0000000000  0.0000000000  0.0000000000  0.0000000000  1.0000000000  0.0000000000  0.0000000000  0.0000000000  0.0000000000  1.0000000000  0.0000000000   
2 'crystal symmetry operation' 2_555 -y,x-y,z  0.4508975660 -0.7292998596 -0.5145999415 4.6558850410  0.2624737644  -0.4427050266 0.8573912657  22.0144967208 -0.8531113104 -0.5216646186 -0.0081925395 -1.0399870831  
3 'crystal symmetry operation' 3_555 -x+y,-x,z 0.4508975660 0.2624737644  -0.8531113104 -8.7647798007 -0.7292998596 -0.4427050266 -0.5216646186 12.5989401966 -0.5145999415 0.8573912657  -0.0081925395 -16.4876391726 
# 
loop_
_pdbx_audit_revision_history.ordinal 
_pdbx_audit_revision_history.data_content_type 
_pdbx_audit_revision_history.major_revision 
_pdbx_audit_revision_history.minor_revision 
_pdbx_audit_revision_history.revision_date 
1 'Structure model' 1 0 2016-10-12 
2 'Structure model' 1 1 2023-11-08 
# 
_pdbx_audit_revision_details.ordinal             1 
_pdbx_audit_revision_details.revision_ordinal    1 
_pdbx_audit_revision_details.data_content_type   'Structure model' 
_pdbx_audit_revision_details.provider            repository 
_pdbx_audit_revision_details.type                'Initial release' 
_pdbx_audit_revision_details.description         ? 
_pdbx_audit_revision_details.details             ? 
# 
loop_
_pdbx_audit_revision_group.ordinal 
_pdbx_audit_revision_group.revision_ordinal 
_pdbx_audit_revision_group.data_content_type 
_pdbx_audit_revision_group.group 
1 2 'Structure model' 'Data collection'        
2 2 'Structure model' 'Database references'    
3 2 'Structure model' 'Derived calculations'   
4 2 'Structure model' 'Refinement description' 
# 
loop_
_pdbx_audit_revision_category.ordinal 
_pdbx_audit_revision_category.revision_ordinal 
_pdbx_audit_revision_category.data_content_type 
_pdbx_audit_revision_category.category 
1 2 'Structure model' chem_comp_atom                
2 2 'Structure model' chem_comp_bond                
3 2 'Structure model' database_2                    
4 2 'Structure model' pdbx_initial_refinement_model 
5 2 'Structure model' pdbx_struct_oper_list         
# 
loop_
_pdbx_audit_revision_item.ordinal 
_pdbx_audit_revision_item.revision_ordinal 
_pdbx_audit_revision_item.data_content_type 
_pdbx_audit_revision_item.item 
1 2 'Structure model' '_database_2.pdbx_DOI'                      
2 2 'Structure model' '_database_2.pdbx_database_accession'       
3 2 'Structure model' '_pdbx_struct_oper_list.symmetry_operation' 
# 
loop_
_software.citation_id 
_software.classification 
_software.compiler_name 
_software.compiler_version 
_software.contact_author 
_software.contact_author_email 
_software.date 
_software.description 
_software.dependencies 
_software.hardware 
_software.language 
_software.location 
_software.mods 
_software.name 
_software.os 
_software.os_version 
_software.type 
_software.version 
_software.pdbx_ordinal 
? refinement       ? ? ? ? ? ? ? ? ? ? ? REFMAC      ? ? ? 5.8.0049 1 
? 'data reduction' ? ? ? ? ? ? ? ? ? ? ? CrysalisPro ? ? ? .        2 
? 'data scaling'   ? ? ? ? ? ? ? ? ? ? ? SCALA       ? ? ? .        3 
? phasing          ? ? ? ? ? ? ? ? ? ? ? PHENIX      ? ? ? .        4 
# 
_pdbx_validate_close_contact.id               1 
_pdbx_validate_close_contact.PDB_model_num    1 
_pdbx_validate_close_contact.auth_atom_id_1   O 
_pdbx_validate_close_contact.auth_asym_id_1   A 
_pdbx_validate_close_contact.auth_comp_id_1   HOH 
_pdbx_validate_close_contact.auth_seq_id_1    207 
_pdbx_validate_close_contact.PDB_ins_code_1   ? 
_pdbx_validate_close_contact.label_alt_id_1   ? 
_pdbx_validate_close_contact.auth_atom_id_2   O 
_pdbx_validate_close_contact.auth_asym_id_2   A 
_pdbx_validate_close_contact.auth_comp_id_2   HOH 
_pdbx_validate_close_contact.auth_seq_id_2    279 
_pdbx_validate_close_contact.PDB_ins_code_2   ? 
_pdbx_validate_close_contact.label_alt_id_2   ? 
_pdbx_validate_close_contact.dist             1.92 
# 
_pdbx_validate_symm_contact.id                1 
_pdbx_validate_symm_contact.PDB_model_num     1 
_pdbx_validate_symm_contact.auth_atom_id_1    O 
_pdbx_validate_symm_contact.auth_asym_id_1    A 
_pdbx_validate_symm_contact.auth_comp_id_1    HOH 
_pdbx_validate_symm_contact.auth_seq_id_1     266 
_pdbx_validate_symm_contact.PDB_ins_code_1    ? 
_pdbx_validate_symm_contact.label_alt_id_1    ? 
_pdbx_validate_symm_contact.site_symmetry_1   1_555 
_pdbx_validate_symm_contact.auth_atom_id_2    O 
_pdbx_validate_symm_contact.auth_asym_id_2    A 
_pdbx_validate_symm_contact.auth_comp_id_2    HOH 
_pdbx_validate_symm_contact.auth_seq_id_2     270 
_pdbx_validate_symm_contact.PDB_ins_code_2    ? 
_pdbx_validate_symm_contact.label_alt_id_2    ? 
_pdbx_validate_symm_contact.site_symmetry_2   3_555 
_pdbx_validate_symm_contact.dist              2.01 
# 
_pdbx_validate_rmsd_angle.id                         1 
_pdbx_validate_rmsd_angle.PDB_model_num              1 
_pdbx_validate_rmsd_angle.auth_atom_id_1             CB 
_pdbx_validate_rmsd_angle.auth_asym_id_1             A 
_pdbx_validate_rmsd_angle.auth_comp_id_1             ASP 
_pdbx_validate_rmsd_angle.auth_seq_id_1              130 
_pdbx_validate_rmsd_angle.PDB_ins_code_1             ? 
_pdbx_validate_rmsd_angle.label_alt_id_1             ? 
_pdbx_validate_rmsd_angle.auth_atom_id_2             CG 
_pdbx_validate_rmsd_angle.auth_asym_id_2             A 
_pdbx_validate_rmsd_angle.auth_comp_id_2             ASP 
_pdbx_validate_rmsd_angle.auth_seq_id_2              130 
_pdbx_validate_rmsd_angle.PDB_ins_code_2             ? 
_pdbx_validate_rmsd_angle.label_alt_id_2             ? 
_pdbx_validate_rmsd_angle.auth_atom_id_3             OD1 
_pdbx_validate_rmsd_angle.auth_asym_id_3             A 
_pdbx_validate_rmsd_angle.auth_comp_id_3             ASP 
_pdbx_validate_rmsd_angle.auth_seq_id_3              130 
_pdbx_validate_rmsd_angle.PDB_ins_code_3             ? 
_pdbx_validate_rmsd_angle.label_alt_id_3             ? 
_pdbx_validate_rmsd_angle.angle_value                124.36 
_pdbx_validate_rmsd_angle.angle_target_value         118.30 
_pdbx_validate_rmsd_angle.angle_deviation            6.06 
_pdbx_validate_rmsd_angle.angle_standard_deviation   0.90 
_pdbx_validate_rmsd_angle.linker_flag                N 
# 
_pdbx_validate_peptide_omega.id               1 
_pdbx_validate_peptide_omega.PDB_model_num    1 
_pdbx_validate_peptide_omega.auth_comp_id_1   ALA 
_pdbx_validate_peptide_omega.auth_asym_id_1   A 
_pdbx_validate_peptide_omega.auth_seq_id_1    85 
_pdbx_validate_peptide_omega.PDB_ins_code_1   ? 
_pdbx_validate_peptide_omega.label_alt_id_1   ? 
_pdbx_validate_peptide_omega.auth_comp_id_2   ASN 
_pdbx_validate_peptide_omega.auth_asym_id_2   A 
_pdbx_validate_peptide_omega.auth_seq_id_2    86 
_pdbx_validate_peptide_omega.PDB_ins_code_2   ? 
_pdbx_validate_peptide_omega.label_alt_id_2   ? 
_pdbx_validate_peptide_omega.omega            -112.03 
# 
loop_
_pdbx_unobs_or_zero_occ_atoms.id 
_pdbx_unobs_or_zero_occ_atoms.PDB_model_num 
_pdbx_unobs_or_zero_occ_atoms.polymer_flag 
_pdbx_unobs_or_zero_occ_atoms.occupancy_flag 
_pdbx_unobs_or_zero_occ_atoms.auth_asym_id 
_pdbx_unobs_or_zero_occ_atoms.auth_comp_id 
_pdbx_unobs_or_zero_occ_atoms.auth_seq_id 
_pdbx_unobs_or_zero_occ_atoms.PDB_ins_code 
_pdbx_unobs_or_zero_occ_atoms.auth_atom_id 
_pdbx_unobs_or_zero_occ_atoms.label_alt_id 
_pdbx_unobs_or_zero_occ_atoms.label_asym_id 
_pdbx_unobs_or_zero_occ_atoms.label_comp_id 
_pdbx_unobs_or_zero_occ_atoms.label_seq_id 
_pdbx_unobs_or_zero_occ_atoms.label_atom_id 
1 1 Y 1 A LYS 148 ? CG ? A LYS 85 CG 
2 1 Y 1 A LYS 148 ? CD ? A LYS 85 CD 
3 1 Y 1 A LYS 148 ? CE ? A LYS 85 CE 
4 1 Y 1 A LYS 148 ? NZ ? A LYS 85 NZ 
5 1 Y 1 A LYS 156 ? CG ? A LYS 93 CG 
6 1 Y 1 A LYS 156 ? CD ? A LYS 93 CD 
7 1 Y 1 A LYS 156 ? CE ? A LYS 93 CE 
8 1 Y 1 A LYS 156 ? NZ ? A LYS 93 NZ 
# 
loop_
_pdbx_unobs_or_zero_occ_residues.id 
_pdbx_unobs_or_zero_occ_residues.PDB_model_num 
_pdbx_unobs_or_zero_occ_residues.polymer_flag 
_pdbx_unobs_or_zero_occ_residues.occupancy_flag 
_pdbx_unobs_or_zero_occ_residues.auth_asym_id 
_pdbx_unobs_or_zero_occ_residues.auth_comp_id 
_pdbx_unobs_or_zero_occ_residues.auth_seq_id 
_pdbx_unobs_or_zero_occ_residues.PDB_ins_code 
_pdbx_unobs_or_zero_occ_residues.label_asym_id 
_pdbx_unobs_or_zero_occ_residues.label_comp_id 
_pdbx_unobs_or_zero_occ_residues.label_seq_id 
1  1 Y 1 A GLY 64 ? A GLY 1  
2  1 Y 1 A PRO 65 ? A PRO 2  
3  1 Y 1 A HIS 66 ? A HIS 3  
4  1 Y 1 A MET 67 ? A MET 4  
5  1 Y 1 A SER 68 ? A SER 5  
6  1 Y 1 A THR 69 ? A THR 6  
7  1 Y 1 A GLU 70 ? A GLU 7  
8  1 Y 1 A LYS 71 ? A LYS 8  
9  1 Y 1 A ALA 72 ? A ALA 9  
10 1 Y 1 A PRO 73 ? A PRO 10 
11 1 Y 1 A ALA 74 ? A ALA 11 
12 1 Y 1 A ALA 75 ? A ALA 12 
13 1 Y 1 A LEU 76 ? A LEU 13 
14 1 Y 1 A GLY 77 ? A GLY 14 
15 1 Y 1 A PRO 78 ? A PRO 15 
16 1 Y 1 A TYR 79 ? A TYR 16 
# 
loop_
_chem_comp_atom.comp_id 
_chem_comp_atom.atom_id 
_chem_comp_atom.type_symbol 
_chem_comp_atom.pdbx_aromatic_flag 
_chem_comp_atom.pdbx_stereo_config 
_chem_comp_atom.pdbx_ordinal 
ALA N    N N N 1   
ALA CA   C N S 2   
ALA C    C N N 3   
ALA O    O N N 4   
ALA CB   C N N 5   
ALA OXT  O N N 6   
ALA H    H N N 7   
ALA H2   H N N 8   
ALA HA   H N N 9   
ALA HB1  H N N 10  
ALA HB2  H N N 11  
ALA HB3  H N N 12  
ALA HXT  H N N 13  
ARG N    N N N 14  
ARG CA   C N S 15  
ARG C    C N N 16  
ARG O    O N N 17  
ARG CB   C N N 18  
ARG CG   C N N 19  
ARG CD   C N N 20  
ARG NE   N N N 21  
ARG CZ   C N N 22  
ARG NH1  N N N 23  
ARG NH2  N N N 24  
ARG OXT  O N N 25  
ARG H    H N N 26  
ARG H2   H N N 27  
ARG HA   H N N 28  
ARG HB2  H N N 29  
ARG HB3  H N N 30  
ARG HG2  H N N 31  
ARG HG3  H N N 32  
ARG HD2  H N N 33  
ARG HD3  H N N 34  
ARG HE   H N N 35  
ARG HH11 H N N 36  
ARG HH12 H N N 37  
ARG HH21 H N N 38  
ARG HH22 H N N 39  
ARG HXT  H N N 40  
ASN N    N N N 41  
ASN CA   C N S 42  
ASN C    C N N 43  
ASN O    O N N 44  
ASN CB   C N N 45  
ASN CG   C N N 46  
ASN OD1  O N N 47  
ASN ND2  N N N 48  
ASN OXT  O N N 49  
ASN H    H N N 50  
ASN H2   H N N 51  
ASN HA   H N N 52  
ASN HB2  H N N 53  
ASN HB3  H N N 54  
ASN HD21 H N N 55  
ASN HD22 H N N 56  
ASN HXT  H N N 57  
ASP N    N N N 58  
ASP CA   C N S 59  
ASP C    C N N 60  
ASP O    O N N 61  
ASP CB   C N N 62  
ASP CG   C N N 63  
ASP OD1  O N N 64  
ASP OD2  O N N 65  
ASP OXT  O N N 66  
ASP H    H N N 67  
ASP H2   H N N 68  
ASP HA   H N N 69  
ASP HB2  H N N 70  
ASP HB3  H N N 71  
ASP HD2  H N N 72  
ASP HXT  H N N 73  
CYS N    N N N 74  
CYS CA   C N R 75  
CYS C    C N N 76  
CYS O    O N N 77  
CYS CB   C N N 78  
CYS SG   S N N 79  
CYS OXT  O N N 80  
CYS H    H N N 81  
CYS H2   H N N 82  
CYS HA   H N N 83  
CYS HB2  H N N 84  
CYS HB3  H N N 85  
CYS HG   H N N 86  
CYS HXT  H N N 87  
GLN N    N N N 88  
GLN CA   C N S 89  
GLN C    C N N 90  
GLN O    O N N 91  
GLN CB   C N N 92  
GLN CG   C N N 93  
GLN CD   C N N 94  
GLN OE1  O N N 95  
GLN NE2  N N N 96  
GLN OXT  O N N 97  
GLN H    H N N 98  
GLN H2   H N N 99  
GLN HA   H N N 100 
GLN HB2  H N N 101 
GLN HB3  H N N 102 
GLN HG2  H N N 103 
GLN HG3  H N N 104 
GLN HE21 H N N 105 
GLN HE22 H N N 106 
GLN HXT  H N N 107 
GLU N    N N N 108 
GLU CA   C N S 109 
GLU C    C N N 110 
GLU O    O N N 111 
GLU CB   C N N 112 
GLU CG   C N N 113 
GLU CD   C N N 114 
GLU OE1  O N N 115 
GLU OE2  O N N 116 
GLU OXT  O N N 117 
GLU H    H N N 118 
GLU H2   H N N 119 
GLU HA   H N N 120 
GLU HB2  H N N 121 
GLU HB3  H N N 122 
GLU HG2  H N N 123 
GLU HG3  H N N 124 
GLU HE2  H N N 125 
GLU HXT  H N N 126 
GLY N    N N N 127 
GLY CA   C N N 128 
GLY C    C N N 129 
GLY O    O N N 130 
GLY OXT  O N N 131 
GLY H    H N N 132 
GLY H2   H N N 133 
GLY HA2  H N N 134 
GLY HA3  H N N 135 
GLY HXT  H N N 136 
HIS N    N N N 137 
HIS CA   C N S 138 
HIS C    C N N 139 
HIS O    O N N 140 
HIS CB   C N N 141 
HIS CG   C Y N 142 
HIS ND1  N Y N 143 
HIS CD2  C Y N 144 
HIS CE1  C Y N 145 
HIS NE2  N Y N 146 
HIS OXT  O N N 147 
HIS H    H N N 148 
HIS H2   H N N 149 
HIS HA   H N N 150 
HIS HB2  H N N 151 
HIS HB3  H N N 152 
HIS HD1  H N N 153 
HIS HD2  H N N 154 
HIS HE1  H N N 155 
HIS HE2  H N N 156 
HIS HXT  H N N 157 
HOH O    O N N 158 
HOH H1   H N N 159 
HOH H2   H N N 160 
ILE N    N N N 161 
ILE CA   C N S 162 
ILE C    C N N 163 
ILE O    O N N 164 
ILE CB   C N S 165 
ILE CG1  C N N 166 
ILE CG2  C N N 167 
ILE CD1  C N N 168 
ILE OXT  O N N 169 
ILE H    H N N 170 
ILE H2   H N N 171 
ILE HA   H N N 172 
ILE HB   H N N 173 
ILE HG12 H N N 174 
ILE HG13 H N N 175 
ILE HG21 H N N 176 
ILE HG22 H N N 177 
ILE HG23 H N N 178 
ILE HD11 H N N 179 
ILE HD12 H N N 180 
ILE HD13 H N N 181 
ILE HXT  H N N 182 
LEU N    N N N 183 
LEU CA   C N S 184 
LEU C    C N N 185 
LEU O    O N N 186 
LEU CB   C N N 187 
LEU CG   C N N 188 
LEU CD1  C N N 189 
LEU CD2  C N N 190 
LEU OXT  O N N 191 
LEU H    H N N 192 
LEU H2   H N N 193 
LEU HA   H N N 194 
LEU HB2  H N N 195 
LEU HB3  H N N 196 
LEU HG   H N N 197 
LEU HD11 H N N 198 
LEU HD12 H N N 199 
LEU HD13 H N N 200 
LEU HD21 H N N 201 
LEU HD22 H N N 202 
LEU HD23 H N N 203 
LEU HXT  H N N 204 
LYS N    N N N 205 
LYS CA   C N S 206 
LYS C    C N N 207 
LYS O    O N N 208 
LYS CB   C N N 209 
LYS CG   C N N 210 
LYS CD   C N N 211 
LYS CE   C N N 212 
LYS NZ   N N N 213 
LYS OXT  O N N 214 
LYS H    H N N 215 
LYS H2   H N N 216 
LYS HA   H N N 217 
LYS HB2  H N N 218 
LYS HB3  H N N 219 
LYS HG2  H N N 220 
LYS HG3  H N N 221 
LYS HD2  H N N 222 
LYS HD3  H N N 223 
LYS HE2  H N N 224 
LYS HE3  H N N 225 
LYS HZ1  H N N 226 
LYS HZ2  H N N 227 
LYS HZ3  H N N 228 
LYS HXT  H N N 229 
MET N    N N N 230 
MET CA   C N S 231 
MET C    C N N 232 
MET O    O N N 233 
MET CB   C N N 234 
MET CG   C N N 235 
MET SD   S N N 236 
MET CE   C N N 237 
MET OXT  O N N 238 
MET H    H N N 239 
MET H2   H N N 240 
MET HA   H N N 241 
MET HB2  H N N 242 
MET HB3  H N N 243 
MET HG2  H N N 244 
MET HG3  H N N 245 
MET HE1  H N N 246 
MET HE2  H N N 247 
MET HE3  H N N 248 
MET HXT  H N N 249 
PHE N    N N N 250 
PHE CA   C N S 251 
PHE C    C N N 252 
PHE O    O N N 253 
PHE CB   C N N 254 
PHE CG   C Y N 255 
PHE CD1  C Y N 256 
PHE CD2  C Y N 257 
PHE CE1  C Y N 258 
PHE CE2  C Y N 259 
PHE CZ   C Y N 260 
PHE OXT  O N N 261 
PHE H    H N N 262 
PHE H2   H N N 263 
PHE HA   H N N 264 
PHE HB2  H N N 265 
PHE HB3  H N N 266 
PHE HD1  H N N 267 
PHE HD2  H N N 268 
PHE HE1  H N N 269 
PHE HE2  H N N 270 
PHE HZ   H N N 271 
PHE HXT  H N N 272 
PRO N    N N N 273 
PRO CA   C N S 274 
PRO C    C N N 275 
PRO O    O N N 276 
PRO CB   C N N 277 
PRO CG   C N N 278 
PRO CD   C N N 279 
PRO OXT  O N N 280 
PRO H    H N N 281 
PRO HA   H N N 282 
PRO HB2  H N N 283 
PRO HB3  H N N 284 
PRO HG2  H N N 285 
PRO HG3  H N N 286 
PRO HD2  H N N 287 
PRO HD3  H N N 288 
PRO HXT  H N N 289 
SER N    N N N 290 
SER CA   C N S 291 
SER C    C N N 292 
SER O    O N N 293 
SER CB   C N N 294 
SER OG   O N N 295 
SER OXT  O N N 296 
SER H    H N N 297 
SER H2   H N N 298 
SER HA   H N N 299 
SER HB2  H N N 300 
SER HB3  H N N 301 
SER HG   H N N 302 
SER HXT  H N N 303 
THR N    N N N 304 
THR CA   C N S 305 
THR C    C N N 306 
THR O    O N N 307 
THR CB   C N R 308 
THR OG1  O N N 309 
THR CG2  C N N 310 
THR OXT  O N N 311 
THR H    H N N 312 
THR H2   H N N 313 
THR HA   H N N 314 
THR HB   H N N 315 
THR HG1  H N N 316 
THR HG21 H N N 317 
THR HG22 H N N 318 
THR HG23 H N N 319 
THR HXT  H N N 320 
TYR N    N N N 321 
TYR CA   C N S 322 
TYR C    C N N 323 
TYR O    O N N 324 
TYR CB   C N N 325 
TYR CG   C Y N 326 
TYR CD1  C Y N 327 
TYR CD2  C Y N 328 
TYR CE1  C Y N 329 
TYR CE2  C Y N 330 
TYR CZ   C Y N 331 
TYR OH   O N N 332 
TYR OXT  O N N 333 
TYR H    H N N 334 
TYR H2   H N N 335 
TYR HA   H N N 336 
TYR HB2  H N N 337 
TYR HB3  H N N 338 
TYR HD1  H N N 339 
TYR HD2  H N N 340 
TYR HE1  H N N 341 
TYR HE2  H N N 342 
TYR HH   H N N 343 
TYR HXT  H N N 344 
VAL N    N N N 345 
VAL CA   C N S 346 
VAL C    C N N 347 
VAL O    O N N 348 
VAL CB   C N N 349 
VAL CG1  C N N 350 
VAL CG2  C N N 351 
VAL OXT  O N N 352 
VAL H    H N N 353 
VAL H2   H N N 354 
VAL HA   H N N 355 
VAL HB   H N N 356 
VAL HG11 H N N 357 
VAL HG12 H N N 358 
VAL HG13 H N N 359 
VAL HG21 H N N 360 
VAL HG22 H N N 361 
VAL HG23 H N N 362 
VAL HXT  H N N 363 
# 
loop_
_chem_comp_bond.comp_id 
_chem_comp_bond.atom_id_1 
_chem_comp_bond.atom_id_2 
_chem_comp_bond.value_order 
_chem_comp_bond.pdbx_aromatic_flag 
_chem_comp_bond.pdbx_stereo_config 
_chem_comp_bond.pdbx_ordinal 
ALA N   CA   sing N N 1   
ALA N   H    sing N N 2   
ALA N   H2   sing N N 3   
ALA CA  C    sing N N 4   
ALA CA  CB   sing N N 5   
ALA CA  HA   sing N N 6   
ALA C   O    doub N N 7   
ALA C   OXT  sing N N 8   
ALA CB  HB1  sing N N 9   
ALA CB  HB2  sing N N 10  
ALA CB  HB3  sing N N 11  
ALA OXT HXT  sing N N 12  
ARG N   CA   sing N N 13  
ARG N   H    sing N N 14  
ARG N   H2   sing N N 15  
ARG CA  C    sing N N 16  
ARG CA  CB   sing N N 17  
ARG CA  HA   sing N N 18  
ARG C   O    doub N N 19  
ARG C   OXT  sing N N 20  
ARG CB  CG   sing N N 21  
ARG CB  HB2  sing N N 22  
ARG CB  HB3  sing N N 23  
ARG CG  CD   sing N N 24  
ARG CG  HG2  sing N N 25  
ARG CG  HG3  sing N N 26  
ARG CD  NE   sing N N 27  
ARG CD  HD2  sing N N 28  
ARG CD  HD3  sing N N 29  
ARG NE  CZ   sing N N 30  
ARG NE  HE   sing N N 31  
ARG CZ  NH1  sing N N 32  
ARG CZ  NH2  doub N N 33  
ARG NH1 HH11 sing N N 34  
ARG NH1 HH12 sing N N 35  
ARG NH2 HH21 sing N N 36  
ARG NH2 HH22 sing N N 37  
ARG OXT HXT  sing N N 38  
ASN N   CA   sing N N 39  
ASN N   H    sing N N 40  
ASN N   H2   sing N N 41  
ASN CA  C    sing N N 42  
ASN CA  CB   sing N N 43  
ASN CA  HA   sing N N 44  
ASN C   O    doub N N 45  
ASN C   OXT  sing N N 46  
ASN CB  CG   sing N N 47  
ASN CB  HB2  sing N N 48  
ASN CB  HB3  sing N N 49  
ASN CG  OD1  doub N N 50  
ASN CG  ND2  sing N N 51  
ASN ND2 HD21 sing N N 52  
ASN ND2 HD22 sing N N 53  
ASN OXT HXT  sing N N 54  
ASP N   CA   sing N N 55  
ASP N   H    sing N N 56  
ASP N   H2   sing N N 57  
ASP CA  C    sing N N 58  
ASP CA  CB   sing N N 59  
ASP CA  HA   sing N N 60  
ASP C   O    doub N N 61  
ASP C   OXT  sing N N 62  
ASP CB  CG   sing N N 63  
ASP CB  HB2  sing N N 64  
ASP CB  HB3  sing N N 65  
ASP CG  OD1  doub N N 66  
ASP CG  OD2  sing N N 67  
ASP OD2 HD2  sing N N 68  
ASP OXT HXT  sing N N 69  
CYS N   CA   sing N N 70  
CYS N   H    sing N N 71  
CYS N   H2   sing N N 72  
CYS CA  C    sing N N 73  
CYS CA  CB   sing N N 74  
CYS CA  HA   sing N N 75  
CYS C   O    doub N N 76  
CYS C   OXT  sing N N 77  
CYS CB  SG   sing N N 78  
CYS CB  HB2  sing N N 79  
CYS CB  HB3  sing N N 80  
CYS SG  HG   sing N N 81  
CYS OXT HXT  sing N N 82  
GLN N   CA   sing N N 83  
GLN N   H    sing N N 84  
GLN N   H2   sing N N 85  
GLN CA  C    sing N N 86  
GLN CA  CB   sing N N 87  
GLN CA  HA   sing N N 88  
GLN C   O    doub N N 89  
GLN C   OXT  sing N N 90  
GLN CB  CG   sing N N 91  
GLN CB  HB2  sing N N 92  
GLN CB  HB3  sing N N 93  
GLN CG  CD   sing N N 94  
GLN CG  HG2  sing N N 95  
GLN CG  HG3  sing N N 96  
GLN CD  OE1  doub N N 97  
GLN CD  NE2  sing N N 98  
GLN NE2 HE21 sing N N 99  
GLN NE2 HE22 sing N N 100 
GLN OXT HXT  sing N N 101 
GLU N   CA   sing N N 102 
GLU N   H    sing N N 103 
GLU N   H2   sing N N 104 
GLU CA  C    sing N N 105 
GLU CA  CB   sing N N 106 
GLU CA  HA   sing N N 107 
GLU C   O    doub N N 108 
GLU C   OXT  sing N N 109 
GLU CB  CG   sing N N 110 
GLU CB  HB2  sing N N 111 
GLU CB  HB3  sing N N 112 
GLU CG  CD   sing N N 113 
GLU CG  HG2  sing N N 114 
GLU CG  HG3  sing N N 115 
GLU CD  OE1  doub N N 116 
GLU CD  OE2  sing N N 117 
GLU OE2 HE2  sing N N 118 
GLU OXT HXT  sing N N 119 
GLY N   CA   sing N N 120 
GLY N   H    sing N N 121 
GLY N   H2   sing N N 122 
GLY CA  C    sing N N 123 
GLY CA  HA2  sing N N 124 
GLY CA  HA3  sing N N 125 
GLY C   O    doub N N 126 
GLY C   OXT  sing N N 127 
GLY OXT HXT  sing N N 128 
HIS N   CA   sing N N 129 
HIS N   H    sing N N 130 
HIS N   H2   sing N N 131 
HIS CA  C    sing N N 132 
HIS CA  CB   sing N N 133 
HIS CA  HA   sing N N 134 
HIS C   O    doub N N 135 
HIS C   OXT  sing N N 136 
HIS CB  CG   sing N N 137 
HIS CB  HB2  sing N N 138 
HIS CB  HB3  sing N N 139 
HIS CG  ND1  sing Y N 140 
HIS CG  CD2  doub Y N 141 
HIS ND1 CE1  doub Y N 142 
HIS ND1 HD1  sing N N 143 
HIS CD2 NE2  sing Y N 144 
HIS CD2 HD2  sing N N 145 
HIS CE1 NE2  sing Y N 146 
HIS CE1 HE1  sing N N 147 
HIS NE2 HE2  sing N N 148 
HIS OXT HXT  sing N N 149 
HOH O   H1   sing N N 150 
HOH O   H2   sing N N 151 
ILE N   CA   sing N N 152 
ILE N   H    sing N N 153 
ILE N   H2   sing N N 154 
ILE CA  C    sing N N 155 
ILE CA  CB   sing N N 156 
ILE CA  HA   sing N N 157 
ILE C   O    doub N N 158 
ILE C   OXT  sing N N 159 
ILE CB  CG1  sing N N 160 
ILE CB  CG2  sing N N 161 
ILE CB  HB   sing N N 162 
ILE CG1 CD1  sing N N 163 
ILE CG1 HG12 sing N N 164 
ILE CG1 HG13 sing N N 165 
ILE CG2 HG21 sing N N 166 
ILE CG2 HG22 sing N N 167 
ILE CG2 HG23 sing N N 168 
ILE CD1 HD11 sing N N 169 
ILE CD1 HD12 sing N N 170 
ILE CD1 HD13 sing N N 171 
ILE OXT HXT  sing N N 172 
LEU N   CA   sing N N 173 
LEU N   H    sing N N 174 
LEU N   H2   sing N N 175 
LEU CA  C    sing N N 176 
LEU CA  CB   sing N N 177 
LEU CA  HA   sing N N 178 
LEU C   O    doub N N 179 
LEU C   OXT  sing N N 180 
LEU CB  CG   sing N N 181 
LEU CB  HB2  sing N N 182 
LEU CB  HB3  sing N N 183 
LEU CG  CD1  sing N N 184 
LEU CG  CD2  sing N N 185 
LEU CG  HG   sing N N 186 
LEU CD1 HD11 sing N N 187 
LEU CD1 HD12 sing N N 188 
LEU CD1 HD13 sing N N 189 
LEU CD2 HD21 sing N N 190 
LEU CD2 HD22 sing N N 191 
LEU CD2 HD23 sing N N 192 
LEU OXT HXT  sing N N 193 
LYS N   CA   sing N N 194 
LYS N   H    sing N N 195 
LYS N   H2   sing N N 196 
LYS CA  C    sing N N 197 
LYS CA  CB   sing N N 198 
LYS CA  HA   sing N N 199 
LYS C   O    doub N N 200 
LYS C   OXT  sing N N 201 
LYS CB  CG   sing N N 202 
LYS CB  HB2  sing N N 203 
LYS CB  HB3  sing N N 204 
LYS CG  CD   sing N N 205 
LYS CG  HG2  sing N N 206 
LYS CG  HG3  sing N N 207 
LYS CD  CE   sing N N 208 
LYS CD  HD2  sing N N 209 
LYS CD  HD3  sing N N 210 
LYS CE  NZ   sing N N 211 
LYS CE  HE2  sing N N 212 
LYS CE  HE3  sing N N 213 
LYS NZ  HZ1  sing N N 214 
LYS NZ  HZ2  sing N N 215 
LYS NZ  HZ3  sing N N 216 
LYS OXT HXT  sing N N 217 
MET N   CA   sing N N 218 
MET N   H    sing N N 219 
MET N   H2   sing N N 220 
MET CA  C    sing N N 221 
MET CA  CB   sing N N 222 
MET CA  HA   sing N N 223 
MET C   O    doub N N 224 
MET C   OXT  sing N N 225 
MET CB  CG   sing N N 226 
MET CB  HB2  sing N N 227 
MET CB  HB3  sing N N 228 
MET CG  SD   sing N N 229 
MET CG  HG2  sing N N 230 
MET CG  HG3  sing N N 231 
MET SD  CE   sing N N 232 
MET CE  HE1  sing N N 233 
MET CE  HE2  sing N N 234 
MET CE  HE3  sing N N 235 
MET OXT HXT  sing N N 236 
PHE N   CA   sing N N 237 
PHE N   H    sing N N 238 
PHE N   H2   sing N N 239 
PHE CA  C    sing N N 240 
PHE CA  CB   sing N N 241 
PHE CA  HA   sing N N 242 
PHE C   O    doub N N 243 
PHE C   OXT  sing N N 244 
PHE CB  CG   sing N N 245 
PHE CB  HB2  sing N N 246 
PHE CB  HB3  sing N N 247 
PHE CG  CD1  doub Y N 248 
PHE CG  CD2  sing Y N 249 
PHE CD1 CE1  sing Y N 250 
PHE CD1 HD1  sing N N 251 
PHE CD2 CE2  doub Y N 252 
PHE CD2 HD2  sing N N 253 
PHE CE1 CZ   doub Y N 254 
PHE CE1 HE1  sing N N 255 
PHE CE2 CZ   sing Y N 256 
PHE CE2 HE2  sing N N 257 
PHE CZ  HZ   sing N N 258 
PHE OXT HXT  sing N N 259 
PRO N   CA   sing N N 260 
PRO N   CD   sing N N 261 
PRO N   H    sing N N 262 
PRO CA  C    sing N N 263 
PRO CA  CB   sing N N 264 
PRO CA  HA   sing N N 265 
PRO C   O    doub N N 266 
PRO C   OXT  sing N N 267 
PRO CB  CG   sing N N 268 
PRO CB  HB2  sing N N 269 
PRO CB  HB3  sing N N 270 
PRO CG  CD   sing N N 271 
PRO CG  HG2  sing N N 272 
PRO CG  HG3  sing N N 273 
PRO CD  HD2  sing N N 274 
PRO CD  HD3  sing N N 275 
PRO OXT HXT  sing N N 276 
SER N   CA   sing N N 277 
SER N   H    sing N N 278 
SER N   H2   sing N N 279 
SER CA  C    sing N N 280 
SER CA  CB   sing N N 281 
SER CA  HA   sing N N 282 
SER C   O    doub N N 283 
SER C   OXT  sing N N 284 
SER CB  OG   sing N N 285 
SER CB  HB2  sing N N 286 
SER CB  HB3  sing N N 287 
SER OG  HG   sing N N 288 
SER OXT HXT  sing N N 289 
THR N   CA   sing N N 290 
THR N   H    sing N N 291 
THR N   H2   sing N N 292 
THR CA  C    sing N N 293 
THR CA  CB   sing N N 294 
THR CA  HA   sing N N 295 
THR C   O    doub N N 296 
THR C   OXT  sing N N 297 
THR CB  OG1  sing N N 298 
THR CB  CG2  sing N N 299 
THR CB  HB   sing N N 300 
THR OG1 HG1  sing N N 301 
THR CG2 HG21 sing N N 302 
THR CG2 HG22 sing N N 303 
THR CG2 HG23 sing N N 304 
THR OXT HXT  sing N N 305 
TYR N   CA   sing N N 306 
TYR N   H    sing N N 307 
TYR N   H2   sing N N 308 
TYR CA  C    sing N N 309 
TYR CA  CB   sing N N 310 
TYR CA  HA   sing N N 311 
TYR C   O    doub N N 312 
TYR C   OXT  sing N N 313 
TYR CB  CG   sing N N 314 
TYR CB  HB2  sing N N 315 
TYR CB  HB3  sing N N 316 
TYR CG  CD1  doub Y N 317 
TYR CG  CD2  sing Y N 318 
TYR CD1 CE1  sing Y N 319 
TYR CD1 HD1  sing N N 320 
TYR CD2 CE2  doub Y N 321 
TYR CD2 HD2  sing N N 322 
TYR CE1 CZ   doub Y N 323 
TYR CE1 HE1  sing N N 324 
TYR CE2 CZ   sing Y N 325 
TYR CE2 HE2  sing N N 326 
TYR CZ  OH   sing N N 327 
TYR OH  HH   sing N N 328 
TYR OXT HXT  sing N N 329 
VAL N   CA   sing N N 330 
VAL N   H    sing N N 331 
VAL N   H2   sing N N 332 
VAL CA  C    sing N N 333 
VAL CA  CB   sing N N 334 
VAL CA  HA   sing N N 335 
VAL C   O    doub N N 336 
VAL C   OXT  sing N N 337 
VAL CB  CG1  sing N N 338 
VAL CB  CG2  sing N N 339 
VAL CB  HB   sing N N 340 
VAL CG1 HG11 sing N N 341 
VAL CG1 HG12 sing N N 342 
VAL CG1 HG13 sing N N 343 
VAL CG2 HG21 sing N N 344 
VAL CG2 HG22 sing N N 345 
VAL CG2 HG23 sing N N 346 
VAL OXT HXT  sing N N 347 
# 
loop_
_pdbx_audit_support.funding_organization 
_pdbx_audit_support.country 
_pdbx_audit_support.grant_number 
_pdbx_audit_support.ordinal 
'Science and Technology Program of Guangzhou'             China 201504010025 1 
'Guangdong Innovative Research Team'                      China 2011Y038     2 
'Fundamental Research Funds for the Central Universities' China 15lgjc15     3 
# 
_pdbx_entity_nonpoly.entity_id   2 
_pdbx_entity_nonpoly.name        water 
_pdbx_entity_nonpoly.comp_id     HOH 
# 
_pdbx_initial_refinement_model.id               1 
_pdbx_initial_refinement_model.entity_id_list   ? 
_pdbx_initial_refinement_model.type             'experimental model' 
_pdbx_initial_refinement_model.source_name      PDB 
_pdbx_initial_refinement_model.accession_code   2B33 
_pdbx_initial_refinement_model.details          ? 
# 
